data_4PNZ
#
_entry.id   4PNZ
#
_cell.length_a   117.940
_cell.length_b   125.777
_cell.length_c   137.085
_cell.angle_alpha   90.00
_cell.angle_beta   90.00
_cell.angle_gamma   90.00
#
_symmetry.space_group_name_H-M   'P 21 21 21'
#
loop_
_entity.id
_entity.type
_entity.pdbx_description
1 polymer 'Dipeptidyl peptidase 4'
2 branched 2-acetamido-2-deoxy-beta-D-glucopyranose-(1-4)-2-acetamido-2-deoxy-beta-D-glucopyranose
3 non-polymer 'SODIUM ION'
4 non-polymer (2R,3S,5R)-5-[2-(methylsulfonyl)-2,6-dihydropyrrolo[3,4-c]pyrazol-5(4H)-yl]-2-(2,4,5-trifluorophenyl)tetrahydro-2H-pyran-3-amine
5 non-polymer 2-acetamido-2-deoxy-beta-D-glucopyranose
6 water water
#
_entity_poly.entity_id   1
_entity_poly.type   'polypeptide(L)'
_entity_poly.pdbx_seq_one_letter_code
;TRKTYTLTDYLKNTYRLKLYSLRWISDHEYLYKQENNILVFNAEYGNSSVFLENSTFDEFGHSINDYSISPDGQFILLEY
NYVKQWRHSYTASYDIYDLNKRQLITEERIPNNTQWVTWSPVGHKLAYVWNNDIYVKIEPNLPSYRITWTGKEDIIYNGI
TDWVYEEEVFSAYSALWWSPNGTFLAYAQFNDTEVPLIEYSFYSDESLQYPKTVRVPYPKAGAVNPTVKFFVVNTDSLSS
VTNATSIQITAPASMLIGDHYLCDVTWATQERISLQWLRRIQNYSVMDICDYDESSGRWNCLVARQHIEMSTTGWVGRFR
PSEPHFTLDGNSFYKIISNEEGYRHICYFQIDKKDCTFITKGTWEVIGIEALTSDYLYYISNEYKGMPGGRNLYKIQLSD
YTKVTCLSCELNPERCQYYSVSFSKEAKYYQLRCSGPGLPLYTLHSSVNDKGLRVLEDNSALDKMLQNVQMPSKKLDFII
LNETKFWYQMILPPHFDKSKKYPLLLDVYAGPCSQKADTVFRLNWATYLASTENIIVASFDGRGSGYQGDKIMHAINRRL
GTFEVEDQIEAARQFSKMGFVDNKRIAIWGWSYGGYVTSMVLGSGSGVFKCGIAVAPVSRWEYYDSVYTERYMGLPTPED
NLDHYRNSTVMSRAENFKQVEYLLIHGTADDNVHFQQSAQISKALVDVGVDFQAMWYTDEDHGIASSTAHQHIYTHMSHF
IKQCFSLP
;
_entity_poly.pdbx_strand_id   A,B
#
loop_
_chem_comp.id
_chem_comp.type
_chem_comp.name
_chem_comp.formula
2VH non-polymer (2R,3S,5R)-5-[2-(methylsulfonyl)-2,6-dihydropyrrolo[3,4-c]pyrazol-5(4H)-yl]-2-(2,4,5-trifluorophenyl)tetrahydro-2H-pyran-3-amine 'C17 H19 F3 N4 O3 S'
NA non-polymer 'SODIUM ION' 'Na 1'
NAG D-saccharide, beta linking 2-acetamido-2-deoxy-beta-D-glucopyranose 'C8 H15 N O6'
#
# COMPACT_ATOMS: atom_id res chain seq x y z
N THR A 1 6.80 24.81 38.61
CA THR A 1 5.73 24.45 39.57
C THR A 1 4.40 24.25 38.84
N ARG A 2 4.11 25.13 37.86
CA ARG A 2 2.92 25.04 37.02
C ARG A 2 3.07 23.86 36.04
N LYS A 3 1.95 23.35 35.51
CA LYS A 3 2.00 22.29 34.52
C LYS A 3 2.50 22.83 33.16
N THR A 4 2.94 21.96 32.27
CA THR A 4 3.36 22.42 30.93
C THR A 4 2.23 22.04 29.97
N TYR A 5 2.31 22.48 28.70
CA TYR A 5 1.30 22.14 27.70
C TYR A 5 1.77 20.79 27.15
N THR A 6 1.07 19.73 27.50
CA THR A 6 1.52 18.37 27.20
C THR A 6 1.03 17.82 25.86
N LEU A 7 1.57 16.65 25.46
CA LEU A 7 1.11 16.00 24.22
C LEU A 7 -0.35 15.60 24.39
N THR A 8 -0.75 15.14 25.59
CA THR A 8 -2.17 14.80 25.84
C THR A 8 -3.06 16.03 25.74
N ASP A 9 -2.61 17.21 26.22
CA ASP A 9 -3.40 18.44 26.09
C ASP A 9 -3.68 18.74 24.63
N TYR A 10 -2.66 18.59 23.77
CA TYR A 10 -2.82 18.85 22.33
C TYR A 10 -3.81 17.83 21.72
N LEU A 11 -3.55 16.55 22.01
CA LEU A 11 -4.36 15.46 21.42
C LEU A 11 -5.80 15.39 21.92
N LYS A 12 -6.05 15.74 23.19
CA LYS A 12 -7.39 15.70 23.80
C LYS A 12 -8.09 17.06 23.81
N ASN A 13 -7.45 18.10 23.22
CA ASN A 13 -8.05 19.44 23.14
C ASN A 13 -8.46 20.00 24.50
N THR A 14 -7.59 19.85 25.51
CA THR A 14 -7.84 20.34 26.87
C THR A 14 -8.07 21.84 26.88
N TYR A 15 -7.28 22.60 26.11
CA TYR A 15 -7.37 24.07 26.05
C TYR A 15 -8.00 24.49 24.74
N ARG A 16 -9.31 24.80 24.78
CA ARG A 16 -10.04 25.11 23.56
C ARG A 16 -10.17 26.60 23.27
N LEU A 17 -9.95 26.98 22.01
CA LEU A 17 -10.17 28.35 21.55
C LEU A 17 -11.67 28.49 21.29
N LYS A 18 -12.29 29.58 21.75
CA LYS A 18 -13.70 29.81 21.46
C LYS A 18 -13.72 30.66 20.18
N LEU A 19 -14.74 30.45 19.36
CA LEU A 19 -14.96 31.15 18.11
C LEU A 19 -16.24 31.97 18.24
N TYR A 20 -16.58 32.71 17.19
CA TYR A 20 -17.86 33.41 17.14
C TYR A 20 -18.24 33.39 15.70
N SER A 21 -18.75 32.24 15.25
CA SER A 21 -19.12 32.05 13.85
C SER A 21 -20.54 32.55 13.61
N LEU A 22 -20.69 33.68 12.95
CA LEU A 22 -22.02 34.21 12.69
C LEU A 22 -22.34 34.08 11.20
N ARG A 23 -23.63 34.23 10.83
CA ARG A 23 -24.05 34.16 9.42
C ARG A 23 -24.91 35.38 9.16
N TRP A 24 -24.42 36.33 8.38
CA TRP A 24 -25.17 37.55 8.08
C TRP A 24 -26.42 37.20 7.23
N ILE A 25 -27.60 37.73 7.59
CA ILE A 25 -28.82 37.41 6.82
C ILE A 25 -29.39 38.61 6.12
N SER A 26 -28.86 39.79 6.42
CA SER A 26 -29.31 41.06 5.86
C SER A 26 -28.22 42.06 6.16
N ASP A 27 -28.50 43.35 5.93
CA ASP A 27 -27.57 44.39 6.23
C ASP A 27 -27.51 44.73 7.73
N HIS A 28 -28.41 44.17 8.56
CA HIS A 28 -28.36 44.55 9.97
CA HIS A 28 -28.59 44.55 9.97
C HIS A 28 -28.57 43.40 10.96
N GLU A 29 -28.78 42.18 10.50
CA GLU A 29 -28.96 41.02 11.36
C GLU A 29 -28.10 39.84 11.00
N TYR A 30 -27.80 39.02 12.00
CA TYR A 30 -27.05 37.80 11.79
C TYR A 30 -27.57 36.67 12.62
N LEU A 31 -27.27 35.43 12.21
CA LEU A 31 -27.62 34.20 12.91
C LEU A 31 -26.40 33.70 13.63
N TYR A 32 -26.63 33.11 14.79
CA TYR A 32 -25.60 32.59 15.67
C TYR A 32 -26.19 31.43 16.46
N LYS A 33 -25.49 30.30 16.47
CA LYS A 33 -25.90 29.08 17.16
C LYS A 33 -25.38 29.09 18.60
N GLN A 34 -26.32 29.04 19.56
CA GLN A 34 -26.01 29.04 20.99
C GLN A 34 -26.85 27.94 21.66
N GLU A 35 -26.18 26.97 22.34
CA GLU A 35 -26.83 25.84 23.05
C GLU A 35 -27.76 25.05 22.10
N ASN A 36 -27.28 24.84 20.85
CA ASN A 36 -27.95 24.16 19.74
C ASN A 36 -29.15 24.96 19.18
N ASN A 37 -29.49 26.11 19.82
CA ASN A 37 -30.57 27.00 19.39
C ASN A 37 -30.00 28.01 18.41
N ILE A 38 -30.72 28.30 17.34
CA ILE A 38 -30.29 29.31 16.38
C ILE A 38 -30.93 30.63 16.82
N LEU A 39 -30.09 31.64 17.10
CA LEU A 39 -30.56 32.97 17.51
C LEU A 39 -30.33 33.97 16.37
N VAL A 40 -31.14 35.02 16.32
CA VAL A 40 -31.01 36.14 15.38
C VAL A 40 -30.63 37.33 16.23
N PHE A 41 -29.57 38.03 15.83
CA PHE A 41 -29.07 39.20 16.51
C PHE A 41 -29.23 40.42 15.67
N ASN A 42 -29.50 41.56 16.32
CA ASN A 42 -29.56 42.86 15.72
C ASN A 42 -28.12 43.41 15.92
N ALA A 43 -27.44 43.78 14.83
CA ALA A 43 -26.05 44.25 14.89
C ALA A 43 -25.91 45.57 15.64
N GLU A 44 -26.88 46.49 15.42
CA GLU A 44 -26.81 47.80 16.06
C GLU A 44 -26.83 47.75 17.58
N TYR A 45 -27.72 46.94 18.15
CA TYR A 45 -27.91 46.92 19.61
C TYR A 45 -27.41 45.68 20.33
N GLY A 46 -27.23 44.57 19.62
CA GLY A 46 -26.79 43.33 20.24
C GLY A 46 -27.87 42.50 20.88
N ASN A 47 -29.16 42.92 20.76
CA ASN A 47 -30.30 42.15 21.28
C ASN A 47 -30.59 40.98 20.35
N SER A 48 -31.12 39.89 20.91
CA SER A 48 -31.40 38.69 20.13
C SER A 48 -32.79 38.11 20.40
N SER A 49 -33.26 37.26 19.48
CA SER A 49 -34.50 36.48 19.59
C SER A 49 -34.16 35.06 19.16
N VAL A 50 -34.96 34.08 19.58
CA VAL A 50 -34.75 32.69 19.19
C VAL A 50 -35.33 32.56 17.79
N PHE A 51 -34.51 32.11 16.83
CA PHE A 51 -34.95 31.93 15.45
C PHE A 51 -35.50 30.52 15.29
N LEU A 52 -34.79 29.54 15.86
CA LEU A 52 -35.18 28.14 15.82
C LEU A 52 -34.69 27.43 17.07
N GLU A 53 -35.64 26.84 17.82
CA GLU A 53 -35.38 26.11 19.06
C GLU A 53 -34.65 24.80 18.80
N ASN A 54 -33.75 24.43 19.73
CA ASN A 54 -32.94 23.20 19.67
C ASN A 54 -33.79 21.93 19.70
N SER A 55 -35.01 22.01 20.27
CA SER A 55 -35.96 20.91 20.41
C SER A 55 -36.81 20.65 19.16
N THR A 56 -36.89 21.63 18.21
CA THR A 56 -37.67 21.56 16.96
C THR A 56 -37.52 20.22 16.22
N PHE A 57 -36.29 19.67 16.12
CA PHE A 57 -36.05 18.41 15.42
C PHE A 57 -35.65 17.23 16.34
N ASP A 58 -36.19 17.21 17.58
CA ASP A 58 -35.93 16.13 18.55
C ASP A 58 -36.46 14.77 18.08
N GLU A 59 -37.51 14.76 17.22
CA GLU A 59 -38.12 13.54 16.67
C GLU A 59 -37.75 13.28 15.20
N PHE A 60 -36.73 14.02 14.67
CA PHE A 60 -36.30 13.93 13.27
C PHE A 60 -35.79 12.55 12.86
N GLY A 61 -35.19 11.83 13.81
CA GLY A 61 -34.70 10.47 13.59
C GLY A 61 -33.38 10.35 12.86
N HIS A 62 -32.70 11.49 12.67
CA HIS A 62 -31.40 11.57 12.00
C HIS A 62 -30.56 12.64 12.68
N SER A 63 -29.24 12.41 12.75
CA SER A 63 -28.32 13.41 13.32
C SER A 63 -28.08 14.47 12.24
N ILE A 64 -28.42 15.72 12.53
CA ILE A 64 -28.27 16.81 11.57
C ILE A 64 -26.82 17.33 11.58
N ASN A 65 -26.14 17.23 10.43
CA ASN A 65 -24.76 17.67 10.23
C ASN A 65 -24.68 19.18 10.14
N ASP A 66 -25.58 19.78 9.34
CA ASP A 66 -25.58 21.21 9.09
C ASP A 66 -26.95 21.69 8.65
N TYR A 67 -27.10 23.00 8.51
CA TYR A 67 -28.34 23.63 8.10
C TYR A 67 -28.05 24.83 7.24
N SER A 68 -29.03 25.22 6.45
CA SER A 68 -28.90 26.39 5.60
C SER A 68 -30.28 27.02 5.51
N ILE A 69 -30.43 28.21 6.06
CA ILE A 69 -31.70 28.96 6.04
C ILE A 69 -31.81 29.69 4.70
N SER A 70 -32.96 29.56 4.01
CA SER A 70 -33.17 30.20 2.71
C SER A 70 -32.98 31.73 2.85
N PRO A 71 -32.51 32.47 1.81
CA PRO A 71 -32.28 33.93 2.00
C PRO A 71 -33.49 34.72 2.49
N ASP A 72 -34.73 34.29 2.17
CA ASP A 72 -35.92 35.01 2.65
C ASP A 72 -36.37 34.59 4.07
N GLY A 73 -35.66 33.64 4.68
CA GLY A 73 -35.93 33.15 6.04
C GLY A 73 -37.15 32.27 6.18
N GLN A 74 -37.79 31.87 5.06
CA GLN A 74 -38.99 31.01 5.08
C GLN A 74 -38.71 29.53 5.26
N PHE A 75 -37.53 29.06 4.81
CA PHE A 75 -37.20 27.64 4.88
C PHE A 75 -35.83 27.32 5.47
N ILE A 76 -35.67 26.10 5.92
CA ILE A 76 -34.41 25.62 6.44
C ILE A 76 -34.09 24.26 5.84
N LEU A 77 -32.93 24.21 5.19
CA LEU A 77 -32.42 23.01 4.58
C LEU A 77 -31.64 22.27 5.66
N LEU A 78 -32.00 21.01 5.91
CA LEU A 78 -31.38 20.15 6.91
C LEU A 78 -30.53 19.09 6.25
N GLU A 79 -29.23 19.13 6.54
CA GLU A 79 -28.25 18.20 5.99
C GLU A 79 -27.99 17.06 6.97
N TYR A 80 -28.07 15.80 6.50
CA TYR A 80 -27.81 14.61 7.31
C TYR A 80 -27.25 13.52 6.43
N ASN A 81 -26.79 12.41 7.04
CA ASN A 81 -26.17 11.27 6.30
C ASN A 81 -24.94 11.77 5.51
N TYR A 82 -24.20 12.71 6.11
CA TYR A 82 -23.00 13.29 5.50
C TYR A 82 -21.97 12.18 5.24
N VAL A 83 -21.44 12.07 4.02
CA VAL A 83 -20.39 11.10 3.67
C VAL A 83 -19.32 11.92 2.95
N LYS A 84 -18.17 12.16 3.61
CA LYS A 84 -17.08 12.92 3.02
C LYS A 84 -16.55 12.26 1.76
N GLN A 85 -16.21 13.09 0.76
CA GLN A 85 -15.47 12.58 -0.39
C GLN A 85 -14.02 13.17 -0.35
N TRP A 86 -13.71 14.23 -1.12
CA TRP A 86 -12.31 14.74 -1.14
C TRP A 86 -12.16 15.93 -0.16
N ARG A 87 -11.33 16.94 -0.48
CA ARG A 87 -11.13 18.05 0.47
C ARG A 87 -12.40 18.85 0.72
N HIS A 88 -13.21 19.06 -0.32
CA HIS A 88 -14.42 19.88 -0.23
C HIS A 88 -15.70 19.10 -0.55
N SER A 89 -15.59 18.06 -1.36
CA SER A 89 -16.73 17.22 -1.79
C SER A 89 -17.23 16.26 -0.74
N TYR A 90 -18.56 15.97 -0.80
CA TYR A 90 -19.25 15.04 0.06
C TYR A 90 -20.64 14.82 -0.52
N THR A 91 -21.33 13.78 -0.07
CA THR A 91 -22.74 13.56 -0.40
C THR A 91 -23.53 13.59 0.88
N ALA A 92 -24.84 13.86 0.76
CA ALA A 92 -25.70 13.91 1.92
C ALA A 92 -27.15 13.76 1.51
N SER A 93 -28.00 13.62 2.51
CA SER A 93 -29.46 13.57 2.39
C SER A 93 -29.94 14.90 2.90
N TYR A 94 -31.07 15.38 2.36
CA TYR A 94 -31.61 16.67 2.74
C TYR A 94 -33.11 16.64 2.99
N ASP A 95 -33.54 17.45 3.93
CA ASP A 95 -34.94 17.71 4.22
C ASP A 95 -35.15 19.19 4.29
N ILE A 96 -36.35 19.65 3.90
CA ILE A 96 -36.68 21.07 3.96
C ILE A 96 -37.80 21.25 4.97
N TYR A 97 -37.61 22.19 5.88
CA TYR A 97 -38.59 22.52 6.89
C TYR A 97 -39.12 23.93 6.62
N ASP A 98 -40.46 24.04 6.50
CA ASP A 98 -41.15 25.31 6.31
C ASP A 98 -41.21 25.99 7.68
N LEU A 99 -40.58 27.15 7.83
CA LEU A 99 -40.53 27.86 9.11
C LEU A 99 -41.82 28.59 9.48
N ASN A 100 -42.72 28.84 8.50
CA ASN A 100 -43.98 29.54 8.76
C ASN A 100 -45.07 28.55 9.17
N LYS A 101 -45.26 27.47 8.41
CA LYS A 101 -46.26 26.46 8.74
C LYS A 101 -45.72 25.40 9.74
N ARG A 102 -44.44 25.54 10.17
CA ARG A 102 -43.75 24.66 11.13
C ARG A 102 -43.82 23.17 10.75
N GLN A 103 -43.58 22.88 9.47
CA GLN A 103 -43.68 21.51 8.97
C GLN A 103 -42.54 21.11 8.05
N LEU A 104 -42.15 19.82 8.12
CA LEU A 104 -41.19 19.25 7.20
C LEU A 104 -41.95 19.04 5.89
N ILE A 105 -41.30 19.35 4.75
CA ILE A 105 -41.88 19.12 3.44
C ILE A 105 -41.65 17.64 3.14
N THR A 106 -42.75 16.91 2.83
CA THR A 106 -42.73 15.48 2.55
C THR A 106 -42.87 15.19 1.06
N GLU A 107 -43.30 16.18 0.30
CA GLU A 107 -43.47 15.98 -1.14
C GLU A 107 -42.29 16.48 -1.94
N GLU A 108 -41.96 15.74 -3.01
CA GLU A 108 -40.92 16.06 -3.96
C GLU A 108 -39.56 16.34 -3.26
N ARG A 109 -39.20 15.48 -2.31
CA ARG A 109 -37.97 15.60 -1.51
C ARG A 109 -36.71 15.55 -2.35
N ILE A 110 -35.67 16.25 -1.88
CA ILE A 110 -34.34 16.18 -2.50
C ILE A 110 -33.89 14.71 -2.33
N PRO A 111 -33.34 14.05 -3.36
CA PRO A 111 -32.97 12.64 -3.19
C PRO A 111 -31.78 12.45 -2.25
N ASN A 112 -31.56 11.19 -1.84
CA ASN A 112 -30.42 10.80 -1.02
C ASN A 112 -29.19 10.84 -1.91
N ASN A 113 -27.96 10.87 -1.32
CA ASN A 113 -26.74 10.90 -2.15
C ASN A 113 -26.65 12.15 -3.05
N THR A 114 -27.25 13.27 -2.61
CA THR A 114 -27.17 14.55 -3.33
C THR A 114 -25.73 15.05 -3.15
N GLN A 115 -25.13 15.51 -4.23
CA GLN A 115 -23.73 15.93 -4.32
C GLN A 115 -23.50 17.37 -3.96
N TRP A 116 -24.48 18.24 -4.21
CA TRP A 116 -24.37 19.65 -3.91
C TRP A 116 -25.76 20.24 -3.94
N VAL A 117 -26.02 21.20 -3.04
CA VAL A 117 -27.29 21.90 -2.99
C VAL A 117 -27.06 23.36 -2.61
N THR A 118 -27.79 24.28 -3.25
CA THR A 118 -27.67 25.69 -2.95
C THR A 118 -28.98 26.42 -3.16
N TRP A 119 -29.34 27.27 -2.21
CA TRP A 119 -30.47 28.18 -2.33
C TRP A 119 -30.08 29.24 -3.36
N SER A 120 -31.06 29.86 -4.04
CA SER A 120 -30.81 31.00 -4.93
C SER A 120 -30.35 32.15 -3.98
N PRO A 121 -29.66 33.21 -4.43
CA PRO A 121 -29.19 34.24 -3.47
C PRO A 121 -30.30 35.11 -2.89
N VAL A 122 -31.46 35.13 -3.54
CA VAL A 122 -32.67 35.85 -3.13
C VAL A 122 -33.81 34.84 -3.19
N GLY A 123 -34.73 34.92 -2.24
CA GLY A 123 -35.90 34.05 -2.21
C GLY A 123 -35.66 32.67 -1.68
N HIS A 124 -36.18 31.64 -2.39
CA HIS A 124 -36.11 30.25 -1.93
C HIS A 124 -36.08 29.23 -3.05
N LYS A 125 -35.51 29.56 -4.21
CA LYS A 125 -35.31 28.55 -5.26
C LYS A 125 -34.14 27.67 -4.77
N LEU A 126 -34.05 26.43 -5.29
CA LEU A 126 -32.95 25.51 -4.96
C LEU A 126 -32.39 24.96 -6.23
N ALA A 127 -31.07 24.78 -6.26
CA ALA A 127 -30.45 24.07 -7.36
C ALA A 127 -29.66 22.93 -6.68
N TYR A 128 -29.74 21.73 -7.23
CA TYR A 128 -28.99 20.62 -6.65
C TYR A 128 -28.46 19.71 -7.72
N VAL A 129 -27.42 18.96 -7.38
CA VAL A 129 -26.73 18.05 -8.27
C VAL A 129 -26.90 16.66 -7.68
N TRP A 130 -27.32 15.70 -8.51
CA TRP A 130 -27.54 14.30 -8.10
C TRP A 130 -27.22 13.44 -9.29
N ASN A 131 -26.38 12.43 -9.11
CA ASN A 131 -25.92 11.55 -10.20
C ASN A 131 -25.27 12.35 -11.34
N ASN A 132 -24.56 13.44 -10.96
CA ASN A 132 -23.79 14.28 -11.90
C ASN A 132 -24.67 15.15 -12.81
N ASP A 133 -25.96 15.26 -12.49
CA ASP A 133 -26.89 16.12 -13.23
C ASP A 133 -27.50 17.19 -12.38
N ILE A 134 -27.79 18.35 -13.00
CA ILE A 134 -28.40 19.50 -12.31
C ILE A 134 -29.93 19.47 -12.34
N TYR A 135 -30.54 19.83 -11.20
CA TYR A 135 -31.97 19.94 -11.01
C TYR A 135 -32.27 21.27 -10.34
N VAL A 136 -33.42 21.88 -10.70
CA VAL A 136 -33.86 23.14 -10.11
C VAL A 136 -35.27 22.96 -9.50
N LYS A 137 -35.47 23.44 -8.27
CA LYS A 137 -36.78 23.47 -7.61
C LYS A 137 -37.13 24.94 -7.40
N ILE A 138 -38.26 25.39 -7.97
CA ILE A 138 -38.72 26.79 -7.82
C ILE A 138 -39.31 26.98 -6.44
N GLU A 139 -40.00 25.96 -5.94
CA GLU A 139 -40.61 25.97 -4.62
C GLU A 139 -40.24 24.66 -3.95
N PRO A 140 -39.93 24.68 -2.64
CA PRO A 140 -39.49 23.44 -1.95
C PRO A 140 -40.44 22.23 -2.03
N ASN A 141 -41.75 22.46 -2.08
CA ASN A 141 -42.73 21.37 -2.17
C ASN A 141 -43.04 20.95 -3.62
N LEU A 142 -42.52 21.68 -4.62
CA LEU A 142 -42.83 21.39 -6.02
C LEU A 142 -41.84 20.47 -6.73
N PRO A 143 -42.28 19.72 -7.78
CA PRO A 143 -41.34 18.85 -8.53
C PRO A 143 -40.15 19.58 -9.12
N SER A 144 -39.02 18.87 -9.26
CA SER A 144 -37.76 19.37 -9.80
C SER A 144 -37.79 19.38 -11.30
N TYR A 145 -37.14 20.38 -11.89
CA TYR A 145 -36.91 20.44 -13.33
C TYR A 145 -35.51 19.91 -13.53
N ARG A 146 -35.35 18.90 -14.40
CA ARG A 146 -34.04 18.36 -14.72
C ARG A 146 -33.40 19.24 -15.78
N ILE A 147 -32.20 19.80 -15.45
CA ILE A 147 -31.49 20.72 -16.35
C ILE A 147 -30.57 19.99 -17.31
N THR A 148 -29.84 18.95 -16.82
CA THR A 148 -28.89 18.24 -17.67
C THR A 148 -29.20 16.78 -17.67
N TRP A 149 -28.88 16.06 -18.74
CA TRP A 149 -29.18 14.63 -18.93
C TRP A 149 -27.95 13.80 -19.30
N THR A 150 -26.77 14.44 -19.35
CA THR A 150 -25.49 13.87 -19.77
C THR A 150 -24.59 13.33 -18.64
N GLY A 151 -24.99 13.59 -17.40
CA GLY A 151 -24.24 13.23 -16.19
C GLY A 151 -23.88 11.77 -16.15
N LYS A 152 -22.58 11.46 -15.94
CA LYS A 152 -22.14 10.07 -15.91
C LYS A 152 -21.00 9.95 -14.92
N GLU A 153 -21.15 9.06 -13.90
CA GLU A 153 -20.12 8.84 -12.87
C GLU A 153 -18.71 8.71 -13.47
N ASP A 154 -17.75 9.50 -12.93
CA ASP A 154 -16.33 9.57 -13.35
C ASP A 154 -16.10 10.04 -14.78
N ILE A 155 -17.13 10.56 -15.48
CA ILE A 155 -16.94 10.93 -16.88
C ILE A 155 -17.47 12.33 -17.20
N ILE A 156 -18.77 12.56 -16.99
CA ILE A 156 -19.40 13.87 -17.22
C ILE A 156 -19.91 14.42 -15.92
N TYR A 157 -19.41 15.61 -15.54
CA TYR A 157 -19.80 16.26 -14.30
C TYR A 157 -20.52 17.53 -14.67
N ASN A 158 -21.83 17.64 -14.36
CA ASN A 158 -22.57 18.89 -14.57
C ASN A 158 -22.78 19.59 -13.24
N GLY A 159 -22.28 20.82 -13.09
CA GLY A 159 -22.54 21.61 -11.89
C GLY A 159 -21.74 21.23 -10.65
N ILE A 160 -20.84 20.26 -10.81
CA ILE A 160 -19.85 19.79 -9.79
C ILE A 160 -18.49 19.64 -10.46
N THR A 161 -17.41 19.78 -9.69
CA THR A 161 -16.05 19.69 -10.23
C THR A 161 -15.58 18.24 -10.18
N ASP A 162 -14.59 17.89 -11.02
CA ASP A 162 -13.94 16.60 -10.94
C ASP A 162 -12.81 16.77 -9.88
N TRP A 163 -11.99 15.75 -9.68
CA TRP A 163 -10.95 15.80 -8.64
C TRP A 163 -10.05 17.01 -8.75
N VAL A 164 -9.47 17.24 -9.95
CA VAL A 164 -8.45 18.28 -10.08
C VAL A 164 -9.02 19.70 -10.05
N TYR A 165 -10.24 19.91 -10.59
CA TYR A 165 -10.85 21.25 -10.49
C TYR A 165 -11.26 21.53 -9.03
N GLU A 166 -11.72 20.50 -8.32
CA GLU A 166 -12.11 20.67 -6.92
C GLU A 166 -10.90 21.10 -6.09
N GLU A 167 -9.80 20.35 -6.24
CA GLU A 167 -8.61 20.58 -5.44
C GLU A 167 -7.82 21.84 -5.82
N GLU A 168 -7.59 22.01 -7.12
CA GLU A 168 -6.64 22.96 -7.63
C GLU A 168 -7.19 24.22 -8.29
N VAL A 169 -8.49 24.27 -8.63
CA VAL A 169 -8.98 25.45 -9.35
C VAL A 169 -9.99 26.20 -8.51
N PHE A 170 -11.12 25.54 -8.19
CA PHE A 170 -12.19 26.23 -7.47
C PHE A 170 -12.16 26.12 -5.97
N SER A 171 -11.31 25.22 -5.35
CA SER A 171 -11.35 24.99 -3.89
C SER A 171 -12.79 24.72 -3.44
N ALA A 172 -13.54 23.93 -4.24
CA ALA A 172 -14.95 23.68 -3.99
C ALA A 172 -15.44 22.58 -4.91
N TYR A 173 -16.48 21.85 -4.47
CA TYR A 173 -17.10 20.79 -5.29
C TYR A 173 -18.15 21.44 -6.21
N SER A 174 -18.77 22.55 -5.75
CA SER A 174 -19.77 23.21 -6.57
CA SER A 174 -19.78 23.26 -6.54
C SER A 174 -19.21 23.85 -7.82
N ALA A 175 -19.97 23.74 -8.92
CA ALA A 175 -19.64 24.36 -10.17
C ALA A 175 -20.99 24.96 -10.70
N LEU A 176 -21.73 25.58 -9.78
CA LEU A 176 -23.02 26.25 -10.03
C LEU A 176 -22.89 27.69 -9.56
N TRP A 177 -23.40 28.64 -10.33
CA TRP A 177 -23.37 30.06 -9.96
C TRP A 177 -24.70 30.73 -10.31
N TRP A 178 -25.54 31.00 -9.29
CA TRP A 178 -26.81 31.70 -9.47
C TRP A 178 -26.52 33.18 -9.80
N SER A 179 -27.37 33.82 -10.65
CA SER A 179 -27.26 35.24 -10.94
C SER A 179 -27.69 35.99 -9.65
N PRO A 180 -27.37 37.29 -9.47
CA PRO A 180 -27.66 37.95 -8.18
C PRO A 180 -29.10 37.85 -7.66
N ASN A 181 -30.09 37.87 -8.55
CA ASN A 181 -31.46 37.79 -8.03
C ASN A 181 -32.13 36.42 -8.28
N GLY A 182 -31.35 35.45 -8.76
CA GLY A 182 -31.80 34.09 -8.97
C GLY A 182 -32.46 33.77 -10.30
N THR A 183 -32.46 34.72 -11.26
CA THR A 183 -33.06 34.48 -12.56
C THR A 183 -32.32 33.38 -13.32
N PHE A 184 -31.00 33.54 -13.42
CA PHE A 184 -30.19 32.62 -14.16
C PHE A 184 -29.35 31.73 -13.24
N LEU A 185 -29.06 30.56 -13.73
CA LEU A 185 -28.19 29.60 -13.09
C LEU A 185 -27.10 29.31 -14.09
N ALA A 186 -25.87 29.75 -13.78
CA ALA A 186 -24.74 29.44 -14.62
C ALA A 186 -24.10 28.13 -14.09
N TYR A 187 -23.50 27.34 -14.99
CA TYR A 187 -22.83 26.11 -14.57
C TYR A 187 -21.75 25.64 -15.52
N ALA A 188 -20.78 24.89 -14.97
CA ALA A 188 -19.75 24.31 -15.79
C ALA A 188 -20.03 22.83 -15.93
N GLN A 189 -19.53 22.28 -17.01
CA GLN A 189 -19.59 20.86 -17.30
C GLN A 189 -18.16 20.37 -17.52
N PHE A 190 -17.74 19.34 -16.75
CA PHE A 190 -16.38 18.78 -16.95
C PHE A 190 -16.49 17.44 -17.63
N ASN A 191 -15.55 17.16 -18.52
CA ASN A 191 -15.48 15.91 -19.28
C ASN A 191 -14.13 15.24 -19.07
N ASP A 192 -14.14 14.14 -18.29
CA ASP A 192 -12.96 13.37 -17.88
C ASP A 192 -12.76 12.09 -18.69
N THR A 193 -13.48 11.96 -19.82
CA THR A 193 -13.39 10.72 -20.66
C THR A 193 -11.98 10.12 -20.81
N GLU A 194 -10.99 10.93 -21.21
CA GLU A 194 -9.67 10.35 -21.46
C GLU A 194 -8.66 10.66 -20.35
N VAL A 195 -9.14 11.10 -19.20
CA VAL A 195 -8.24 11.38 -18.07
C VAL A 195 -7.89 10.02 -17.44
N PRO A 196 -6.59 9.71 -17.25
CA PRO A 196 -6.24 8.42 -16.62
C PRO A 196 -6.69 8.35 -15.18
N LEU A 197 -6.89 7.12 -14.68
CA LEU A 197 -7.36 6.88 -13.33
C LEU A 197 -6.21 6.54 -12.39
N ILE A 198 -6.21 7.12 -11.20
CA ILE A 198 -5.28 6.65 -10.16
C ILE A 198 -6.08 5.51 -9.50
N GLU A 199 -5.42 4.39 -9.17
CA GLU A 199 -6.08 3.28 -8.50
C GLU A 199 -5.32 2.93 -7.24
N TYR A 200 -6.05 2.68 -6.16
CA TYR A 200 -5.42 2.29 -4.89
C TYR A 200 -6.39 1.45 -4.08
N SER A 201 -5.85 0.60 -3.20
CA SER A 201 -6.64 -0.29 -2.35
C SER A 201 -7.27 0.42 -1.17
N PHE A 202 -8.49 0.00 -0.83
CA PHE A 202 -9.15 0.50 0.37
C PHE A 202 -9.53 -0.76 1.13
N TYR A 203 -9.06 -0.87 2.37
CA TYR A 203 -9.22 -2.09 3.15
C TYR A 203 -10.52 -2.20 3.87
N SER A 204 -11.07 -1.07 4.34
CA SER A 204 -12.35 -1.00 5.04
C SER A 204 -12.30 -1.77 6.39
N ASP A 205 -13.47 -2.03 6.98
CA ASP A 205 -13.56 -2.76 8.24
C ASP A 205 -13.00 -4.15 8.05
N GLU A 206 -12.54 -4.73 9.14
CA GLU A 206 -11.95 -6.08 9.16
C GLU A 206 -12.87 -7.12 8.52
N SER A 207 -14.20 -6.89 8.59
CA SER A 207 -15.19 -7.78 8.02
C SER A 207 -15.12 -7.87 6.50
N LEU A 208 -14.55 -6.86 5.82
CA LEU A 208 -14.42 -6.91 4.35
C LEU A 208 -13.38 -7.94 3.91
N GLN A 209 -13.84 -9.01 3.23
CA GLN A 209 -12.94 -10.11 2.83
C GLN A 209 -11.93 -9.74 1.76
N TYR A 210 -12.39 -9.07 0.68
CA TYR A 210 -11.54 -8.62 -0.42
C TYR A 210 -11.41 -7.09 -0.37
N PRO A 211 -10.19 -6.51 -0.41
CA PRO A 211 -10.10 -5.04 -0.43
C PRO A 211 -10.74 -4.47 -1.69
N LYS A 212 -11.23 -3.23 -1.57
CA LYS A 212 -11.85 -2.52 -2.69
C LYS A 212 -10.73 -1.77 -3.42
N THR A 213 -10.87 -1.56 -4.72
CA THR A 213 -9.91 -0.74 -5.47
C THR A 213 -10.68 0.54 -5.78
N VAL A 214 -10.16 1.67 -5.30
CA VAL A 214 -10.73 2.99 -5.57
C VAL A 214 -10.13 3.47 -6.86
N ARG A 215 -10.95 3.99 -7.79
CA ARG A 215 -10.46 4.46 -9.10
C ARG A 215 -10.92 5.90 -9.28
N VAL A 216 -9.97 6.84 -9.43
CA VAL A 216 -10.30 8.26 -9.52
C VAL A 216 -9.68 8.88 -10.77
N PRO A 217 -10.46 9.58 -11.65
CA PRO A 217 -9.83 10.26 -12.81
C PRO A 217 -8.96 11.38 -12.23
N TYR A 218 -7.67 11.26 -12.46
CA TYR A 218 -6.67 12.16 -11.84
C TYR A 218 -5.58 12.37 -12.86
N PRO A 219 -5.43 13.57 -13.41
CA PRO A 219 -4.37 13.77 -14.40
C PRO A 219 -3.05 14.12 -13.69
N LYS A 220 -2.04 13.27 -13.84
CA LYS A 220 -0.70 13.57 -13.30
C LYS A 220 -0.02 14.54 -14.29
N ALA A 221 1.15 15.12 -13.94
CA ALA A 221 1.82 16.11 -14.80
C ALA A 221 2.01 15.62 -16.25
N GLY A 222 1.59 16.41 -17.22
CA GLY A 222 1.74 16.07 -18.64
C GLY A 222 0.67 15.16 -19.20
N ALA A 223 -0.22 14.60 -18.33
CA ALA A 223 -1.29 13.70 -18.76
C ALA A 223 -2.48 14.40 -19.42
N VAL A 224 -3.42 13.62 -20.00
CA VAL A 224 -4.62 14.17 -20.62
C VAL A 224 -5.47 14.79 -19.48
N ASN A 225 -5.82 16.08 -19.63
CA ASN A 225 -6.62 16.84 -18.67
C ASN A 225 -8.11 16.75 -18.98
N PRO A 226 -9.01 17.03 -17.99
CA PRO A 226 -10.43 17.12 -18.31
C PRO A 226 -10.66 18.34 -19.23
N THR A 227 -11.77 18.31 -19.99
CA THR A 227 -12.12 19.50 -20.80
C THR A 227 -13.30 20.15 -20.11
N VAL A 228 -13.59 21.40 -20.45
CA VAL A 228 -14.65 22.13 -19.77
C VAL A 228 -15.55 22.90 -20.76
N LYS A 229 -16.85 23.03 -20.42
CA LYS A 229 -17.83 23.82 -21.16
C LYS A 229 -18.60 24.61 -20.12
N PHE A 230 -19.12 25.76 -20.52
CA PHE A 230 -19.85 26.67 -19.63
C PHE A 230 -21.24 26.98 -20.20
N PHE A 231 -22.26 26.97 -19.36
CA PHE A 231 -23.66 27.19 -19.76
C PHE A 231 -24.38 28.08 -18.81
N VAL A 232 -25.48 28.71 -19.31
CA VAL A 232 -26.36 29.57 -18.50
C VAL A 232 -27.79 29.18 -18.86
N VAL A 233 -28.58 28.90 -17.85
CA VAL A 233 -29.98 28.53 -18.02
C VAL A 233 -30.87 29.56 -17.31
N ASN A 234 -32.00 29.95 -17.98
CA ASN A 234 -32.98 30.84 -17.37
C ASN A 234 -33.92 29.99 -16.54
N THR A 235 -33.90 30.17 -15.21
CA THR A 235 -34.75 29.39 -14.32
C THR A 235 -36.19 29.96 -14.23
N ASP A 236 -36.44 31.13 -14.85
CA ASP A 236 -37.77 31.76 -14.80
C ASP A 236 -38.68 31.26 -15.94
N SER A 237 -38.08 30.65 -16.96
CA SER A 237 -38.82 30.13 -18.11
C SER A 237 -38.72 28.60 -18.21
N LEU A 238 -38.75 27.90 -17.06
CA LEU A 238 -38.69 26.44 -17.06
C LEU A 238 -40.10 25.85 -17.29
N SER A 239 -40.18 24.78 -18.08
CA SER A 239 -41.43 24.08 -18.41
C SER A 239 -41.42 22.62 -17.97
N SER A 240 -42.58 22.12 -17.53
CA SER A 240 -42.75 20.72 -17.14
C SER A 240 -42.93 19.85 -18.38
N VAL A 241 -43.37 20.46 -19.49
CA VAL A 241 -43.67 19.83 -20.78
C VAL A 241 -42.41 19.70 -21.66
N THR A 242 -41.55 20.71 -21.67
CA THR A 242 -40.36 20.74 -22.53
C THR A 242 -39.06 20.78 -21.70
N ASN A 243 -37.99 20.19 -22.24
CA ASN A 243 -36.67 20.15 -21.62
C ASN A 243 -36.03 21.56 -21.64
N ALA A 244 -35.33 21.93 -20.55
CA ALA A 244 -34.68 23.23 -20.38
C ALA A 244 -33.60 23.47 -21.43
N THR A 245 -33.49 24.71 -21.92
CA THR A 245 -32.46 25.09 -22.88
C THR A 245 -31.32 25.78 -22.12
N SER A 246 -30.10 25.25 -22.25
CA SER A 246 -28.93 25.85 -21.63
C SER A 246 -28.16 26.54 -22.73
N ILE A 247 -27.81 27.81 -22.50
CA ILE A 247 -27.04 28.57 -23.50
C ILE A 247 -25.57 28.42 -23.18
N GLN A 248 -24.79 27.93 -24.16
CA GLN A 248 -23.36 27.80 -23.97
C GLN A 248 -22.64 29.11 -24.24
N ILE A 249 -21.61 29.37 -23.41
CA ILE A 249 -20.69 30.49 -23.59
C ILE A 249 -19.34 29.83 -23.86
N THR A 250 -18.85 29.99 -25.08
CA THR A 250 -17.61 29.36 -25.51
C THR A 250 -16.42 30.19 -25.06
N ALA A 251 -15.28 29.51 -24.88
CA ALA A 251 -14.04 30.12 -24.45
C ALA A 251 -13.48 30.99 -25.60
N PRO A 252 -12.75 32.10 -25.32
CA PRO A 252 -12.19 32.90 -26.44
C PRO A 252 -11.23 32.10 -27.32
N ALA A 253 -11.04 32.55 -28.58
CA ALA A 253 -10.15 31.90 -29.56
C ALA A 253 -8.71 31.67 -29.04
N SER A 254 -8.16 32.62 -28.25
CA SER A 254 -6.82 32.51 -27.68
C SER A 254 -6.73 31.33 -26.66
N MET A 255 -7.88 30.81 -26.17
CA MET A 255 -7.91 29.65 -25.24
C MET A 255 -8.15 28.36 -26.03
N LEU A 256 -9.13 28.40 -26.97
CA LEU A 256 -9.50 27.25 -27.80
C LEU A 256 -8.37 26.66 -28.66
N ILE A 257 -7.29 27.42 -28.90
CA ILE A 257 -6.10 26.96 -29.66
C ILE A 257 -5.41 25.73 -29.03
N GLY A 258 -5.58 25.52 -27.73
CA GLY A 258 -4.97 24.41 -27.02
C GLY A 258 -5.62 24.12 -25.68
N ASP A 259 -4.97 23.29 -24.86
CA ASP A 259 -5.53 22.97 -23.54
C ASP A 259 -5.68 24.24 -22.69
N HIS A 260 -6.77 24.31 -21.92
CA HIS A 260 -7.09 25.47 -21.08
C HIS A 260 -8.01 25.07 -19.93
N TYR A 261 -8.25 26.02 -19.02
CA TYR A 261 -9.12 25.85 -17.87
C TYR A 261 -10.08 27.00 -17.78
N LEU A 262 -11.23 26.76 -17.12
CA LEU A 262 -12.14 27.81 -16.68
C LEU A 262 -11.64 28.07 -15.24
N CYS A 263 -11.25 29.29 -14.86
CA CYS A 263 -10.68 29.46 -13.52
C CYS A 263 -11.49 30.39 -12.59
N ASP A 264 -12.48 31.14 -13.12
CA ASP A 264 -13.29 32.02 -12.26
C ASP A 264 -14.59 32.33 -12.95
N VAL A 265 -15.66 32.42 -12.17
CA VAL A 265 -16.97 32.80 -12.68
C VAL A 265 -17.47 33.82 -11.68
N THR A 266 -17.77 35.04 -12.15
CA THR A 266 -18.29 36.08 -11.26
C THR A 266 -19.39 36.84 -11.96
N TRP A 267 -20.59 36.88 -11.37
CA TRP A 267 -21.71 37.63 -11.91
C TRP A 267 -21.44 39.13 -11.65
N ALA A 268 -21.63 39.99 -12.65
CA ALA A 268 -21.44 41.46 -12.52
C ALA A 268 -22.77 42.14 -12.20
N THR A 269 -23.85 41.76 -12.91
CA THR A 269 -25.21 42.34 -12.72
C THR A 269 -26.22 41.23 -12.94
N GLN A 270 -27.52 41.58 -13.01
CA GLN A 270 -28.57 40.61 -13.29
C GLN A 270 -28.43 39.97 -14.66
N GLU A 271 -27.80 40.67 -15.61
CA GLU A 271 -27.66 40.21 -17.00
C GLU A 271 -26.26 40.28 -17.54
N ARG A 272 -25.23 40.31 -16.66
CA ARG A 272 -23.85 40.38 -17.09
C ARG A 272 -23.02 39.43 -16.24
N ILE A 273 -22.29 38.55 -16.91
CA ILE A 273 -21.42 37.58 -16.21
C ILE A 273 -19.99 37.73 -16.69
N SER A 274 -19.00 37.55 -15.78
CA SER A 274 -17.61 37.56 -16.24
C SER A 274 -17.02 36.16 -16.00
N LEU A 275 -16.19 35.72 -16.93
CA LEU A 275 -15.51 34.43 -16.84
C LEU A 275 -14.04 34.64 -17.07
N GLN A 276 -13.20 33.94 -16.31
CA GLN A 276 -11.78 33.96 -16.58
C GLN A 276 -11.36 32.56 -17.00
N TRP A 277 -10.56 32.50 -18.08
CA TRP A 277 -10.00 31.30 -18.67
C TRP A 277 -8.49 31.38 -18.55
N LEU A 278 -7.84 30.24 -18.36
CA LEU A 278 -6.40 30.15 -18.17
C LEU A 278 -5.82 29.10 -19.12
N ARG A 279 -4.72 29.42 -19.79
CA ARG A 279 -4.08 28.44 -20.66
C ARG A 279 -3.46 27.35 -19.81
N ARG A 280 -3.28 26.13 -20.39
CA ARG A 280 -2.61 25.05 -19.65
C ARG A 280 -1.21 25.51 -19.22
N ILE A 281 -0.54 26.40 -20.03
CA ILE A 281 0.72 27.05 -19.64
C ILE A 281 0.18 28.29 -18.97
N GLN A 282 0.14 28.22 -17.64
CA GLN A 282 -0.58 29.13 -16.75
C GLN A 282 0.03 30.51 -16.57
N ASN A 283 0.57 31.09 -17.64
CA ASN A 283 1.09 32.44 -17.54
C ASN A 283 0.27 33.39 -18.44
N TYR A 284 -0.91 32.95 -18.89
CA TYR A 284 -1.76 33.73 -19.77
C TYR A 284 -3.22 33.45 -19.46
N SER A 285 -3.97 34.47 -19.04
CA SER A 285 -5.38 34.31 -18.71
C SER A 285 -6.17 35.40 -19.42
N VAL A 286 -7.44 35.13 -19.69
CA VAL A 286 -8.34 36.05 -20.39
C VAL A 286 -9.65 36.12 -19.64
N MET A 287 -10.13 37.34 -19.38
CA MET A 287 -11.44 37.55 -18.80
C MET A 287 -12.39 37.98 -19.94
N ASP A 288 -13.55 37.30 -20.04
CA ASP A 288 -14.62 37.68 -20.96
C ASP A 288 -15.73 38.28 -20.12
N ILE A 289 -16.41 39.33 -20.62
CA ILE A 289 -17.54 39.94 -19.93
C ILE A 289 -18.71 39.79 -20.88
N CYS A 290 -19.72 39.01 -20.48
CA CYS A 290 -20.84 38.60 -21.31
C CYS A 290 -22.17 39.17 -20.88
N ASP A 291 -22.93 39.71 -21.85
CA ASP A 291 -24.23 40.35 -21.64
C ASP A 291 -25.38 39.54 -22.22
N TYR A 292 -26.47 39.42 -21.46
CA TYR A 292 -27.67 38.73 -21.93
C TYR A 292 -28.33 39.59 -23.04
N ASP A 293 -28.75 38.95 -24.14
CA ASP A 293 -29.43 39.60 -25.27
C ASP A 293 -30.86 39.10 -25.29
N GLU A 294 -31.79 39.92 -24.80
CA GLU A 294 -33.23 39.61 -24.70
C GLU A 294 -33.88 39.18 -26.03
N SER A 295 -33.45 39.77 -27.15
CA SER A 295 -34.02 39.49 -28.46
C SER A 295 -33.65 38.11 -29.00
N SER A 296 -32.39 37.68 -28.83
CA SER A 296 -31.91 36.38 -29.31
C SER A 296 -31.92 35.29 -28.23
N GLY A 297 -32.03 35.68 -26.96
CA GLY A 297 -31.98 34.75 -25.83
C GLY A 297 -30.59 34.17 -25.64
N ARG A 298 -29.57 34.86 -26.20
CA ARG A 298 -28.17 34.46 -26.18
C ARG A 298 -27.31 35.37 -25.29
N TRP A 299 -26.10 34.91 -24.99
CA TRP A 299 -25.11 35.64 -24.18
C TRP A 299 -23.99 36.08 -25.11
N ASN A 300 -23.73 37.39 -25.17
CA ASN A 300 -22.68 37.87 -26.07
C ASN A 300 -21.53 38.50 -25.30
N CYS A 301 -20.29 38.04 -25.59
CA CYS A 301 -19.08 38.52 -24.97
C CYS A 301 -18.32 39.36 -25.99
N LEU A 302 -18.45 40.70 -25.92
CA LEU A 302 -17.77 41.59 -26.87
C LEU A 302 -16.27 41.55 -26.69
N VAL A 303 -15.54 41.47 -27.80
CA VAL A 303 -14.08 41.45 -27.85
C VAL A 303 -13.52 42.74 -27.21
N ALA A 304 -14.21 43.90 -27.33
CA ALA A 304 -13.79 45.15 -26.70
C ALA A 304 -13.91 45.10 -25.14
N ARG A 305 -14.55 44.05 -24.60
CA ARG A 305 -14.68 43.90 -23.15
C ARG A 305 -13.79 42.77 -22.60
N GLN A 306 -12.85 42.29 -23.42
CA GLN A 306 -11.94 41.21 -23.05
C GLN A 306 -10.70 41.76 -22.38
N HIS A 307 -10.27 41.14 -21.26
CA HIS A 307 -9.11 41.60 -20.51
C HIS A 307 -8.09 40.52 -20.39
N ILE A 308 -6.85 40.81 -20.76
CA ILE A 308 -5.75 39.86 -20.71
C ILE A 308 -4.92 40.09 -19.46
N GLU A 309 -4.55 38.98 -18.79
CA GLU A 309 -3.67 39.07 -17.63
C GLU A 309 -2.58 38.05 -17.85
N MET A 310 -1.34 38.51 -17.95
CA MET A 310 -0.22 37.60 -18.23
C MET A 310 0.94 37.85 -17.30
N SER A 311 1.87 36.91 -17.24
CA SER A 311 3.05 37.05 -16.40
C SER A 311 4.28 36.66 -17.21
N THR A 312 5.33 37.48 -17.15
CA THR A 312 6.58 37.16 -17.84
C THR A 312 7.57 36.43 -16.89
N THR A 313 7.38 36.56 -15.56
CA THR A 313 8.28 35.96 -14.56
C THR A 313 7.77 34.62 -13.98
N GLY A 314 6.47 34.35 -14.09
CA GLY A 314 5.91 33.14 -13.54
C GLY A 314 4.52 32.84 -14.05
N TRP A 315 3.65 32.39 -13.14
CA TRP A 315 2.27 32.03 -13.42
C TRP A 315 1.37 33.25 -13.13
N VAL A 316 0.05 33.16 -13.42
CA VAL A 316 -0.88 34.26 -13.13
C VAL A 316 -1.58 34.00 -11.78
N GLY A 317 -1.59 35.01 -10.92
CA GLY A 317 -2.26 34.96 -9.62
C GLY A 317 -1.46 34.21 -8.57
N ARG A 318 -1.92 34.24 -7.32
CA ARG A 318 -1.21 33.48 -6.26
C ARG A 318 -1.31 31.97 -6.52
N PHE A 319 -2.53 31.46 -6.60
CA PHE A 319 -2.80 30.06 -6.97
C PHE A 319 -3.62 30.04 -8.27
N ARG A 320 -4.29 31.14 -8.58
CA ARG A 320 -5.09 31.30 -9.81
C ARG A 320 -5.36 32.79 -10.01
N PRO A 321 -5.78 33.21 -11.22
CA PRO A 321 -6.14 34.63 -11.41
C PRO A 321 -7.19 35.06 -10.39
N SER A 322 -7.03 36.26 -9.85
CA SER A 322 -7.92 36.77 -8.79
C SER A 322 -9.33 37.09 -9.29
N GLU A 323 -10.29 37.16 -8.36
CA GLU A 323 -11.67 37.43 -8.74
C GLU A 323 -11.93 38.94 -8.88
N PRO A 324 -12.74 39.37 -9.88
CA PRO A 324 -13.05 40.82 -9.98
C PRO A 324 -14.18 41.19 -9.02
N HIS A 325 -14.19 42.46 -8.58
CA HIS A 325 -15.25 42.98 -7.69
C HIS A 325 -15.92 44.08 -8.48
N PHE A 326 -17.12 43.81 -9.03
CA PHE A 326 -17.83 44.78 -9.84
C PHE A 326 -18.54 45.82 -9.03
N THR A 327 -18.67 47.02 -9.61
CA THR A 327 -19.46 48.08 -8.99
C THR A 327 -20.97 47.72 -9.18
N LEU A 328 -21.87 48.45 -8.52
CA LEU A 328 -23.33 48.22 -8.61
C LEU A 328 -23.86 48.19 -10.06
N ASP A 329 -23.41 49.11 -10.92
CA ASP A 329 -23.86 49.12 -12.33
C ASP A 329 -23.14 48.12 -13.22
N GLY A 330 -22.07 47.47 -12.72
CA GLY A 330 -21.31 46.49 -13.47
C GLY A 330 -20.45 47.04 -14.58
N ASN A 331 -20.25 48.38 -14.64
CA ASN A 331 -19.49 49.02 -15.71
C ASN A 331 -18.01 49.08 -15.45
N SER A 332 -17.62 48.76 -14.23
CA SER A 332 -16.23 48.79 -13.85
C SER A 332 -16.00 47.79 -12.71
N PHE A 333 -14.74 47.44 -12.45
CA PHE A 333 -14.44 46.47 -11.38
C PHE A 333 -13.06 46.69 -10.83
N TYR A 334 -12.84 46.10 -9.65
CA TYR A 334 -11.59 46.19 -8.93
C TYR A 334 -11.04 44.78 -8.83
N LYS A 335 -9.74 44.65 -9.05
CA LYS A 335 -9.15 43.30 -9.07
C LYS A 335 -7.72 43.41 -8.58
N ILE A 336 -7.26 42.41 -7.82
CA ILE A 336 -5.87 42.39 -7.37
C ILE A 336 -5.03 41.78 -8.47
N ILE A 337 -3.99 42.50 -8.90
CA ILE A 337 -3.06 42.01 -9.93
C ILE A 337 -1.63 42.39 -9.56
N SER A 338 -0.64 41.70 -10.13
CA SER A 338 0.75 42.04 -9.83
C SER A 338 1.14 43.33 -10.56
N ASN A 339 1.61 44.37 -9.82
CA ASN A 339 2.01 45.63 -10.48
C ASN A 339 3.39 45.50 -11.21
N GLU A 340 3.94 46.60 -11.75
CA GLU A 340 5.22 46.57 -12.48
C GLU A 340 6.44 46.24 -11.57
N GLU A 341 6.32 46.44 -10.24
CA GLU A 341 7.38 46.07 -9.27
C GLU A 341 7.19 44.60 -8.78
N GLY A 342 6.13 43.93 -9.24
CA GLY A 342 5.85 42.56 -8.84
C GLY A 342 5.06 42.47 -7.53
N TYR A 343 4.47 43.58 -7.05
CA TYR A 343 3.66 43.54 -5.82
C TYR A 343 2.18 43.55 -6.16
N ARG A 344 1.39 42.69 -5.50
CA ARG A 344 -0.05 42.57 -5.74
C ARG A 344 -0.83 43.71 -5.10
N HIS A 345 -1.46 44.48 -5.96
CA HIS A 345 -2.23 45.65 -5.57
C HIS A 345 -3.56 45.70 -6.28
N ILE A 346 -4.43 46.58 -5.84
CA ILE A 346 -5.77 46.71 -6.43
C ILE A 346 -5.71 47.60 -7.66
N CYS A 347 -6.18 47.08 -8.80
CA CYS A 347 -6.27 47.83 -10.05
C CYS A 347 -7.76 48.06 -10.37
N TYR A 348 -8.08 49.24 -10.85
CA TYR A 348 -9.44 49.62 -11.20
C TYR A 348 -9.56 49.61 -12.72
N PHE A 349 -10.50 48.80 -13.22
CA PHE A 349 -10.71 48.62 -14.63
C PHE A 349 -12.08 49.13 -15.07
N GLN A 350 -12.19 49.63 -16.33
CA GLN A 350 -13.46 49.97 -16.97
C GLN A 350 -13.74 48.74 -17.83
N ILE A 351 -14.99 48.25 -17.94
CA ILE A 351 -15.20 46.98 -18.69
C ILE A 351 -14.74 47.02 -20.14
N ASP A 352 -14.75 48.22 -20.76
CA ASP A 352 -14.36 48.36 -22.15
C ASP A 352 -13.06 49.15 -22.38
N LYS A 353 -12.15 49.16 -21.40
CA LYS A 353 -10.86 49.82 -21.54
C LYS A 353 -9.76 48.88 -21.18
N LYS A 354 -8.65 48.92 -21.95
CA LYS A 354 -7.51 48.04 -21.76
C LYS A 354 -6.69 48.38 -20.51
N ASP A 355 -6.37 49.64 -20.33
CA ASP A 355 -5.52 50.04 -19.20
C ASP A 355 -6.30 50.14 -17.91
N CYS A 356 -5.73 49.60 -16.82
CA CYS A 356 -6.34 49.75 -15.52
C CYS A 356 -5.51 50.74 -14.71
N THR A 357 -6.09 51.28 -13.64
CA THR A 357 -5.37 52.20 -12.77
C THR A 357 -5.19 51.56 -11.41
N PHE A 358 -3.95 51.49 -10.93
CA PHE A 358 -3.65 50.97 -9.59
C PHE A 358 -4.08 51.99 -8.58
N ILE A 359 -4.86 51.54 -7.59
CA ILE A 359 -5.39 52.42 -6.56
C ILE A 359 -4.57 52.30 -5.28
N THR A 360 -3.73 51.24 -5.18
CA THR A 360 -2.83 51.04 -4.03
C THR A 360 -1.46 50.74 -4.61
N LYS A 361 -0.43 50.97 -3.80
CA LYS A 361 0.94 50.72 -4.24
C LYS A 361 1.89 50.66 -3.03
N GLY A 362 3.06 50.08 -3.23
CA GLY A 362 4.05 49.97 -2.14
C GLY A 362 4.63 48.58 -2.06
N THR A 363 5.65 48.42 -1.24
CA THR A 363 6.40 47.17 -1.10
C THR A 363 5.74 46.34 -0.01
N TRP A 364 4.49 45.97 -0.26
CA TRP A 364 3.65 45.14 0.61
C TRP A 364 2.56 44.66 -0.34
N GLU A 365 1.62 43.80 0.12
CA GLU A 365 0.60 43.33 -0.82
C GLU A 365 -0.81 43.37 -0.27
N VAL A 366 -1.78 43.52 -1.18
CA VAL A 366 -3.19 43.42 -0.80
C VAL A 366 -3.46 41.91 -0.78
N ILE A 367 -4.05 41.40 0.29
CA ILE A 367 -4.38 39.98 0.44
C ILE A 367 -5.71 39.69 -0.25
N GLY A 368 -6.70 40.51 0.04
CA GLY A 368 -8.02 40.31 -0.56
C GLY A 368 -8.88 41.53 -0.50
N ILE A 369 -9.81 41.66 -1.47
CA ILE A 369 -10.80 42.74 -1.45
C ILE A 369 -11.99 42.13 -0.67
N GLU A 370 -12.46 42.82 0.36
CA GLU A 370 -13.51 42.26 1.23
C GLU A 370 -14.92 42.84 1.02
N ALA A 371 -15.03 44.13 0.69
CA ALA A 371 -16.35 44.78 0.47
C ALA A 371 -16.14 46.02 -0.38
N LEU A 372 -17.20 46.39 -1.11
CA LEU A 372 -17.15 47.53 -2.00
C LEU A 372 -18.47 48.32 -1.89
N THR A 373 -18.37 49.63 -1.66
CA THR A 373 -19.55 50.52 -1.66
C THR A 373 -19.25 51.60 -2.71
N SER A 374 -20.18 52.57 -2.92
CA SER A 374 -19.91 53.64 -3.89
C SER A 374 -18.80 54.56 -3.40
N ASP A 375 -18.59 54.63 -2.08
CA ASP A 375 -17.55 55.50 -1.54
C ASP A 375 -16.25 54.83 -1.16
N TYR A 376 -16.31 53.57 -0.70
CA TYR A 376 -15.13 52.88 -0.17
C TYR A 376 -14.91 51.49 -0.71
N LEU A 377 -13.65 51.09 -0.75
CA LEU A 377 -13.34 49.70 -1.03
C LEU A 377 -12.60 49.26 0.24
N TYR A 378 -13.01 48.13 0.83
CA TYR A 378 -12.42 47.57 2.04
C TYR A 378 -11.55 46.38 1.64
N TYR A 379 -10.32 46.33 2.18
CA TYR A 379 -9.40 45.26 1.82
C TYR A 379 -8.49 44.88 3.01
N ILE A 380 -7.92 43.69 2.94
CA ILE A 380 -6.94 43.21 3.94
C ILE A 380 -5.56 43.35 3.30
N SER A 381 -4.56 43.83 4.05
CA SER A 381 -3.19 43.90 3.49
C SER A 381 -2.18 43.66 4.62
N ASN A 382 -0.93 43.41 4.24
CA ASN A 382 0.14 43.26 5.23
C ASN A 382 1.01 44.54 5.24
N GLU A 383 0.40 45.69 4.95
CA GLU A 383 1.14 46.95 4.94
C GLU A 383 1.70 47.34 6.32
N TYR A 384 0.92 47.18 7.37
CA TYR A 384 1.25 47.64 8.71
C TYR A 384 2.61 47.16 9.24
N LYS A 385 3.46 48.16 9.58
CA LYS A 385 4.81 47.99 10.13
C LYS A 385 5.73 47.18 9.19
N GLY A 386 5.32 47.04 7.93
CA GLY A 386 6.07 46.27 6.95
C GLY A 386 6.24 44.81 7.36
N MET A 387 5.25 44.26 8.09
CA MET A 387 5.31 42.86 8.53
C MET A 387 4.48 42.01 7.55
N PRO A 388 5.14 41.22 6.68
CA PRO A 388 4.38 40.42 5.69
C PRO A 388 3.48 39.34 6.31
N GLY A 389 3.79 38.96 7.55
CA GLY A 389 3.05 37.94 8.30
C GLY A 389 1.95 38.48 9.21
N GLY A 390 1.65 39.77 9.08
CA GLY A 390 0.56 40.45 9.79
C GLY A 390 -0.54 40.81 8.79
N ARG A 391 -1.77 41.03 9.26
CA ARG A 391 -2.92 41.30 8.35
C ARG A 391 -3.83 42.32 9.02
N ASN A 392 -4.21 43.36 8.30
CA ASN A 392 -5.11 44.37 8.83
C ASN A 392 -6.10 44.79 7.80
N LEU A 393 -7.24 45.28 8.28
CA LEU A 393 -8.31 45.82 7.45
C LEU A 393 -8.10 47.30 7.20
N TYR A 394 -8.27 47.72 5.94
CA TYR A 394 -8.14 49.10 5.51
C TYR A 394 -9.35 49.46 4.66
N LYS A 395 -9.58 50.75 4.51
CA LYS A 395 -10.57 51.24 3.56
C LYS A 395 -9.92 52.33 2.76
N ILE A 396 -10.24 52.37 1.47
CA ILE A 396 -9.67 53.39 0.60
C ILE A 396 -10.82 54.21 0.02
N GLN A 397 -10.73 55.55 0.09
CA GLN A 397 -11.75 56.43 -0.46
C GLN A 397 -11.66 56.39 -1.97
N LEU A 398 -12.75 55.97 -2.61
CA LEU A 398 -12.75 55.81 -4.06
C LEU A 398 -12.65 57.15 -4.84
N SER A 399 -13.05 58.28 -4.22
CA SER A 399 -12.92 59.59 -4.88
C SER A 399 -11.52 60.20 -4.65
N ASP A 400 -10.70 59.61 -3.73
CA ASP A 400 -9.36 60.13 -3.42
C ASP A 400 -8.46 59.02 -2.89
N TYR A 401 -7.65 58.40 -3.77
CA TYR A 401 -6.80 57.25 -3.41
C TYR A 401 -5.72 57.54 -2.34
N THR A 402 -5.45 58.83 -2.04
CA THR A 402 -4.47 59.20 -1.00
C THR A 402 -5.07 59.03 0.39
N LYS A 403 -6.41 58.86 0.48
CA LYS A 403 -7.15 58.71 1.72
C LYS A 403 -7.39 57.21 2.04
N VAL A 404 -6.39 56.60 2.68
CA VAL A 404 -6.43 55.20 3.12
C VAL A 404 -6.48 55.19 4.65
N THR A 405 -7.48 54.52 5.24
CA THR A 405 -7.60 54.47 6.70
C THR A 405 -7.41 53.02 7.17
N CYS A 406 -6.50 52.78 8.15
CA CYS A 406 -6.44 51.43 8.73
C CYS A 406 -7.52 51.32 9.78
N LEU A 407 -8.37 50.29 9.66
CA LEU A 407 -9.50 50.10 10.56
C LEU A 407 -9.23 49.17 11.72
N SER A 408 -8.19 48.34 11.62
CA SER A 408 -7.92 47.40 12.71
C SER A 408 -6.52 47.56 13.35
N CYS A 409 -5.58 48.30 12.70
CA CYS A 409 -4.16 48.44 13.14
C CYS A 409 -4.04 48.79 14.60
N GLU A 410 -4.76 49.85 15.03
CA GLU A 410 -4.62 50.36 16.40
C GLU A 410 -5.67 49.90 17.41
N LEU A 411 -6.53 48.92 17.08
CA LEU A 411 -7.55 48.46 18.04
C LEU A 411 -6.89 47.88 19.30
N ASN A 412 -5.92 46.98 19.09
CA ASN A 412 -5.15 46.39 20.20
C ASN A 412 -3.85 45.90 19.58
N PRO A 413 -2.86 46.82 19.42
CA PRO A 413 -1.64 46.46 18.67
C PRO A 413 -0.77 45.36 19.28
N GLU A 414 -0.80 45.21 20.60
CA GLU A 414 -0.02 44.16 21.29
C GLU A 414 -0.67 42.78 21.10
N ARG A 415 -2.00 42.71 21.19
CA ARG A 415 -2.68 41.43 21.09
C ARG A 415 -3.05 41.04 19.65
N CYS A 416 -3.35 42.03 18.82
CA CYS A 416 -3.93 41.79 17.50
C CYS A 416 -3.19 42.40 16.33
N GLN A 417 -2.58 41.52 15.51
CA GLN A 417 -1.83 41.94 14.32
C GLN A 417 -2.24 41.09 13.11
N TYR A 418 -3.23 40.19 13.28
CA TYR A 418 -3.67 39.33 12.18
C TYR A 418 -5.18 39.28 12.21
N TYR A 419 -5.79 39.92 11.24
CA TYR A 419 -7.25 39.99 11.16
C TYR A 419 -7.83 39.41 9.90
N SER A 420 -9.08 38.96 10.01
CA SER A 420 -9.95 38.63 8.89
C SER A 420 -11.26 39.35 9.21
N VAL A 421 -12.14 39.50 8.22
CA VAL A 421 -13.38 40.28 8.41
C VAL A 421 -14.58 39.62 7.76
N SER A 422 -15.77 39.88 8.31
CA SER A 422 -17.03 39.45 7.71
C SER A 422 -17.97 40.67 7.67
N PHE A 423 -18.30 41.16 6.47
CA PHE A 423 -19.20 42.30 6.32
C PHE A 423 -20.67 41.87 6.21
N SER A 424 -21.61 42.71 6.65
CA SER A 424 -23.05 42.45 6.49
C SER A 424 -23.39 42.66 5.00
N LYS A 425 -24.60 42.32 4.58
CA LYS A 425 -25.05 42.31 3.17
C LYS A 425 -24.71 43.55 2.35
N GLU A 426 -24.85 44.78 2.89
CA GLU A 426 -24.49 46.01 2.13
C GLU A 426 -23.39 46.79 2.84
N ALA A 427 -22.52 46.04 3.58
CA ALA A 427 -21.37 46.57 4.32
C ALA A 427 -21.72 47.61 5.40
N LYS A 428 -22.93 47.55 5.96
CA LYS A 428 -23.32 48.47 7.03
C LYS A 428 -22.56 48.12 8.33
N TYR A 429 -22.29 46.83 8.54
CA TYR A 429 -21.55 46.37 9.73
C TYR A 429 -20.45 45.41 9.34
N TYR A 430 -19.47 45.25 10.23
CA TYR A 430 -18.42 44.26 9.99
C TYR A 430 -17.97 43.59 11.29
N GLN A 431 -17.72 42.30 11.22
CA GLN A 431 -17.14 41.55 12.34
C GLN A 431 -15.66 41.41 12.05
N LEU A 432 -14.81 41.84 12.99
CA LEU A 432 -13.37 41.65 12.90
C LEU A 432 -13.01 40.41 13.75
N ARG A 433 -12.14 39.56 13.19
CA ARG A 433 -11.66 38.36 13.86
C ARG A 433 -10.15 38.49 13.94
N CYS A 434 -9.66 38.72 15.13
CA CYS A 434 -8.23 38.87 15.43
C CYS A 434 -7.79 37.43 15.78
N SER A 435 -6.77 36.89 15.08
CA SER A 435 -6.31 35.52 15.36
C SER A 435 -4.91 35.45 16.01
N GLY A 436 -4.32 36.60 16.33
CA GLY A 436 -3.03 36.60 17.00
C GLY A 436 -2.31 37.93 16.92
N PRO A 437 -1.16 38.09 17.63
CA PRO A 437 -0.40 37.07 18.39
C PRO A 437 -0.98 36.62 19.73
N GLY A 438 -1.89 37.39 20.28
CA GLY A 438 -2.58 37.09 21.54
C GLY A 438 -3.76 36.18 21.28
N LEU A 439 -4.60 35.94 22.28
CA LEU A 439 -5.75 35.06 22.09
C LEU A 439 -6.75 35.68 21.12
N PRO A 440 -7.40 34.86 20.28
CA PRO A 440 -8.37 35.41 19.33
C PRO A 440 -9.44 36.27 19.97
N LEU A 441 -9.78 37.37 19.27
CA LEU A 441 -10.71 38.40 19.73
C LEU A 441 -11.68 38.73 18.59
N TYR A 442 -12.99 38.60 18.87
CA TYR A 442 -14.06 38.83 17.88
C TYR A 442 -14.81 40.07 18.29
N THR A 443 -14.93 41.04 17.38
CA THR A 443 -15.58 42.32 17.69
C THR A 443 -16.52 42.70 16.56
N LEU A 444 -17.53 43.50 16.87
CA LEU A 444 -18.52 43.97 15.90
C LEU A 444 -18.41 45.48 15.73
N HIS A 445 -18.47 45.94 14.47
CA HIS A 445 -18.27 47.33 14.13
C HIS A 445 -19.33 47.85 13.16
N SER A 446 -19.59 49.18 13.19
CA SER A 446 -20.49 49.81 12.19
C SER A 446 -19.65 50.61 11.23
N SER A 447 -19.92 50.49 9.93
CA SER A 447 -19.12 51.20 8.94
C SER A 447 -19.24 52.72 8.87
N VAL A 448 -20.41 53.31 9.18
CA VAL A 448 -20.59 54.77 8.97
C VAL A 448 -19.47 55.64 9.58
N ASN A 449 -19.10 55.36 10.84
CA ASN A 449 -18.04 56.09 11.52
C ASN A 449 -17.01 55.15 12.15
N ASP A 450 -16.98 53.89 11.70
CA ASP A 450 -16.09 52.82 12.19
C ASP A 450 -16.14 52.71 13.71
N LYS A 451 -17.36 52.72 14.27
CA LYS A 451 -17.55 52.56 15.71
C LYS A 451 -17.27 51.11 16.09
N GLY A 452 -16.62 50.93 17.22
CA GLY A 452 -16.40 49.60 17.78
C GLY A 452 -17.60 49.32 18.67
N LEU A 453 -18.62 48.66 18.14
CA LEU A 453 -19.85 48.43 18.89
C LEU A 453 -19.67 47.59 20.14
N ARG A 454 -19.21 46.33 19.98
CA ARG A 454 -19.06 45.44 21.12
C ARG A 454 -18.06 44.32 20.91
N VAL A 455 -17.63 43.73 22.03
CA VAL A 455 -16.78 42.55 22.06
C VAL A 455 -17.72 41.36 21.99
N LEU A 456 -17.59 40.51 20.95
CA LEU A 456 -18.44 39.32 20.81
C LEU A 456 -17.89 38.13 21.57
N GLU A 457 -16.57 37.93 21.52
CA GLU A 457 -15.89 36.84 22.21
C GLU A 457 -14.42 37.24 22.41
N ASP A 458 -13.94 37.20 23.67
CA ASP A 458 -12.57 37.60 23.97
C ASP A 458 -11.69 36.49 24.51
N ASN A 459 -12.22 35.24 24.56
CA ASN A 459 -11.47 34.09 25.05
C ASN A 459 -10.93 34.29 26.48
N SER A 460 -11.65 35.06 27.31
CA SER A 460 -11.18 35.30 28.68
C SER A 460 -11.18 33.99 29.50
N ALA A 461 -12.09 33.02 29.21
CA ALA A 461 -12.09 31.72 29.91
C ALA A 461 -10.77 30.98 29.66
N LEU A 462 -10.31 30.92 28.39
CA LEU A 462 -9.04 30.26 28.04
C LEU A 462 -7.85 30.98 28.63
N ASP A 463 -7.89 32.32 28.61
CA ASP A 463 -6.82 33.13 29.19
C ASP A 463 -6.64 32.73 30.66
N LYS A 464 -7.77 32.55 31.40
CA LYS A 464 -7.74 32.15 32.81
C LYS A 464 -7.11 30.73 32.97
N MET A 465 -7.47 29.79 32.07
CA MET A 465 -6.90 28.43 32.13
C MET A 465 -5.41 28.44 31.84
N LEU A 466 -4.99 29.21 30.83
CA LEU A 466 -3.59 29.28 30.40
C LEU A 466 -2.65 29.98 31.38
N GLN A 467 -3.18 30.80 32.32
CA GLN A 467 -2.30 31.43 33.31
C GLN A 467 -1.66 30.37 34.28
N ASN A 468 -2.25 29.17 34.38
CA ASN A 468 -1.76 28.06 35.19
C ASN A 468 -0.85 27.10 34.38
N VAL A 469 -0.45 27.49 33.15
CA VAL A 469 0.39 26.62 32.29
C VAL A 469 1.66 27.35 31.90
N GLN A 470 2.80 26.64 31.85
CA GLN A 470 4.04 27.31 31.43
C GLN A 470 4.05 27.32 29.90
N MET A 471 3.48 28.37 29.32
CA MET A 471 3.34 28.47 27.87
C MET A 471 4.59 28.92 27.17
N PRO A 472 4.85 28.43 25.93
CA PRO A 472 5.99 28.94 25.18
C PRO A 472 5.69 30.33 24.64
N SER A 473 6.72 31.03 24.17
CA SER A 473 6.54 32.34 23.54
C SER A 473 6.85 32.21 22.06
N LYS A 474 6.58 33.26 21.30
CA LYS A 474 6.86 33.28 19.88
C LYS A 474 7.66 34.50 19.48
N LYS A 475 8.75 34.27 18.78
CA LYS A 475 9.56 35.37 18.27
C LYS A 475 9.36 35.39 16.75
N LEU A 476 9.03 36.56 16.21
CA LEU A 476 8.89 36.75 14.77
C LEU A 476 9.91 37.79 14.40
N ASP A 477 10.85 37.45 13.50
CA ASP A 477 11.94 38.33 13.09
C ASP A 477 12.40 37.98 11.70
N PHE A 478 13.50 38.61 11.25
CA PHE A 478 14.02 38.37 9.91
C PHE A 478 15.54 38.22 9.87
N ILE A 479 16.03 37.55 8.83
CA ILE A 479 17.43 37.42 8.49
C ILE A 479 17.60 38.05 7.11
N ILE A 480 18.82 38.54 6.81
CA ILE A 480 19.09 39.18 5.53
C ILE A 480 19.97 38.27 4.68
N LEU A 481 19.49 37.95 3.48
CA LEU A 481 20.19 37.12 2.50
C LEU A 481 20.22 37.89 1.20
N ASN A 482 21.42 38.20 0.68
CA ASN A 482 21.63 38.90 -0.60
C ASN A 482 20.77 40.18 -0.71
N GLU A 483 20.88 41.04 0.31
CA GLU A 483 20.18 42.33 0.47
C GLU A 483 18.65 42.19 0.62
N THR A 484 18.12 40.96 0.81
CA THR A 484 16.67 40.74 0.99
C THR A 484 16.35 40.24 2.40
N LYS A 485 15.28 40.79 3.03
CA LYS A 485 14.87 40.26 4.31
C LYS A 485 13.97 39.06 4.10
N PHE A 486 14.26 37.99 4.86
CA PHE A 486 13.44 36.78 4.86
C PHE A 486 13.06 36.56 6.32
N TRP A 487 11.78 36.38 6.55
CA TRP A 487 11.19 36.23 7.87
C TRP A 487 11.18 34.80 8.39
N TYR A 488 11.32 34.69 9.71
CA TYR A 488 11.24 33.43 10.41
C TYR A 488 10.49 33.61 11.71
N GLN A 489 10.04 32.50 12.27
CA GLN A 489 9.43 32.51 13.59
C GLN A 489 10.04 31.41 14.40
N MET A 490 10.05 31.58 15.74
CA MET A 490 10.53 30.57 16.65
C MET A 490 9.56 30.43 17.79
N ILE A 491 9.17 29.20 18.07
CA ILE A 491 8.37 28.86 19.23
C ILE A 491 9.42 28.52 20.29
N LEU A 492 9.55 29.41 21.27
CA LEU A 492 10.58 29.30 22.30
C LEU A 492 10.07 28.68 23.57
N PRO A 493 10.84 27.76 24.19
CA PRO A 493 10.39 27.14 25.45
C PRO A 493 10.11 28.16 26.57
N PRO A 494 9.23 27.86 27.55
CA PRO A 494 9.02 28.80 28.66
C PRO A 494 10.32 29.03 29.44
N HIS A 495 10.48 30.21 30.08
CA HIS A 495 11.71 30.58 30.82
C HIS A 495 12.93 30.47 29.92
N PHE A 496 12.77 30.86 28.64
CA PHE A 496 13.83 30.80 27.63
C PHE A 496 15.09 31.50 28.12
N ASP A 497 16.22 30.78 28.08
CA ASP A 497 17.51 31.29 28.53
C ASP A 497 18.50 31.25 27.36
N LYS A 498 18.82 32.44 26.78
CA LYS A 498 19.71 32.62 25.63
C LYS A 498 21.17 32.21 25.91
N SER A 499 21.50 31.88 27.17
CA SER A 499 22.82 31.40 27.58
C SER A 499 22.87 29.85 27.51
N LYS A 500 21.71 29.19 27.33
CA LYS A 500 21.60 27.72 27.22
C LYS A 500 21.49 27.27 25.76
N LYS A 501 21.86 26.02 25.45
CA LYS A 501 21.80 25.49 24.09
C LYS A 501 20.61 24.52 23.97
N TYR A 502 19.64 24.88 23.11
CA TYR A 502 18.43 24.08 22.93
C TYR A 502 18.49 23.29 21.63
N PRO A 503 17.86 22.09 21.60
CA PRO A 503 17.72 21.41 20.31
C PRO A 503 16.71 22.23 19.48
N LEU A 504 16.78 22.14 18.16
CA LEU A 504 15.91 22.92 17.30
C LEU A 504 15.24 22.01 16.25
N LEU A 505 13.92 22.18 16.06
CA LEU A 505 13.20 21.46 15.03
C LEU A 505 12.73 22.50 14.00
N LEU A 506 13.09 22.30 12.75
CA LEU A 506 12.66 23.20 11.67
C LEU A 506 11.37 22.63 11.09
N ASP A 507 10.28 23.37 11.27
CA ASP A 507 8.94 23.01 10.81
C ASP A 507 8.80 23.66 9.44
N VAL A 508 8.70 22.84 8.39
CA VAL A 508 8.72 23.36 7.02
C VAL A 508 7.46 23.08 6.20
N TYR A 509 7.14 24.03 5.35
CA TYR A 509 6.14 23.86 4.29
C TYR A 509 6.83 24.28 3.00
N ALA A 510 7.06 25.60 2.83
CA ALA A 510 7.89 26.20 1.77
C ALA A 510 7.38 25.99 0.35
N GLY A 511 6.09 25.69 0.21
CA GLY A 511 5.48 25.57 -1.12
C GLY A 511 5.36 26.96 -1.75
N PRO A 512 5.11 27.06 -3.06
CA PRO A 512 4.98 28.40 -3.67
C PRO A 512 3.83 29.19 -3.07
N CYS A 513 4.10 30.44 -2.69
CA CYS A 513 3.16 31.36 -2.03
C CYS A 513 2.84 30.93 -0.58
N SER A 514 3.69 30.09 0.01
CA SER A 514 3.44 29.66 1.39
C SER A 514 3.85 30.75 2.38
N GLN A 515 3.35 30.67 3.60
CA GLN A 515 3.78 31.62 4.65
C GLN A 515 3.71 30.87 5.97
N LYS A 516 4.89 30.59 6.54
CA LYS A 516 5.00 29.85 7.81
C LYS A 516 5.51 30.71 8.97
N ALA A 517 5.84 31.98 8.68
CA ALA A 517 6.25 32.93 9.70
C ALA A 517 5.14 33.97 9.73
N ASP A 518 4.33 33.96 10.79
CA ASP A 518 3.20 34.90 10.86
C ASP A 518 2.91 35.26 12.33
N THR A 519 1.91 36.10 12.56
CA THR A 519 1.55 36.54 13.92
C THR A 519 0.36 35.73 14.47
N VAL A 520 0.02 34.57 13.89
CA VAL A 520 -1.15 33.81 14.39
C VAL A 520 -0.83 33.05 15.67
N PHE A 521 -1.79 33.04 16.62
CA PHE A 521 -1.73 32.29 17.88
C PHE A 521 -2.18 30.84 17.55
N ARG A 522 -1.38 29.84 17.89
CA ARG A 522 -1.76 28.43 17.64
C ARG A 522 -1.45 27.59 18.84
N LEU A 523 -2.28 26.56 19.09
CA LEU A 523 -2.06 25.56 20.12
C LEU A 523 -1.92 24.26 19.33
N ASN A 524 -0.68 23.82 19.15
CA ASN A 524 -0.46 22.67 18.29
C ASN A 524 0.67 21.78 18.80
N TRP A 525 1.18 20.89 17.95
CA TRP A 525 2.27 20.00 18.35
C TRP A 525 3.51 20.80 18.76
N ALA A 526 3.83 21.88 18.03
CA ALA A 526 5.00 22.71 18.37
C ALA A 526 4.86 23.32 19.77
N THR A 527 3.61 23.67 20.19
CA THR A 527 3.37 24.24 21.53
C THR A 527 3.84 23.23 22.58
N TYR A 528 3.50 21.94 22.38
CA TYR A 528 3.90 20.85 23.25
C TYR A 528 5.42 20.65 23.25
N LEU A 529 6.03 20.59 22.04
CA LEU A 529 7.46 20.35 21.94
C LEU A 529 8.24 21.44 22.67
N ALA A 530 7.81 22.68 22.53
CA ALA A 530 8.51 23.80 23.21
C ALA A 530 8.20 23.82 24.72
N SER A 531 6.93 23.72 25.08
CA SER A 531 6.50 23.80 26.48
C SER A 531 6.98 22.63 27.34
N THR A 532 6.76 21.39 26.89
CA THR A 532 7.11 20.20 27.65
C THR A 532 8.53 19.71 27.37
N GLU A 533 8.93 19.67 26.09
CA GLU A 533 10.20 19.07 25.74
C GLU A 533 11.37 20.05 25.61
N ASN A 534 11.13 21.36 25.77
CA ASN A 534 12.17 22.39 25.68
C ASN A 534 12.87 22.40 24.33
N ILE A 535 12.09 22.20 23.25
CA ILE A 535 12.64 22.22 21.88
C ILE A 535 12.25 23.53 21.26
N ILE A 536 13.17 24.19 20.56
CA ILE A 536 12.78 25.39 19.81
C ILE A 536 12.17 24.87 18.49
N VAL A 537 10.99 25.40 18.11
CA VAL A 537 10.37 24.98 16.84
C VAL A 537 10.41 26.21 15.94
N ALA A 538 11.22 26.15 14.88
CA ALA A 538 11.39 27.30 14.00
C ALA A 538 10.76 27.08 12.61
N SER A 539 10.34 28.17 11.95
CA SER A 539 9.84 28.11 10.57
C SER A 539 10.39 29.29 9.84
N PHE A 540 10.66 29.12 8.54
CA PHE A 540 11.29 30.15 7.74
C PHE A 540 10.64 30.28 6.37
N ASP A 541 10.45 31.51 5.93
CA ASP A 541 9.87 31.81 4.62
C ASP A 541 10.97 32.32 3.68
N GLY A 542 11.47 31.41 2.84
CA GLY A 542 12.54 31.74 1.90
C GLY A 542 12.05 32.05 0.49
N ARG A 543 12.89 31.81 -0.51
CA ARG A 543 12.47 32.05 -1.88
C ARG A 543 11.29 31.14 -2.26
N GLY A 544 10.35 31.72 -2.99
CA GLY A 544 9.13 31.01 -3.34
C GLY A 544 7.96 31.31 -2.40
N SER A 545 8.23 31.89 -1.21
CA SER A 545 7.19 32.22 -0.23
C SER A 545 6.29 33.37 -0.68
N GLY A 546 5.10 33.52 -0.11
CA GLY A 546 4.18 34.53 -0.65
C GLY A 546 4.11 35.84 0.07
N TYR A 547 3.25 36.73 -0.48
CA TYR A 547 2.83 37.99 0.14
C TYR A 547 3.94 39.02 0.29
N GLN A 548 5.05 38.80 -0.43
CA GLN A 548 6.21 39.69 -0.40
C GLN A 548 6.64 40.09 -1.80
N GLY A 549 5.75 39.92 -2.78
CA GLY A 549 6.06 40.26 -4.16
C GLY A 549 6.62 39.12 -5.00
N ASP A 550 6.52 39.26 -6.31
CA ASP A 550 6.97 38.24 -7.27
C ASP A 550 8.48 38.02 -7.32
N LYS A 551 9.32 39.01 -6.96
CA LYS A 551 10.79 38.73 -6.99
C LYS A 551 11.09 37.55 -6.07
N ILE A 552 10.42 37.49 -4.93
CA ILE A 552 10.56 36.37 -4.02
C ILE A 552 9.70 35.19 -4.47
N MET A 553 8.39 35.40 -4.75
CA MET A 553 7.52 34.26 -5.05
C MET A 553 7.88 33.49 -6.31
N HIS A 554 8.20 34.22 -7.38
CA HIS A 554 8.55 33.64 -8.67
C HIS A 554 10.01 33.18 -8.77
N ALA A 555 10.79 33.30 -7.69
CA ALA A 555 12.20 32.85 -7.75
C ALA A 555 12.30 31.35 -8.05
N ILE A 556 11.26 30.55 -7.69
CA ILE A 556 11.28 29.10 -7.94
C ILE A 556 10.54 28.71 -9.22
N ASN A 557 10.19 29.69 -10.08
CA ASN A 557 9.51 29.41 -11.34
C ASN A 557 10.31 28.40 -12.16
N ARG A 558 9.66 27.31 -12.58
CA ARG A 558 10.20 26.18 -13.38
C ARG A 558 11.30 25.45 -12.66
N ARG A 559 11.46 25.73 -11.36
CA ARG A 559 12.57 25.20 -10.57
C ARG A 559 12.19 24.76 -9.15
N LEU A 560 11.09 24.01 -8.98
CA LEU A 560 10.75 23.49 -7.63
C LEU A 560 11.87 22.55 -7.15
N GLY A 561 12.07 22.47 -5.84
CA GLY A 561 13.11 21.64 -5.25
C GLY A 561 14.50 22.25 -5.40
N THR A 562 14.58 23.58 -5.58
CA THR A 562 15.90 24.25 -5.67
C THR A 562 16.05 25.29 -4.55
N PHE A 563 15.78 26.58 -4.84
CA PHE A 563 15.95 27.69 -3.89
C PHE A 563 15.18 27.55 -2.60
N GLU A 564 13.95 26.99 -2.64
CA GLU A 564 13.18 26.89 -1.38
C GLU A 564 13.82 25.82 -0.45
N VAL A 565 14.44 24.78 -1.02
CA VAL A 565 15.15 23.73 -0.26
C VAL A 565 16.48 24.34 0.28
N GLU A 566 17.27 25.00 -0.60
CA GLU A 566 18.55 25.63 -0.20
C GLU A 566 18.32 26.67 0.93
N ASP A 567 17.22 27.48 0.82
CA ASP A 567 16.95 28.51 1.83
C ASP A 567 16.60 27.94 3.18
N GLN A 568 15.96 26.74 3.28
CA GLN A 568 15.69 26.15 4.59
C GLN A 568 17.02 25.69 5.20
N ILE A 569 17.92 25.16 4.36
CA ILE A 569 19.25 24.73 4.86
C ILE A 569 20.00 26.01 5.37
N GLU A 570 19.97 27.08 4.58
CA GLU A 570 20.61 28.36 4.95
C GLU A 570 20.06 28.93 6.26
N ALA A 571 18.71 28.88 6.45
CA ALA A 571 18.09 29.34 7.70
C ALA A 571 18.59 28.53 8.88
N ALA A 572 18.63 27.19 8.76
CA ALA A 572 19.10 26.33 9.86
C ALA A 572 20.59 26.60 10.15
N ARG A 573 21.40 26.80 9.10
CA ARG A 573 22.83 27.13 9.22
C ARG A 573 22.97 28.40 10.06
N GLN A 574 22.16 29.43 9.74
CA GLN A 574 22.13 30.68 10.47
C GLN A 574 21.63 30.52 11.89
N PHE A 575 20.51 29.76 12.11
CA PHE A 575 20.02 29.51 13.48
C PHE A 575 21.10 28.70 14.29
N SER A 576 21.79 27.75 13.66
CA SER A 576 22.83 26.89 14.29
C SER A 576 24.01 27.71 14.77
N LYS A 577 24.23 28.89 14.18
CA LYS A 577 25.30 29.80 14.54
C LYS A 577 24.88 30.69 15.70
N MET A 578 23.57 30.71 16.02
CA MET A 578 23.06 31.46 17.17
C MET A 578 23.48 30.67 18.43
N GLY A 579 23.82 31.42 19.47
CA GLY A 579 24.31 30.87 20.72
C GLY A 579 23.36 30.03 21.51
N PHE A 580 22.04 30.11 21.24
CA PHE A 580 21.08 29.32 22.02
C PHE A 580 20.64 28.00 21.32
N VAL A 581 21.27 27.64 20.21
CA VAL A 581 20.93 26.42 19.47
C VAL A 581 22.03 25.38 19.61
N ASP A 582 21.66 24.14 19.94
CA ASP A 582 22.61 23.03 19.96
C ASP A 582 22.76 22.51 18.53
N ASN A 583 23.92 22.80 17.87
CA ASN A 583 24.14 22.40 16.49
C ASN A 583 24.26 20.85 16.31
N LYS A 584 24.32 20.09 17.40
CA LYS A 584 24.37 18.63 17.30
C LYS A 584 22.94 18.06 17.28
N ARG A 585 21.93 18.92 17.51
CA ARG A 585 20.55 18.50 17.62
C ARG A 585 19.60 19.41 16.83
N ILE A 586 19.73 19.39 15.54
CA ILE A 586 18.85 20.12 14.63
C ILE A 586 18.10 19.09 13.81
N ALA A 587 16.78 19.21 13.83
CA ALA A 587 15.91 18.27 13.11
C ALA A 587 15.02 19.06 12.16
N ILE A 588 14.39 18.35 11.22
CA ILE A 588 13.50 19.02 10.26
C ILE A 588 12.25 18.15 10.04
N TRP A 589 11.08 18.74 9.85
CA TRP A 589 9.90 17.92 9.55
C TRP A 589 8.91 18.73 8.72
N GLY A 590 8.10 18.02 7.96
CA GLY A 590 7.10 18.70 7.14
C GLY A 590 6.10 17.70 6.63
N TRP A 591 4.95 18.20 6.20
CA TRP A 591 3.87 17.39 5.68
C TRP A 591 3.56 17.92 4.29
N SER A 592 3.21 17.01 3.36
CA SER A 592 2.77 17.40 2.02
C SER A 592 3.94 18.09 1.23
N TYR A 593 3.80 19.34 0.75
CA TYR A 593 4.94 20.05 0.11
C TYR A 593 6.10 20.10 1.13
N GLY A 594 5.79 20.28 2.40
CA GLY A 594 6.80 20.26 3.47
C GLY A 594 7.53 18.93 3.63
N GLY A 595 6.86 17.81 3.33
CA GLY A 595 7.47 16.48 3.36
C GLY A 595 8.46 16.36 2.22
N TYR A 596 8.11 16.92 1.03
CA TYR A 596 9.02 16.94 -0.13
C TYR A 596 10.27 17.75 0.25
N VAL A 597 10.06 18.97 0.79
CA VAL A 597 11.20 19.84 1.16
C VAL A 597 12.05 19.18 2.23
N THR A 598 11.42 18.61 3.27
CA THR A 598 12.16 17.89 4.33
C THR A 598 13.04 16.79 3.71
N SER A 599 12.46 15.99 2.79
CA SER A 599 13.17 14.89 2.14
C SER A 599 14.31 15.40 1.26
N MET A 600 14.07 16.47 0.49
CA MET A 600 15.12 17.09 -0.36
C MET A 600 16.27 17.65 0.50
N VAL A 601 15.92 18.24 1.66
CA VAL A 601 16.90 18.76 2.64
C VAL A 601 17.73 17.60 3.24
N LEU A 602 17.05 16.53 3.67
CA LEU A 602 17.72 15.38 4.26
C LEU A 602 18.63 14.66 3.27
N GLY A 603 18.31 14.77 1.98
CA GLY A 603 19.09 14.19 0.89
C GLY A 603 20.10 15.15 0.27
N SER A 604 20.26 16.36 0.81
CA SER A 604 21.16 17.38 0.23
C SER A 604 22.64 17.14 0.53
N GLY A 605 22.94 16.37 1.58
CA GLY A 605 24.32 16.19 2.05
C GLY A 605 24.85 17.41 2.80
N SER A 606 23.95 18.30 3.33
CA SER A 606 24.37 19.52 4.07
C SER A 606 25.10 19.23 5.39
N GLY A 607 24.76 18.11 6.02
CA GLY A 607 25.31 17.72 7.32
C GLY A 607 24.76 18.54 8.47
N VAL A 608 23.84 19.47 8.18
CA VAL A 608 23.26 20.34 9.22
C VAL A 608 22.27 19.62 10.13
N PHE A 609 21.50 18.66 9.57
CA PHE A 609 20.41 17.98 10.28
C PHE A 609 20.75 16.59 10.71
N LYS A 610 20.40 16.26 11.93
CA LYS A 610 20.63 14.94 12.49
C LYS A 610 19.53 13.97 12.03
N CYS A 611 18.29 14.47 11.96
CA CYS A 611 17.14 13.63 11.67
C CYS A 611 16.02 14.44 11.05
N GLY A 612 15.03 13.74 10.52
CA GLY A 612 13.85 14.44 10.00
C GLY A 612 12.69 13.52 9.77
N ILE A 613 11.49 14.12 9.61
CA ILE A 613 10.25 13.35 9.39
C ILE A 613 9.52 13.94 8.18
N ALA A 614 9.18 13.10 7.21
CA ALA A 614 8.41 13.51 6.03
C ALA A 614 7.06 12.82 6.13
N VAL A 615 5.96 13.58 6.13
CA VAL A 615 4.61 13.00 6.19
C VAL A 615 3.96 13.25 4.83
N ALA A 616 3.46 12.18 4.19
CA ALA A 616 2.78 12.26 2.86
C ALA A 616 3.55 13.16 1.88
N PRO A 617 4.88 12.94 1.67
CA PRO A 617 5.63 13.83 0.79
C PRO A 617 5.41 13.58 -0.68
N VAL A 618 5.55 14.63 -1.49
CA VAL A 618 5.71 14.48 -2.93
C VAL A 618 7.17 13.97 -3.07
N SER A 619 7.44 13.08 -4.02
CA SER A 619 8.82 12.60 -4.23
C SER A 619 9.33 12.88 -5.64
N ARG A 620 8.42 13.06 -6.61
CA ARG A 620 8.76 13.27 -8.02
C ARG A 620 7.59 14.01 -8.62
N TRP A 621 7.82 15.14 -9.29
CA TRP A 621 6.72 16.00 -9.74
C TRP A 621 5.84 15.37 -10.82
N GLU A 622 6.37 14.40 -11.58
CA GLU A 622 5.56 13.65 -12.53
C GLU A 622 4.43 12.84 -11.85
N TYR A 623 4.49 12.62 -10.52
CA TYR A 623 3.45 11.86 -9.82
C TYR A 623 2.33 12.74 -9.31
N TYR A 624 2.56 14.07 -9.26
CA TYR A 624 1.54 14.98 -8.71
C TYR A 624 0.61 15.46 -9.84
N ASP A 625 -0.51 16.12 -9.50
CA ASP A 625 -1.54 16.50 -10.49
C ASP A 625 -1.06 17.58 -11.43
N SER A 626 -1.62 17.60 -12.64
CA SER A 626 -1.24 18.54 -13.70
C SER A 626 -1.39 20.00 -13.31
N VAL A 627 -2.59 20.40 -12.82
CA VAL A 627 -2.92 21.82 -12.56
C VAL A 627 -1.95 22.48 -11.59
N TYR A 628 -1.72 21.86 -10.44
CA TYR A 628 -0.75 22.42 -9.50
C TYR A 628 0.67 22.32 -10.03
N THR A 629 1.15 21.12 -10.38
CA THR A 629 2.54 20.92 -10.80
C THR A 629 2.94 21.82 -11.99
N GLU A 630 2.18 21.77 -13.09
CA GLU A 630 2.51 22.53 -14.31
C GLU A 630 2.48 24.03 -14.09
N ARG A 631 1.68 24.50 -13.14
CA ARG A 631 1.66 25.94 -12.86
C ARG A 631 3.09 26.47 -12.56
N TYR A 632 3.86 25.67 -11.81
CA TYR A 632 5.20 26.02 -11.38
C TYR A 632 6.27 25.39 -12.23
N MET A 633 6.01 24.25 -12.83
CA MET A 633 7.03 23.48 -13.53
C MET A 633 6.92 23.44 -15.03
N GLY A 634 5.84 23.92 -15.60
CA GLY A 634 5.62 23.72 -17.02
C GLY A 634 5.34 22.23 -17.30
N LEU A 635 5.60 21.80 -18.53
CA LEU A 635 5.31 20.44 -18.96
C LEU A 635 6.53 19.53 -18.91
N PRO A 636 6.34 18.24 -18.55
CA PRO A 636 7.48 17.32 -18.46
C PRO A 636 7.78 16.69 -19.83
N THR A 637 8.17 17.55 -20.78
CA THR A 637 8.51 17.12 -22.16
C THR A 637 9.91 17.61 -22.45
N PRO A 638 10.69 16.94 -23.35
CA PRO A 638 12.05 17.46 -23.65
C PRO A 638 12.05 18.90 -24.18
N GLU A 639 10.98 19.32 -24.86
CA GLU A 639 10.86 20.67 -25.42
C GLU A 639 10.49 21.71 -24.36
N ASP A 640 10.02 21.27 -23.18
CA ASP A 640 9.68 22.22 -22.13
C ASP A 640 10.60 22.09 -20.92
N ASN A 641 10.23 21.30 -19.91
CA ASN A 641 11.01 21.28 -18.67
C ASN A 641 11.31 19.88 -18.12
N LEU A 642 11.30 18.86 -18.98
CA LEU A 642 11.56 17.50 -18.51
C LEU A 642 12.84 17.33 -17.70
N ASP A 643 13.98 17.92 -18.14
CA ASP A 643 15.24 17.77 -17.40
C ASP A 643 15.12 18.23 -15.95
N HIS A 644 14.38 19.34 -15.69
CA HIS A 644 14.23 19.75 -14.29
C HIS A 644 13.26 18.85 -13.52
N TYR A 645 12.23 18.28 -14.21
CA TYR A 645 11.35 17.31 -13.55
C TYR A 645 12.18 16.09 -13.09
N ARG A 646 13.18 15.70 -13.89
CA ARG A 646 13.99 14.52 -13.59
C ARG A 646 15.08 14.77 -12.55
N ASN A 647 15.58 16.01 -12.47
CA ASN A 647 16.63 16.42 -11.53
C ASN A 647 16.12 16.75 -10.14
N SER A 648 14.80 16.93 -9.98
CA SER A 648 14.24 17.39 -8.70
C SER A 648 13.51 16.33 -7.90
N THR A 649 13.90 15.07 -8.04
CA THR A 649 13.24 13.99 -7.31
C THR A 649 13.96 13.72 -6.00
N VAL A 650 13.23 13.16 -5.03
CA VAL A 650 13.85 12.75 -3.76
C VAL A 650 14.72 11.48 -4.03
N MET A 651 14.20 10.55 -4.84
CA MET A 651 14.88 9.27 -5.17
C MET A 651 16.34 9.42 -5.60
N SER A 652 16.64 10.44 -6.42
CA SER A 652 18.02 10.68 -6.89
C SER A 652 19.04 11.02 -5.78
N ARG A 653 18.54 11.42 -4.60
CA ARG A 653 19.37 11.81 -3.44
C ARG A 653 19.49 10.71 -2.40
N ALA A 654 18.95 9.50 -2.70
CA ALA A 654 18.91 8.41 -1.70
C ALA A 654 20.25 8.14 -0.97
N GLU A 655 21.39 8.10 -1.70
CA GLU A 655 22.70 7.83 -1.07
C GLU A 655 23.05 8.82 0.07
N ASN A 656 22.65 10.10 -0.08
CA ASN A 656 22.90 11.13 0.95
C ASN A 656 22.13 10.91 2.26
N PHE A 657 21.15 9.99 2.28
CA PHE A 657 20.39 9.71 3.50
C PHE A 657 21.20 8.83 4.51
N LYS A 658 22.37 8.34 4.09
CA LYS A 658 23.23 7.50 4.95
C LYS A 658 23.65 8.23 6.22
N GLN A 659 23.69 9.55 6.16
CA GLN A 659 24.14 10.42 7.23
C GLN A 659 23.06 10.96 8.16
N VAL A 660 21.77 10.57 7.94
CA VAL A 660 20.64 11.08 8.74
C VAL A 660 19.70 9.97 9.23
N GLU A 661 18.89 10.28 10.24
CA GLU A 661 17.84 9.37 10.71
C GLU A 661 16.56 9.93 10.08
N TYR A 662 15.84 9.11 9.35
CA TYR A 662 14.67 9.57 8.63
C TYR A 662 13.46 8.75 9.00
N LEU A 663 12.31 9.40 9.14
CA LEU A 663 11.04 8.73 9.41
C LEU A 663 10.11 9.17 8.29
N LEU A 664 9.58 8.18 7.54
CA LEU A 664 8.73 8.39 6.36
C LEU A 664 7.35 7.84 6.69
N ILE A 665 6.30 8.66 6.53
CA ILE A 665 4.93 8.29 6.94
C ILE A 665 3.96 8.63 5.82
N HIS A 666 2.95 7.76 5.56
CA HIS A 666 1.99 8.04 4.49
C HIS A 666 0.71 7.24 4.70
N GLY A 667 -0.45 7.84 4.45
CA GLY A 667 -1.73 7.14 4.51
C GLY A 667 -1.92 6.34 3.24
N THR A 668 -2.39 5.08 3.35
CA THR A 668 -2.56 4.22 2.17
C THR A 668 -3.70 4.67 1.23
N ALA A 669 -4.69 5.41 1.74
CA ALA A 669 -5.83 5.90 0.94
C ALA A 669 -5.67 7.39 0.58
N ASP A 670 -4.42 7.86 0.43
CA ASP A 670 -4.19 9.26 0.05
C ASP A 670 -4.48 9.42 -1.44
N ASP A 671 -5.58 10.12 -1.76
CA ASP A 671 -6.05 10.37 -3.14
C ASP A 671 -5.30 11.57 -3.71
N ASN A 672 -4.61 12.33 -2.85
CA ASN A 672 -3.96 13.58 -3.25
C ASN A 672 -2.48 13.38 -3.61
N VAL A 673 -1.66 13.05 -2.61
CA VAL A 673 -0.25 12.66 -2.82
C VAL A 673 -0.33 11.14 -2.72
N HIS A 674 -0.31 10.45 -3.84
CA HIS A 674 -0.54 9.02 -3.79
C HIS A 674 0.53 8.27 -2.97
N PHE A 675 0.12 7.20 -2.31
CA PHE A 675 1.06 6.37 -1.52
C PHE A 675 2.32 6.02 -2.37
N GLN A 676 2.13 5.82 -3.69
CA GLN A 676 3.16 5.64 -4.70
C GLN A 676 4.40 6.56 -4.46
N GLN A 677 4.15 7.84 -4.11
CA GLN A 677 5.23 8.81 -3.91
C GLN A 677 6.19 8.34 -2.77
N SER A 678 5.65 7.87 -1.65
CA SER A 678 6.51 7.36 -0.57
C SER A 678 7.01 5.95 -0.87
N ALA A 679 6.22 5.16 -1.64
CA ALA A 679 6.63 3.78 -2.02
C ALA A 679 7.92 3.85 -2.89
N GLN A 680 8.03 4.91 -3.71
CA GLN A 680 9.23 5.10 -4.54
C GLN A 680 10.43 5.61 -3.73
N ILE A 681 10.19 6.44 -2.70
CA ILE A 681 11.28 6.86 -1.79
C ILE A 681 11.83 5.63 -1.07
N SER A 682 10.96 4.83 -0.42
CA SER A 682 11.43 3.67 0.34
C SER A 682 12.21 2.72 -0.55
N LYS A 683 11.73 2.49 -1.78
CA LYS A 683 12.42 1.54 -2.70
C LYS A 683 13.85 2.05 -3.06
N ALA A 684 13.98 3.37 -3.30
CA ALA A 684 15.29 3.99 -3.62
C ALA A 684 16.24 3.88 -2.43
N LEU A 685 15.74 4.06 -1.17
CA LEU A 685 16.56 3.95 0.05
C LEU A 685 17.00 2.51 0.27
N VAL A 686 16.07 1.55 0.07
CA VAL A 686 16.38 0.11 0.15
C VAL A 686 17.45 -0.23 -0.87
N ASP A 687 17.29 0.25 -2.13
CA ASP A 687 18.25 -0.04 -3.21
C ASP A 687 19.66 0.43 -2.93
N VAL A 688 19.84 1.50 -2.12
CA VAL A 688 21.20 1.98 -1.80
C VAL A 688 21.66 1.52 -0.41
N GLY A 689 20.86 0.72 0.28
CA GLY A 689 21.23 0.21 1.61
C GLY A 689 21.18 1.22 2.75
N VAL A 690 20.20 2.11 2.72
CA VAL A 690 20.04 3.12 3.78
C VAL A 690 18.96 2.64 4.74
N ASP A 691 19.23 2.56 6.06
CA ASP A 691 18.21 2.19 7.02
C ASP A 691 17.42 3.47 7.34
N PHE A 692 16.12 3.31 7.59
CA PHE A 692 15.22 4.43 7.92
C PHE A 692 14.02 3.84 8.65
N GLN A 693 13.17 4.71 9.21
CA GLN A 693 11.95 4.33 9.92
C GLN A 693 10.77 4.63 9.02
N ALA A 694 9.72 3.81 9.12
CA ALA A 694 8.52 4.04 8.29
C ALA A 694 7.26 3.78 9.06
N MET A 695 6.15 4.33 8.59
CA MET A 695 4.86 4.03 9.19
C MET A 695 3.80 4.27 8.11
N TRP A 696 2.97 3.29 7.82
CA TRP A 696 1.85 3.51 6.90
C TRP A 696 0.63 3.67 7.79
N TYR A 697 -0.44 4.37 7.33
CA TYR A 697 -1.70 4.49 8.07
C TYR A 697 -2.80 3.92 7.18
N THR A 698 -3.26 2.73 7.55
CA THR A 698 -4.27 2.04 6.74
C THR A 698 -5.50 2.91 6.60
N ASP A 699 -5.93 3.10 5.33
CA ASP A 699 -7.16 3.81 4.92
C ASP A 699 -7.22 5.31 5.30
N GLU A 700 -6.09 5.89 5.71
CA GLU A 700 -6.04 7.34 5.99
C GLU A 700 -5.69 8.05 4.70
N ASP A 701 -6.19 9.28 4.54
CA ASP A 701 -5.92 10.07 3.36
C ASP A 701 -4.81 11.11 3.63
N HIS A 702 -4.78 12.18 2.86
CA HIS A 702 -3.73 13.20 2.98
C HIS A 702 -3.72 13.91 4.34
N GLY A 703 -4.87 13.96 5.00
CA GLY A 703 -4.96 14.65 6.30
C GLY A 703 -4.55 13.81 7.50
N ILE A 704 -4.58 12.44 7.39
CA ILE A 704 -4.33 11.47 8.48
C ILE A 704 -5.03 12.07 9.72
N ALA A 705 -6.32 12.41 9.51
CA ALA A 705 -7.14 13.21 10.43
C ALA A 705 -8.18 12.45 11.23
N SER A 706 -8.32 11.13 11.03
CA SER A 706 -9.29 10.41 11.88
C SER A 706 -8.78 10.55 13.32
N SER A 707 -9.69 10.57 14.32
CA SER A 707 -9.31 10.74 15.71
C SER A 707 -8.18 9.79 16.17
N THR A 708 -8.28 8.49 15.89
CA THR A 708 -7.26 7.53 16.34
C THR A 708 -5.93 7.68 15.56
N ALA A 709 -5.99 7.84 14.21
CA ALA A 709 -4.75 8.02 13.43
C ALA A 709 -3.99 9.31 13.78
N HIS A 710 -4.72 10.42 14.03
CA HIS A 710 -4.14 11.71 14.43
C HIS A 710 -3.37 11.55 15.75
N GLN A 711 -4.00 10.91 16.73
CA GLN A 711 -3.31 10.69 18.01
C GLN A 711 -2.08 9.78 17.83
N HIS A 712 -2.22 8.72 17.01
CA HIS A 712 -1.13 7.75 16.79
C HIS A 712 0.06 8.36 16.09
N ILE A 713 -0.19 9.18 15.05
CA ILE A 713 0.90 9.78 14.27
C ILE A 713 1.72 10.75 15.11
N TYR A 714 1.04 11.61 15.88
CA TYR A 714 1.77 12.58 16.71
C TYR A 714 2.48 11.91 17.88
N THR A 715 1.94 10.81 18.36
CA THR A 715 2.60 10.00 19.40
C THR A 715 3.87 9.37 18.84
N HIS A 716 3.78 8.79 17.65
CA HIS A 716 4.91 8.12 16.99
C HIS A 716 6.02 9.15 16.65
N MET A 717 5.65 10.31 16.12
CA MET A 717 6.64 11.35 15.76
C MET A 717 7.29 11.92 17.00
N SER A 718 6.52 12.08 18.12
CA SER A 718 7.08 12.60 19.38
C SER A 718 8.15 11.65 19.91
N HIS A 719 7.91 10.33 19.86
CA HIS A 719 8.94 9.35 20.29
C HIS A 719 10.20 9.48 19.43
N PHE A 720 10.02 9.66 18.11
CA PHE A 720 11.13 9.77 17.19
C PHE A 720 12.00 11.02 17.43
N ILE A 721 11.36 12.19 17.62
CA ILE A 721 12.09 13.45 17.87
C ILE A 721 12.83 13.35 19.20
N LYS A 722 12.15 12.85 20.23
CA LYS A 722 12.73 12.69 21.57
C LYS A 722 13.94 11.75 21.55
N GLN A 723 13.83 10.61 20.85
CA GLN A 723 14.94 9.65 20.68
C GLN A 723 16.13 10.37 19.97
N CYS A 724 15.85 11.11 18.87
CA CYS A 724 16.83 11.87 18.08
C CYS A 724 17.57 12.89 18.95
N PHE A 725 16.86 13.53 19.87
CA PHE A 725 17.41 14.59 20.73
C PHE A 725 17.95 14.10 22.08
N SER A 726 17.91 12.77 22.32
CA SER A 726 18.30 12.11 23.58
C SER A 726 17.48 12.66 24.76
N LEU A 727 16.15 12.78 24.57
CA LEU A 727 15.25 13.27 25.61
C LEU A 727 14.48 12.10 26.27
N PRO A 728 14.60 11.90 27.60
CA PRO A 728 13.89 10.77 28.23
C PRO A 728 12.35 10.93 28.22
N ARG B 2 39.85 -14.78 17.40
CA ARG B 2 39.12 -15.18 16.20
C ARG B 2 37.89 -14.28 16.00
N LYS B 3 37.61 -13.90 14.73
CA LYS B 3 36.42 -13.13 14.34
C LYS B 3 35.13 -13.91 14.66
N THR B 4 33.97 -13.23 14.65
CA THR B 4 32.69 -13.91 14.89
C THR B 4 31.97 -13.96 13.54
N TYR B 5 30.82 -14.66 13.46
CA TYR B 5 30.04 -14.71 12.21
C TYR B 5 29.15 -13.44 12.28
N THR B 6 29.47 -12.44 11.47
CA THR B 6 28.81 -11.13 11.51
C THR B 6 27.59 -11.02 10.59
N LEU B 7 26.84 -9.92 10.74
CA LEU B 7 25.67 -9.71 9.90
C LEU B 7 26.11 -9.53 8.46
N THR B 8 27.22 -8.83 8.22
CA THR B 8 27.74 -8.66 6.86
C THR B 8 28.22 -10.01 6.27
N ASP B 9 28.73 -10.95 7.09
CA ASP B 9 29.10 -12.28 6.58
C ASP B 9 27.85 -12.96 6.05
N TYR B 10 26.76 -12.87 6.80
CA TYR B 10 25.49 -13.44 6.37
C TYR B 10 24.95 -12.75 5.07
N LEU B 11 24.87 -11.42 5.08
CA LEU B 11 24.31 -10.64 3.96
C LEU B 11 25.17 -10.64 2.72
N LYS B 12 26.49 -10.77 2.86
CA LYS B 12 27.37 -10.79 1.68
C LYS B 12 27.76 -12.19 1.24
N ASN B 13 27.25 -13.24 1.95
CA ASN B 13 27.52 -14.66 1.65
C ASN B 13 29.02 -14.94 1.63
N THR B 14 29.75 -14.45 2.66
CA THR B 14 31.20 -14.63 2.80
C THR B 14 31.60 -16.13 2.87
N TYR B 15 30.87 -16.91 3.68
CA TYR B 15 31.10 -18.33 3.91
C TYR B 15 30.11 -19.14 3.11
N ARG B 16 30.50 -19.48 1.88
CA ARG B 16 29.63 -20.17 0.92
C ARG B 16 29.63 -21.66 1.05
N LEU B 17 28.43 -22.25 1.09
CA LEU B 17 28.24 -23.69 1.10
C LEU B 17 28.36 -24.15 -0.33
N LYS B 18 29.17 -25.18 -0.58
CA LYS B 18 29.30 -25.76 -1.90
C LYS B 18 28.25 -26.87 -2.02
N LEU B 19 27.72 -27.03 -3.22
CA LEU B 19 26.70 -28.01 -3.58
C LEU B 19 27.29 -28.93 -4.64
N TYR B 20 26.53 -29.95 -5.06
CA TYR B 20 26.91 -30.80 -6.17
C TYR B 20 25.62 -31.18 -6.89
N SER B 21 25.14 -30.26 -7.74
CA SER B 21 23.89 -30.43 -8.47
C SER B 21 24.15 -31.16 -9.75
N LEU B 22 23.72 -32.41 -9.83
CA LEU B 22 23.91 -33.15 -11.07
C LEU B 22 22.56 -33.41 -11.68
N ARG B 23 22.53 -33.76 -12.96
CA ARG B 23 21.32 -34.13 -13.68
C ARG B 23 21.55 -35.46 -14.33
N TRP B 24 20.86 -36.50 -13.88
CA TRP B 24 20.99 -37.83 -14.50
C TRP B 24 20.40 -37.77 -15.93
N ILE B 25 21.11 -38.35 -16.92
CA ILE B 25 20.64 -38.38 -18.32
C ILE B 25 20.33 -39.78 -18.75
N SER B 26 20.76 -40.74 -17.95
CA SER B 26 20.56 -42.16 -18.24
C SER B 26 20.75 -42.92 -16.94
N ASP B 27 20.89 -44.23 -17.04
CA ASP B 27 21.14 -45.08 -15.88
C ASP B 27 22.59 -45.03 -15.37
N HIS B 28 23.52 -44.45 -16.12
CA HIS B 28 24.91 -44.44 -15.68
C HIS B 28 25.67 -43.14 -15.97
N GLU B 29 24.98 -42.13 -16.50
CA GLU B 29 25.60 -40.84 -16.79
C GLU B 29 24.81 -39.68 -16.23
N TYR B 30 25.54 -38.65 -15.81
CA TYR B 30 24.96 -37.42 -15.31
C TYR B 30 25.69 -36.19 -15.85
N LEU B 31 24.98 -35.04 -15.87
CA LEU B 31 25.55 -33.77 -16.29
C LEU B 31 25.89 -32.94 -15.07
N TYR B 32 27.03 -32.26 -15.13
CA TYR B 32 27.50 -31.42 -14.05
C TYR B 32 28.17 -30.19 -14.63
N LYS B 33 27.90 -29.01 -14.03
CA LYS B 33 28.48 -27.74 -14.47
C LYS B 33 29.76 -27.40 -13.72
N GLN B 34 30.89 -27.40 -14.47
CA GLN B 34 32.21 -27.05 -13.95
C GLN B 34 32.76 -25.93 -14.81
N GLU B 35 32.99 -24.74 -14.21
CA GLU B 35 33.52 -23.52 -14.85
C GLU B 35 32.68 -23.11 -16.09
N ASN B 36 31.32 -23.10 -15.94
CA ASN B 36 30.33 -22.76 -16.98
C ASN B 36 30.26 -23.77 -18.15
N ASN B 37 31.09 -24.84 -18.12
CA ASN B 37 31.05 -25.90 -19.11
C ASN B 37 30.09 -26.96 -18.60
N ILE B 38 29.40 -27.65 -19.51
CA ILE B 38 28.54 -28.75 -19.10
C ILE B 38 29.33 -30.00 -19.34
N LEU B 39 29.68 -30.71 -18.26
CA LEU B 39 30.41 -31.97 -18.40
C LEU B 39 29.48 -33.15 -18.23
N VAL B 40 29.77 -34.25 -18.92
CA VAL B 40 29.05 -35.51 -18.79
C VAL B 40 29.96 -36.47 -17.98
N PHE B 41 29.46 -37.03 -16.88
CA PHE B 41 30.25 -37.93 -16.03
C PHE B 41 29.77 -39.34 -16.13
N ASN B 42 30.71 -40.28 -16.12
CA ASN B 42 30.41 -41.69 -16.08
C ASN B 42 30.31 -42.03 -14.58
N ALA B 43 29.12 -42.42 -14.08
CA ALA B 43 28.93 -42.69 -12.65
C ALA B 43 29.86 -43.80 -12.11
N GLU B 44 30.03 -44.92 -12.86
CA GLU B 44 30.86 -46.04 -12.40
C GLU B 44 32.33 -45.69 -12.14
N TYR B 45 32.98 -44.97 -13.09
CA TYR B 45 34.41 -44.66 -12.98
C TYR B 45 34.77 -43.21 -12.61
N GLY B 46 33.81 -42.28 -12.70
CA GLY B 46 34.09 -40.87 -12.36
C GLY B 46 34.75 -40.08 -13.47
N ASN B 47 35.07 -40.71 -14.60
CA ASN B 47 35.69 -39.98 -15.72
C ASN B 47 34.64 -39.11 -16.43
N SER B 48 35.09 -37.98 -16.98
CA SER B 48 34.21 -37.05 -17.66
C SER B 48 34.70 -36.62 -19.05
N SER B 49 33.84 -35.87 -19.77
CA SER B 49 34.07 -35.28 -21.08
C SER B 49 33.24 -34.01 -21.16
N VAL B 50 33.60 -33.09 -22.06
CA VAL B 50 32.88 -31.85 -22.23
C VAL B 50 31.66 -32.16 -23.10
N PHE B 51 30.47 -32.08 -22.49
CA PHE B 51 29.21 -32.30 -23.20
C PHE B 51 28.90 -31.04 -24.02
N LEU B 52 29.06 -29.85 -23.41
CA LEU B 52 28.80 -28.57 -24.06
C LEU B 52 29.73 -27.49 -23.51
N GLU B 53 30.66 -27.01 -24.37
CA GLU B 53 31.68 -26.01 -24.09
C GLU B 53 31.13 -24.69 -23.56
N ASN B 54 31.89 -24.05 -22.63
CA ASN B 54 31.60 -22.75 -21.99
C ASN B 54 31.26 -21.62 -23.02
N SER B 55 31.78 -21.74 -24.26
CA SER B 55 31.70 -20.75 -25.34
C SER B 55 30.63 -20.99 -26.41
N THR B 56 29.99 -22.18 -26.45
CA THR B 56 28.96 -22.55 -27.44
C THR B 56 27.95 -21.43 -27.72
N PHE B 57 27.46 -20.76 -26.65
CA PHE B 57 26.47 -19.69 -26.78
C PHE B 57 26.98 -18.29 -26.35
N ASP B 58 28.25 -17.99 -26.67
CA ASP B 58 28.88 -16.68 -26.40
C ASP B 58 28.24 -15.60 -27.27
N GLU B 59 27.91 -15.96 -28.53
CA GLU B 59 27.29 -15.07 -29.52
C GLU B 59 25.76 -15.34 -29.66
N PHE B 60 25.11 -15.83 -28.58
CA PHE B 60 23.67 -16.10 -28.57
C PHE B 60 22.85 -14.81 -28.57
N GLY B 61 23.36 -13.79 -27.90
CA GLY B 61 22.73 -12.48 -27.82
C GLY B 61 21.87 -12.30 -26.59
N HIS B 62 21.76 -13.35 -25.76
CA HIS B 62 20.96 -13.32 -24.54
C HIS B 62 21.63 -14.16 -23.46
N SER B 63 21.43 -13.79 -22.19
CA SER B 63 21.93 -14.56 -21.07
C SER B 63 21.00 -15.79 -20.90
N ILE B 64 21.57 -17.00 -20.91
CA ILE B 64 20.78 -18.23 -20.78
C ILE B 64 20.52 -18.51 -19.30
N ASN B 65 19.24 -18.51 -18.89
CA ASN B 65 18.82 -18.75 -17.51
C ASN B 65 18.96 -20.19 -17.11
N ASP B 66 18.57 -21.12 -18.01
CA ASP B 66 18.59 -22.55 -17.75
C ASP B 66 18.51 -23.34 -19.05
N TYR B 67 18.67 -24.65 -18.96
CA TYR B 67 18.62 -25.49 -20.15
C TYR B 67 17.97 -26.79 -19.78
N SER B 68 17.60 -27.58 -20.79
CA SER B 68 17.01 -28.90 -20.62
C SER B 68 17.40 -29.75 -21.82
N ILE B 69 18.03 -30.92 -21.60
CA ILE B 69 18.40 -31.80 -22.71
C ILE B 69 17.23 -32.72 -22.95
N SER B 70 16.89 -32.98 -24.22
CA SER B 70 15.82 -33.91 -24.56
C SER B 70 16.25 -35.29 -24.08
N PRO B 71 15.31 -36.17 -23.66
CA PRO B 71 15.72 -37.49 -23.16
C PRO B 71 16.61 -38.32 -24.08
N ASP B 72 16.51 -38.15 -25.40
CA ASP B 72 17.33 -38.91 -26.35
C ASP B 72 18.71 -38.27 -26.61
N GLY B 73 18.97 -37.14 -25.96
CA GLY B 73 20.21 -36.37 -26.08
C GLY B 73 20.41 -35.71 -27.44
N GLN B 74 19.34 -35.61 -28.26
CA GLN B 74 19.45 -35.02 -29.60
C GLN B 74 19.32 -33.52 -29.62
N PHE B 75 18.62 -32.94 -28.62
CA PHE B 75 18.38 -31.49 -28.60
C PHE B 75 18.55 -30.88 -27.22
N ILE B 76 18.80 -29.57 -27.20
CA ILE B 76 18.85 -28.84 -25.94
C ILE B 76 17.90 -27.65 -26.00
N LEU B 77 17.05 -27.53 -24.98
CA LEU B 77 16.12 -26.44 -24.87
C LEU B 77 16.80 -25.36 -24.04
N LEU B 78 16.92 -24.15 -24.59
CA LEU B 78 17.55 -23.04 -23.93
C LEU B 78 16.51 -22.07 -23.45
N GLU B 79 16.55 -21.75 -22.17
CA GLU B 79 15.62 -20.85 -21.56
C GLU B 79 16.28 -19.50 -21.29
N TYR B 80 15.65 -18.42 -21.74
CA TYR B 80 16.13 -17.06 -21.54
C TYR B 80 14.96 -16.11 -21.39
N ASN B 81 15.22 -14.82 -21.10
CA ASN B 81 14.17 -13.80 -20.90
C ASN B 81 13.23 -14.30 -19.80
N TYR B 82 13.84 -14.86 -18.73
CA TYR B 82 13.16 -15.41 -17.57
C TYR B 82 12.45 -14.31 -16.81
N VAL B 83 11.11 -14.41 -16.70
CA VAL B 83 10.32 -13.46 -15.93
C VAL B 83 9.52 -14.27 -14.88
N LYS B 84 9.92 -14.17 -13.62
CA LYS B 84 9.28 -14.83 -12.49
C LYS B 84 7.82 -14.39 -12.28
N GLN B 85 6.95 -15.35 -11.90
CA GLN B 85 5.57 -15.01 -11.55
C GLN B 85 5.33 -15.37 -10.07
N TRP B 86 4.69 -16.53 -9.75
CA TRP B 86 4.45 -16.82 -8.34
C TRP B 86 5.58 -17.70 -7.76
N ARG B 87 5.27 -18.61 -6.84
CA ARG B 87 6.32 -19.46 -6.23
C ARG B 87 7.03 -20.36 -7.25
N HIS B 88 6.26 -20.95 -8.16
CA HIS B 88 6.81 -21.89 -9.16
C HIS B 88 6.71 -21.37 -10.59
N SER B 89 5.69 -20.58 -10.88
CA SER B 89 5.44 -20.09 -12.24
C SER B 89 6.38 -18.96 -12.65
N TYR B 90 6.59 -18.86 -13.97
CA TYR B 90 7.36 -17.83 -14.68
C TYR B 90 7.07 -17.93 -16.20
N THR B 91 7.53 -16.94 -16.98
CA THR B 91 7.43 -17.05 -18.46
C THR B 91 8.84 -16.89 -19.03
N ALA B 92 9.07 -17.34 -20.29
CA ALA B 92 10.42 -17.26 -20.86
C ALA B 92 10.37 -17.44 -22.35
N SER B 93 11.52 -17.15 -22.99
CA SER B 93 11.70 -17.40 -24.40
C SER B 93 12.53 -18.67 -24.46
N TYR B 94 12.42 -19.41 -25.55
CA TYR B 94 13.10 -20.66 -25.74
C TYR B 94 13.61 -20.84 -27.13
N ASP B 95 14.79 -21.39 -27.22
CA ASP B 95 15.37 -21.78 -28.47
C ASP B 95 15.77 -23.21 -28.31
N ILE B 96 15.77 -23.94 -29.40
CA ILE B 96 16.16 -25.34 -29.40
C ILE B 96 17.43 -25.41 -30.24
N TYR B 97 18.43 -26.11 -29.70
CA TYR B 97 19.70 -26.30 -30.36
C TYR B 97 19.84 -27.79 -30.70
N ASP B 98 20.07 -28.09 -31.98
CA ASP B 98 20.29 -29.45 -32.49
C ASP B 98 21.75 -29.81 -32.16
N LEU B 99 21.93 -30.76 -31.24
CA LEU B 99 23.25 -31.19 -30.78
C LEU B 99 24.05 -31.97 -31.81
N ASN B 100 23.36 -32.65 -32.74
CA ASN B 100 23.99 -33.42 -33.81
C ASN B 100 24.53 -32.48 -34.89
N LYS B 101 23.64 -31.65 -35.47
CA LYS B 101 23.93 -30.66 -36.50
C LYS B 101 24.70 -29.44 -35.96
N ARG B 102 24.87 -29.35 -34.64
CA ARG B 102 25.56 -28.27 -33.92
C ARG B 102 25.03 -26.89 -34.36
N GLN B 103 23.70 -26.77 -34.48
CA GLN B 103 23.07 -25.53 -34.88
C GLN B 103 21.72 -25.27 -34.20
N LEU B 104 21.43 -23.98 -34.04
CA LEU B 104 20.21 -23.46 -33.46
C LEU B 104 19.06 -23.59 -34.46
N ILE B 105 17.88 -23.99 -33.98
CA ILE B 105 16.70 -24.14 -34.84
C ILE B 105 16.03 -22.76 -34.97
N THR B 106 15.94 -22.25 -36.20
CA THR B 106 15.39 -20.91 -36.48
C THR B 106 13.99 -20.94 -37.05
N GLU B 107 13.45 -22.13 -37.37
CA GLU B 107 12.11 -22.26 -37.92
C GLU B 107 11.14 -22.79 -36.89
N GLU B 108 9.87 -22.33 -36.96
CA GLU B 108 8.77 -22.77 -36.09
C GLU B 108 9.23 -22.69 -34.64
N ARG B 109 9.74 -21.52 -34.25
CA ARG B 109 10.26 -21.34 -32.90
C ARG B 109 9.15 -21.35 -31.86
N ILE B 110 9.49 -21.73 -30.64
CA ILE B 110 8.58 -21.71 -29.50
C ILE B 110 8.27 -20.23 -29.29
N PRO B 111 6.99 -19.83 -29.15
CA PRO B 111 6.68 -18.40 -29.10
C PRO B 111 7.25 -17.72 -27.87
N ASN B 112 7.32 -16.39 -27.93
CA ASN B 112 7.77 -15.60 -26.79
C ASN B 112 6.62 -15.63 -25.80
N ASN B 113 6.91 -15.44 -24.51
CA ASN B 113 5.87 -15.44 -23.47
C ASN B 113 5.23 -16.82 -23.32
N THR B 114 6.03 -17.88 -23.52
CA THR B 114 5.61 -19.26 -23.31
C THR B 114 5.57 -19.46 -21.79
N GLN B 115 4.45 -20.03 -21.31
CA GLN B 115 4.20 -20.24 -19.88
C GLN B 115 4.85 -21.47 -19.30
N TRP B 116 4.95 -22.54 -20.07
CA TRP B 116 5.54 -23.79 -19.62
C TRP B 116 5.93 -24.59 -20.84
N VAL B 117 7.01 -25.37 -20.73
CA VAL B 117 7.49 -26.26 -21.78
C VAL B 117 8.05 -27.53 -21.19
N THR B 118 7.74 -28.66 -21.81
CA THR B 118 8.29 -29.93 -21.36
C THR B 118 8.54 -30.89 -22.51
N TRP B 119 9.70 -31.57 -22.45
CA TRP B 119 10.01 -32.64 -23.37
C TRP B 119 9.09 -33.82 -23.00
N SER B 120 8.84 -34.73 -23.98
CA SER B 120 8.19 -36.00 -23.72
C SER B 120 9.21 -36.82 -22.84
N PRO B 121 8.82 -37.84 -22.05
CA PRO B 121 9.81 -38.56 -21.21
C PRO B 121 10.82 -39.39 -22.00
N VAL B 122 10.47 -39.73 -23.25
CA VAL B 122 11.27 -40.52 -24.21
C VAL B 122 11.29 -39.71 -25.51
N GLY B 123 12.42 -39.73 -26.23
CA GLY B 123 12.54 -39.05 -27.50
C GLY B 123 12.72 -37.56 -27.41
N HIS B 124 11.99 -36.79 -28.26
CA HIS B 124 12.14 -35.33 -28.32
C HIS B 124 10.86 -34.56 -28.71
N LYS B 125 9.67 -35.09 -28.35
CA LYS B 125 8.42 -34.34 -28.60
C LYS B 125 8.43 -33.23 -27.54
N LEU B 126 7.70 -32.14 -27.80
CA LEU B 126 7.57 -31.06 -26.85
C LEU B 126 6.13 -30.73 -26.65
N ALA B 127 5.74 -30.40 -25.42
CA ALA B 127 4.42 -29.85 -25.16
C ALA B 127 4.70 -28.52 -24.51
N TYR B 128 3.98 -27.46 -24.91
CA TYR B 128 4.15 -26.14 -24.28
C TYR B 128 2.81 -25.46 -24.15
N VAL B 129 2.75 -24.48 -23.26
CA VAL B 129 1.54 -23.72 -22.98
C VAL B 129 1.82 -22.28 -23.33
N TRP B 130 0.98 -21.70 -24.20
CA TRP B 130 1.15 -20.31 -24.65
C TRP B 130 -0.21 -19.67 -24.76
N ASN B 131 -0.39 -18.53 -24.09
CA ASN B 131 -1.70 -17.86 -23.99
C ASN B 131 -2.79 -18.80 -23.43
N ASN B 132 -2.41 -19.62 -22.42
CA ASN B 132 -3.30 -20.53 -21.69
C ASN B 132 -3.83 -21.73 -22.50
N ASP B 133 -3.24 -21.98 -23.68
CA ASP B 133 -3.56 -23.13 -24.49
C ASP B 133 -2.37 -24.06 -24.66
N ILE B 134 -2.67 -25.36 -24.86
CA ILE B 134 -1.62 -26.38 -25.07
C ILE B 134 -1.30 -26.57 -26.53
N TYR B 135 -0.03 -26.74 -26.81
CA TYR B 135 0.57 -27.01 -28.11
C TYR B 135 1.56 -28.17 -28.00
N VAL B 136 1.65 -28.98 -29.06
CA VAL B 136 2.59 -30.10 -29.11
C VAL B 136 3.40 -29.99 -30.39
N LYS B 137 4.72 -30.18 -30.30
CA LYS B 137 5.58 -30.26 -31.48
C LYS B 137 6.13 -31.68 -31.48
N ILE B 138 5.91 -32.41 -32.56
CA ILE B 138 6.44 -33.78 -32.71
C ILE B 138 7.96 -33.71 -33.00
N GLU B 139 8.36 -32.71 -33.80
CA GLU B 139 9.77 -32.46 -34.14
C GLU B 139 10.09 -31.01 -33.84
N PRO B 140 11.28 -30.69 -33.27
CA PRO B 140 11.59 -29.30 -32.89
C PRO B 140 11.52 -28.22 -33.97
N ASN B 141 11.71 -28.57 -35.24
CA ASN B 141 11.69 -27.57 -36.32
C ASN B 141 10.39 -27.60 -37.13
N LEU B 142 9.44 -28.46 -36.73
CA LEU B 142 8.18 -28.60 -37.45
C LEU B 142 7.05 -27.80 -36.77
N PRO B 143 5.94 -27.51 -37.49
CA PRO B 143 4.85 -26.73 -36.86
C PRO B 143 4.22 -27.44 -35.66
N SER B 144 3.72 -26.65 -34.73
CA SER B 144 3.02 -27.15 -33.55
C SER B 144 1.59 -27.55 -33.92
N TYR B 145 1.01 -28.47 -33.14
CA TYR B 145 -0.40 -28.83 -33.23
C TYR B 145 -1.05 -28.17 -32.04
N ARG B 146 -2.12 -27.43 -32.27
CA ARG B 146 -2.87 -26.82 -31.17
C ARG B 146 -3.74 -27.90 -30.54
N ILE B 147 -3.77 -27.98 -29.19
CA ILE B 147 -4.58 -28.99 -28.47
C ILE B 147 -5.86 -28.39 -27.91
N THR B 148 -5.79 -27.15 -27.41
CA THR B 148 -6.95 -26.49 -26.81
C THR B 148 -7.17 -25.12 -27.44
N TRP B 149 -8.43 -24.68 -27.51
CA TRP B 149 -8.80 -23.37 -28.09
C TRP B 149 -9.58 -22.53 -27.05
N THR B 150 -9.71 -23.01 -25.80
CA THR B 150 -10.49 -22.34 -24.75
C THR B 150 -9.72 -21.41 -23.81
N GLY B 151 -8.40 -21.45 -23.88
CA GLY B 151 -7.53 -20.63 -23.02
C GLY B 151 -7.93 -19.17 -23.02
N LYS B 152 -7.94 -18.56 -21.83
CA LYS B 152 -8.37 -17.17 -21.72
C LYS B 152 -7.74 -16.62 -20.47
N GLU B 153 -6.94 -15.53 -20.60
CA GLU B 153 -6.21 -14.91 -19.49
C GLU B 153 -7.08 -14.74 -18.25
N ASP B 154 -6.63 -15.25 -17.08
CA ASP B 154 -7.32 -15.19 -15.77
C ASP B 154 -8.64 -15.92 -15.71
N ILE B 155 -8.98 -16.70 -16.74
CA ILE B 155 -10.28 -17.37 -16.74
C ILE B 155 -10.16 -18.86 -17.00
N ILE B 156 -9.61 -19.25 -18.16
CA ILE B 156 -9.43 -20.66 -18.52
C ILE B 156 -7.96 -20.96 -18.65
N TYR B 157 -7.48 -21.94 -17.86
CA TYR B 157 -6.08 -22.33 -17.88
C TYR B 157 -6.01 -23.77 -18.37
N ASN B 158 -5.38 -24.01 -19.52
CA ASN B 158 -5.22 -25.41 -19.99
C ASN B 158 -3.77 -25.81 -19.82
N GLY B 159 -3.52 -26.88 -19.07
CA GLY B 159 -2.15 -27.38 -18.94
C GLY B 159 -1.24 -26.59 -18.01
N ILE B 160 -1.79 -25.57 -17.37
CA ILE B 160 -1.10 -24.79 -16.33
C ILE B 160 -2.11 -24.58 -15.23
N THR B 161 -1.61 -24.42 -14.01
CA THR B 161 -2.48 -24.21 -12.86
C THR B 161 -2.86 -22.75 -12.70
N ASP B 162 -3.91 -22.46 -11.91
CA ASP B 162 -4.23 -21.10 -11.55
C ASP B 162 -3.43 -20.80 -10.25
N TRP B 163 -3.64 -19.63 -9.63
CA TRP B 163 -2.85 -19.30 -8.45
C TRP B 163 -2.93 -20.35 -7.33
N VAL B 164 -4.13 -20.72 -6.94
CA VAL B 164 -4.34 -21.61 -5.77
C VAL B 164 -3.91 -23.05 -6.04
N TYR B 165 -4.10 -23.54 -7.27
CA TYR B 165 -3.62 -24.89 -7.58
C TYR B 165 -2.09 -24.92 -7.62
N GLU B 166 -1.49 -23.84 -8.15
CA GLU B 166 -0.03 -23.76 -8.16
C GLU B 166 0.52 -23.81 -6.72
N GLU B 167 0.03 -22.91 -5.86
CA GLU B 167 0.57 -22.78 -4.50
C GLU B 167 0.20 -23.95 -3.56
N GLU B 168 -1.08 -24.35 -3.55
CA GLU B 168 -1.62 -25.28 -2.56
C GLU B 168 -1.88 -26.74 -2.96
N VAL B 169 -1.95 -27.05 -4.24
CA VAL B 169 -2.29 -28.43 -4.66
C VAL B 169 -1.12 -29.09 -5.34
N PHE B 170 -0.65 -28.54 -6.45
CA PHE B 170 0.42 -29.20 -7.20
C PHE B 170 1.84 -28.77 -6.87
N SER B 171 2.06 -27.61 -6.19
CA SER B 171 3.43 -27.08 -5.93
C SER B 171 4.17 -26.98 -7.26
N ALA B 172 3.42 -26.59 -8.30
CA ALA B 172 3.96 -26.52 -9.66
C ALA B 172 3.02 -25.72 -10.49
N TYR B 173 3.56 -25.10 -11.53
CA TYR B 173 2.78 -24.34 -12.49
C TYR B 173 2.24 -25.31 -13.50
N SER B 174 3.01 -26.34 -13.82
CA SER B 174 2.62 -27.32 -14.84
C SER B 174 1.37 -28.11 -14.47
N ALA B 175 0.47 -28.33 -15.46
CA ALA B 175 -0.69 -29.21 -15.27
C ALA B 175 -0.81 -30.07 -16.53
N LEU B 176 0.35 -30.61 -16.99
CA LEU B 176 0.55 -31.49 -18.18
C LEU B 176 1.27 -32.73 -17.66
N TRP B 177 0.87 -33.93 -18.11
CA TRP B 177 1.52 -35.17 -17.70
C TRP B 177 1.62 -36.12 -18.89
N TRP B 178 2.82 -36.28 -19.45
CA TRP B 178 3.05 -37.19 -20.57
C TRP B 178 2.96 -38.63 -20.05
N SER B 179 2.44 -39.55 -20.89
CA SER B 179 2.45 -40.99 -20.55
C SER B 179 3.92 -41.48 -20.60
N PRO B 180 4.29 -42.63 -20.01
CA PRO B 180 5.73 -42.98 -19.89
C PRO B 180 6.52 -43.03 -21.19
N ASN B 181 5.92 -43.49 -22.28
CA ASN B 181 6.63 -43.54 -23.56
C ASN B 181 6.22 -42.34 -24.49
N GLY B 182 5.43 -41.42 -23.95
CA GLY B 182 5.03 -40.18 -24.62
C GLY B 182 3.94 -40.28 -25.65
N THR B 183 3.22 -41.41 -25.71
CA THR B 183 2.09 -41.54 -26.66
C THR B 183 0.97 -40.58 -26.27
N PHE B 184 0.60 -40.59 -24.98
CA PHE B 184 -0.49 -39.74 -24.52
C PHE B 184 -0.01 -38.51 -23.77
N LEU B 185 -0.80 -37.44 -23.87
CA LEU B 185 -0.57 -36.23 -23.08
C LEU B 185 -1.80 -35.98 -22.27
N ALA B 186 -1.69 -36.13 -20.93
CA ALA B 186 -2.82 -35.86 -20.04
C ALA B 186 -2.72 -34.41 -19.57
N TYR B 187 -3.84 -33.76 -19.30
CA TYR B 187 -3.79 -32.38 -18.79
C TYR B 187 -5.02 -31.98 -18.04
N ALA B 188 -4.87 -31.00 -17.16
CA ALA B 188 -5.99 -30.42 -16.43
C ALA B 188 -6.36 -29.07 -17.04
N GLN B 189 -7.64 -28.74 -16.92
CA GLN B 189 -8.19 -27.44 -17.34
C GLN B 189 -8.87 -26.81 -16.13
N PHE B 190 -8.47 -25.58 -15.77
CA PHE B 190 -9.04 -24.87 -14.62
C PHE B 190 -9.87 -23.74 -15.10
N ASN B 191 -11.03 -23.58 -14.47
CA ASN B 191 -11.98 -22.54 -14.84
C ASN B 191 -12.20 -21.60 -13.66
N ASP B 192 -11.65 -20.38 -13.77
CA ASP B 192 -11.72 -19.37 -12.71
C ASP B 192 -12.80 -18.29 -12.95
N THR B 193 -13.75 -18.53 -13.86
CA THR B 193 -14.78 -17.52 -14.21
C THR B 193 -15.37 -16.75 -13.02
N GLU B 194 -15.80 -17.46 -11.98
CA GLU B 194 -16.47 -16.80 -10.83
C GLU B 194 -15.61 -16.69 -9.58
N VAL B 195 -14.32 -16.94 -9.72
CA VAL B 195 -13.39 -16.82 -8.62
C VAL B 195 -13.12 -15.31 -8.40
N PRO B 196 -13.33 -14.76 -7.20
CA PRO B 196 -13.04 -13.32 -7.02
C PRO B 196 -11.57 -12.98 -7.20
N LEU B 197 -11.28 -11.70 -7.52
CA LEU B 197 -9.89 -11.27 -7.72
C LEU B 197 -9.31 -10.52 -6.54
N ILE B 198 -8.05 -10.78 -6.22
CA ILE B 198 -7.32 -9.93 -5.27
C ILE B 198 -6.73 -8.86 -6.18
N GLU B 199 -6.74 -7.61 -5.75
CA GLU B 199 -6.21 -6.48 -6.50
C GLU B 199 -5.23 -5.72 -5.61
N TYR B 200 -4.07 -5.38 -6.14
CA TYR B 200 -3.08 -4.60 -5.39
C TYR B 200 -2.22 -3.79 -6.34
N SER B 201 -1.68 -2.66 -5.86
CA SER B 201 -0.87 -1.80 -6.71
C SER B 201 0.55 -2.35 -6.83
N PHE B 202 1.13 -2.14 -8.02
CA PHE B 202 2.51 -2.50 -8.32
C PHE B 202 3.11 -1.20 -8.85
N TYR B 203 4.14 -0.70 -8.17
CA TYR B 203 4.68 0.64 -8.46
C TYR B 203 5.68 0.64 -9.55
N SER B 204 6.46 -0.45 -9.68
CA SER B 204 7.46 -0.62 -10.74
C SER B 204 8.58 0.41 -10.64
N ASP B 205 9.38 0.58 -11.71
CA ASP B 205 10.47 1.56 -11.76
C ASP B 205 9.91 2.96 -11.54
N GLU B 206 10.72 3.89 -11.01
CA GLU B 206 10.21 5.23 -10.74
C GLU B 206 9.71 5.97 -12.01
N SER B 207 10.15 5.52 -13.21
CA SER B 207 9.70 6.08 -14.50
C SER B 207 8.20 5.84 -14.74
N LEU B 208 7.60 4.82 -14.09
CA LEU B 208 6.17 4.54 -14.29
C LEU B 208 5.31 5.61 -13.60
N GLN B 209 4.58 6.41 -14.42
CA GLN B 209 3.78 7.55 -13.88
C GLN B 209 2.57 7.13 -13.04
N TYR B 210 1.78 6.15 -13.54
CA TYR B 210 0.61 5.63 -12.81
C TYR B 210 0.93 4.22 -12.34
N PRO B 211 0.73 3.87 -11.05
CA PRO B 211 0.95 2.48 -10.63
C PRO B 211 0.01 1.53 -11.37
N LYS B 212 0.43 0.27 -11.50
CA LYS B 212 -0.36 -0.75 -12.18
C LYS B 212 -1.20 -1.44 -11.12
N THR B 213 -2.40 -1.87 -11.46
CA THR B 213 -3.19 -2.68 -10.52
C THR B 213 -3.03 -4.14 -10.95
N VAL B 214 -2.45 -4.96 -10.10
CA VAL B 214 -2.28 -6.39 -10.37
C VAL B 214 -3.61 -7.07 -9.96
N ARG B 215 -4.20 -7.92 -10.81
CA ARG B 215 -5.50 -8.54 -10.49
C ARG B 215 -5.35 -10.04 -10.66
N VAL B 216 -5.57 -10.81 -9.58
CA VAL B 216 -5.33 -12.26 -9.63
C VAL B 216 -6.54 -13.02 -9.12
N PRO B 217 -7.10 -14.00 -9.89
CA PRO B 217 -8.16 -14.86 -9.34
C PRO B 217 -7.60 -15.65 -8.15
N TYR B 218 -8.16 -15.38 -6.96
CA TYR B 218 -7.68 -15.92 -5.70
C TYR B 218 -8.89 -16.14 -4.84
N PRO B 219 -9.24 -17.41 -4.57
CA PRO B 219 -10.36 -17.65 -3.65
C PRO B 219 -9.88 -17.59 -2.18
N LYS B 220 -10.43 -16.65 -1.42
CA LYS B 220 -10.17 -16.55 0.01
C LYS B 220 -11.08 -17.59 0.69
N ALA B 221 -10.90 -17.84 2.00
CA ALA B 221 -11.66 -18.89 2.68
C ALA B 221 -13.19 -18.77 2.50
N GLY B 222 -13.81 -19.86 2.04
CA GLY B 222 -15.25 -19.92 1.81
C GLY B 222 -15.73 -19.26 0.53
N ALA B 223 -14.82 -18.67 -0.29
CA ALA B 223 -15.24 -18.04 -1.56
C ALA B 223 -15.46 -19.09 -2.68
N VAL B 224 -15.92 -18.63 -3.85
CA VAL B 224 -16.10 -19.52 -5.02
C VAL B 224 -14.70 -19.98 -5.48
N ASN B 225 -14.50 -21.30 -5.61
CA ASN B 225 -13.25 -21.93 -6.03
C ASN B 225 -13.24 -22.16 -7.52
N PRO B 226 -12.02 -22.32 -8.13
CA PRO B 226 -11.99 -22.73 -9.55
C PRO B 226 -12.56 -24.15 -9.65
N THR B 227 -13.07 -24.51 -10.84
CA THR B 227 -13.55 -25.85 -11.12
C THR B 227 -12.47 -26.46 -12.02
N VAL B 228 -12.46 -27.77 -12.14
CA VAL B 228 -11.40 -28.46 -12.88
C VAL B 228 -11.99 -29.56 -13.73
N LYS B 229 -11.34 -29.83 -14.87
CA LYS B 229 -11.68 -30.93 -15.77
C LYS B 229 -10.37 -31.57 -16.15
N PHE B 230 -10.40 -32.86 -16.55
CA PHE B 230 -9.21 -33.62 -16.87
C PHE B 230 -9.39 -34.27 -18.21
N PHE B 231 -8.36 -34.21 -19.07
CA PHE B 231 -8.39 -34.74 -20.44
C PHE B 231 -7.12 -35.50 -20.78
N VAL B 232 -7.21 -36.40 -21.75
CA VAL B 232 -6.08 -37.15 -22.26
C VAL B 232 -6.18 -37.10 -23.80
N VAL B 233 -5.07 -36.75 -24.46
CA VAL B 233 -5.01 -36.71 -25.92
C VAL B 233 -3.93 -37.66 -26.40
N ASN B 234 -4.22 -38.36 -27.48
CA ASN B 234 -3.25 -39.27 -28.07
C ASN B 234 -2.41 -38.44 -29.07
N THR B 235 -1.15 -38.11 -28.70
CA THR B 235 -0.24 -37.29 -29.53
C THR B 235 0.23 -38.00 -30.79
N ASP B 236 0.18 -39.35 -30.81
CA ASP B 236 0.57 -40.14 -31.98
C ASP B 236 -0.46 -40.02 -33.10
N SER B 237 -1.65 -39.46 -32.83
CA SER B 237 -2.70 -39.30 -33.84
C SER B 237 -2.67 -37.91 -34.50
N LEU B 238 -1.88 -36.98 -33.94
CA LEU B 238 -1.82 -35.58 -34.35
C LEU B 238 -1.51 -35.35 -35.82
N SER B 239 -0.54 -36.07 -36.38
CA SER B 239 -0.15 -35.90 -37.79
C SER B 239 -1.10 -36.61 -38.74
N SER B 240 -2.12 -37.34 -38.21
CA SER B 240 -3.09 -38.13 -38.97
C SER B 240 -4.50 -37.55 -39.01
N VAL B 241 -4.85 -36.73 -38.01
CA VAL B 241 -6.20 -36.14 -37.96
C VAL B 241 -6.10 -34.62 -37.87
N THR B 242 -7.09 -33.89 -38.42
CA THR B 242 -7.03 -32.41 -38.42
C THR B 242 -7.10 -31.88 -37.00
N ASN B 243 -7.90 -32.52 -36.14
CA ASN B 243 -8.09 -32.00 -34.80
C ASN B 243 -8.31 -33.14 -33.81
N ALA B 244 -7.21 -33.68 -33.24
CA ALA B 244 -7.25 -34.83 -32.33
C ALA B 244 -8.10 -34.60 -31.07
N THR B 245 -8.96 -35.57 -30.75
CA THR B 245 -9.90 -35.41 -29.63
C THR B 245 -9.23 -35.55 -28.28
N SER B 246 -9.51 -34.60 -27.37
CA SER B 246 -9.08 -34.68 -26.00
C SER B 246 -10.21 -35.43 -25.30
N ILE B 247 -9.93 -36.60 -24.76
CA ILE B 247 -10.96 -37.42 -24.10
C ILE B 247 -11.02 -37.01 -22.65
N GLN B 248 -12.21 -36.66 -22.18
CA GLN B 248 -12.36 -36.27 -20.79
C GLN B 248 -12.48 -37.48 -19.88
N ILE B 249 -11.86 -37.39 -18.71
CA ILE B 249 -12.05 -38.39 -17.66
C ILE B 249 -12.77 -37.60 -16.55
N THR B 250 -14.05 -37.93 -16.30
CA THR B 250 -14.83 -37.21 -15.30
C THR B 250 -14.50 -37.71 -13.88
N ALA B 251 -14.68 -36.84 -12.90
CA ALA B 251 -14.45 -37.15 -11.49
C ALA B 251 -15.51 -38.18 -11.02
N PRO B 252 -15.27 -39.00 -9.98
CA PRO B 252 -16.33 -39.94 -9.55
C PRO B 252 -17.55 -39.23 -8.98
N ALA B 253 -18.70 -39.94 -8.96
CA ALA B 253 -19.95 -39.43 -8.42
C ALA B 253 -19.79 -38.90 -6.99
N SER B 254 -18.99 -39.57 -6.15
CA SER B 254 -18.77 -39.14 -4.76
C SER B 254 -18.10 -37.72 -4.67
N MET B 255 -17.44 -37.28 -5.76
CA MET B 255 -16.79 -35.96 -5.83
C MET B 255 -17.74 -34.94 -6.48
N LEU B 256 -18.42 -35.36 -7.57
CA LEU B 256 -19.34 -34.50 -8.35
C LEU B 256 -20.54 -33.93 -7.56
N ILE B 257 -20.87 -34.50 -6.39
CA ILE B 257 -21.96 -34.03 -5.50
C ILE B 257 -21.69 -32.63 -4.93
N GLY B 258 -20.44 -32.19 -4.95
CA GLY B 258 -20.13 -30.88 -4.41
C GLY B 258 -18.79 -30.37 -4.90
N ASP B 259 -18.29 -29.31 -4.26
CA ASP B 259 -16.99 -28.75 -4.67
C ASP B 259 -15.88 -29.75 -4.41
N HIS B 260 -14.90 -29.80 -5.29
CA HIS B 260 -13.80 -30.76 -5.16
C HIS B 260 -12.55 -30.23 -5.85
N TYR B 261 -11.47 -31.00 -5.73
CA TYR B 261 -10.17 -30.70 -6.36
C TYR B 261 -9.61 -31.93 -7.03
N LEU B 262 -8.82 -31.73 -8.09
CA LEU B 262 -8.00 -32.78 -8.63
C LEU B 262 -6.66 -32.61 -7.85
N CYS B 263 -6.23 -33.65 -7.10
CA CYS B 263 -5.01 -33.46 -6.27
C CYS B 263 -3.81 -34.31 -6.69
N ASP B 264 -3.93 -35.30 -7.61
CA ASP B 264 -2.76 -36.07 -8.03
C ASP B 264 -3.02 -36.73 -9.36
N VAL B 265 -1.97 -36.77 -10.19
CA VAL B 265 -2.01 -37.42 -11.50
C VAL B 265 -0.74 -38.25 -11.60
N THR B 266 -0.90 -39.56 -11.78
CA THR B 266 0.25 -40.47 -11.89
C THR B 266 -0.06 -41.54 -12.93
N TRP B 267 0.77 -41.61 -13.97
CA TRP B 267 0.67 -42.67 -14.99
C TRP B 267 1.19 -43.97 -14.36
N ALA B 268 0.46 -45.07 -14.57
CA ALA B 268 0.83 -46.38 -14.04
C ALA B 268 1.57 -47.18 -15.10
N THR B 269 1.06 -47.15 -16.34
CA THR B 269 1.65 -47.88 -17.48
C THR B 269 1.42 -47.00 -18.73
N GLN B 270 1.70 -47.53 -19.93
CA GLN B 270 1.46 -46.80 -21.18
C GLN B 270 -0.03 -46.52 -21.41
N GLU B 271 -0.90 -47.34 -20.79
CA GLU B 271 -2.32 -47.27 -21.04
C GLU B 271 -3.15 -47.25 -19.78
N ARG B 272 -2.57 -46.85 -18.67
CA ARG B 272 -3.27 -46.79 -17.39
C ARG B 272 -2.83 -45.54 -16.63
N ILE B 273 -3.78 -44.74 -16.21
CA ILE B 273 -3.49 -43.53 -15.44
C ILE B 273 -4.28 -43.55 -14.14
N SER B 274 -3.69 -43.00 -13.09
CA SER B 274 -4.37 -42.91 -11.81
C SER B 274 -4.55 -41.45 -11.50
N LEU B 275 -5.72 -41.12 -10.99
CA LEU B 275 -6.10 -39.76 -10.62
C LEU B 275 -6.59 -39.75 -9.20
N GLN B 276 -6.17 -38.77 -8.41
CA GLN B 276 -6.70 -38.62 -7.07
C GLN B 276 -7.49 -37.34 -6.99
N TRP B 277 -8.70 -37.43 -6.42
CA TRP B 277 -9.62 -36.33 -6.24
C TRP B 277 -9.86 -36.09 -4.73
N LEU B 278 -10.06 -34.84 -4.34
CA LEU B 278 -10.26 -34.48 -2.93
C LEU B 278 -11.50 -33.59 -2.78
N ARG B 279 -12.38 -33.91 -1.82
CA ARG B 279 -13.56 -33.09 -1.59
C ARG B 279 -13.11 -31.75 -1.02
N ARG B 280 -13.91 -30.69 -1.21
CA ARG B 280 -13.59 -29.36 -0.61
C ARG B 280 -13.42 -29.45 0.93
N ILE B 281 -14.17 -30.34 1.60
CA ILE B 281 -13.94 -30.69 3.02
C ILE B 281 -12.91 -31.82 2.87
N GLN B 282 -11.65 -31.50 3.12
CA GLN B 282 -10.48 -32.30 2.73
C GLN B 282 -10.11 -33.50 3.62
N ASN B 283 -11.12 -34.24 4.04
CA ASN B 283 -10.92 -35.45 4.85
C ASN B 283 -11.43 -36.69 4.11
N TYR B 284 -11.67 -36.55 2.79
CA TYR B 284 -12.16 -37.63 1.94
C TYR B 284 -11.55 -37.48 0.55
N SER B 285 -10.80 -38.49 0.14
CA SER B 285 -10.17 -38.49 -1.18
C SER B 285 -10.45 -39.81 -1.87
N VAL B 286 -10.53 -39.75 -3.20
CA VAL B 286 -10.80 -40.93 -4.01
C VAL B 286 -9.75 -41.03 -5.12
N MET B 287 -9.16 -42.21 -5.27
CA MET B 287 -8.26 -42.51 -6.39
C MET B 287 -8.98 -43.36 -7.42
N ASP B 288 -8.98 -42.90 -8.66
CA ASP B 288 -9.54 -43.65 -9.79
C ASP B 288 -8.37 -44.21 -10.58
N ILE B 289 -8.51 -45.43 -11.13
CA ILE B 289 -7.45 -46.06 -11.96
C ILE B 289 -8.13 -46.36 -13.28
N CYS B 290 -7.68 -45.68 -14.35
CA CYS B 290 -8.35 -45.66 -15.65
C CYS B 290 -7.53 -46.27 -16.75
N ASP B 291 -8.16 -47.13 -17.55
CA ASP B 291 -7.54 -47.83 -18.65
C ASP B 291 -8.01 -47.36 -20.01
N TYR B 292 -7.07 -47.29 -20.95
CA TYR B 292 -7.39 -46.92 -22.31
C TYR B 292 -8.11 -48.11 -22.95
N ASP B 293 -9.25 -47.85 -23.57
CA ASP B 293 -10.06 -48.83 -24.30
C ASP B 293 -9.83 -48.55 -25.79
N GLU B 294 -8.90 -49.30 -26.38
CA GLU B 294 -8.43 -49.26 -27.77
C GLU B 294 -9.54 -49.34 -28.82
N SER B 295 -10.68 -49.99 -28.51
CA SER B 295 -11.79 -50.14 -29.46
C SER B 295 -12.65 -48.89 -29.60
N SER B 296 -12.87 -48.19 -28.47
CA SER B 296 -13.71 -46.99 -28.39
C SER B 296 -12.90 -45.69 -28.34
N GLY B 297 -11.61 -45.79 -28.02
CA GLY B 297 -10.73 -44.65 -27.84
C GLY B 297 -11.04 -43.88 -26.57
N ARG B 298 -11.77 -44.51 -25.63
CA ARG B 298 -12.16 -43.91 -24.35
C ARG B 298 -11.26 -44.41 -23.19
N TRP B 299 -11.39 -43.77 -22.02
CA TRP B 299 -10.69 -44.11 -20.79
C TRP B 299 -11.72 -44.54 -19.77
N ASN B 300 -11.62 -45.76 -19.29
CA ASN B 300 -12.63 -46.26 -18.34
C ASN B 300 -12.02 -46.52 -16.98
N CYS B 301 -12.71 -46.06 -15.92
CA CYS B 301 -12.25 -46.19 -14.55
C CYS B 301 -13.19 -47.16 -13.80
N LEU B 302 -12.80 -48.44 -13.71
CA LEU B 302 -13.58 -49.47 -13.01
C LEU B 302 -13.75 -49.12 -11.55
N VAL B 303 -15.00 -49.18 -11.04
CA VAL B 303 -15.27 -48.90 -9.62
C VAL B 303 -14.52 -49.90 -8.74
N ALA B 304 -14.31 -51.15 -9.25
CA ALA B 304 -13.53 -52.15 -8.52
C ALA B 304 -12.06 -51.71 -8.30
N ARG B 305 -11.60 -50.66 -9.04
CA ARG B 305 -10.21 -50.17 -8.90
C ARG B 305 -10.14 -48.80 -8.25
N GLN B 306 -11.24 -48.39 -7.64
CA GLN B 306 -11.34 -47.08 -6.99
C GLN B 306 -10.95 -47.21 -5.52
N HIS B 307 -10.04 -46.36 -5.02
CA HIS B 307 -9.51 -46.43 -3.66
C HIS B 307 -9.88 -45.19 -2.86
N ILE B 308 -10.46 -45.38 -1.66
CA ILE B 308 -10.90 -44.27 -0.79
C ILE B 308 -9.85 -44.04 0.30
N GLU B 309 -9.52 -42.76 0.56
CA GLU B 309 -8.59 -42.46 1.66
C GLU B 309 -9.29 -41.38 2.46
N MET B 310 -9.61 -41.66 3.72
CA MET B 310 -10.33 -40.70 4.52
C MET B 310 -9.71 -40.54 5.90
N SER B 311 -10.05 -39.45 6.58
CA SER B 311 -9.52 -39.19 7.92
C SER B 311 -10.62 -38.74 8.81
N THR B 312 -10.69 -39.37 9.99
CA THR B 312 -11.65 -39.07 11.05
C THR B 312 -11.11 -38.00 12.02
N THR B 313 -9.77 -37.87 12.14
CA THR B 313 -9.14 -36.91 13.07
C THR B 313 -8.69 -35.57 12.43
N GLY B 314 -8.53 -35.54 11.12
CA GLY B 314 -8.06 -34.34 10.45
C GLY B 314 -8.31 -34.39 8.96
N TRP B 315 -7.36 -33.88 8.20
CA TRP B 315 -7.42 -33.83 6.75
C TRP B 315 -6.68 -35.04 6.19
N VAL B 316 -6.66 -35.23 4.87
CA VAL B 316 -5.97 -36.36 4.22
C VAL B 316 -4.59 -35.88 3.76
N GLY B 317 -3.56 -36.62 4.15
CA GLY B 317 -2.17 -36.36 3.75
C GLY B 317 -1.47 -35.33 4.60
N ARG B 318 -0.19 -35.09 4.37
CA ARG B 318 0.51 -34.07 5.15
C ARG B 318 0.00 -32.71 4.69
N PHE B 319 0.10 -32.45 3.37
CA PHE B 319 -0.45 -31.22 2.77
C PHE B 319 -1.46 -31.61 1.71
N ARG B 320 -1.40 -32.86 1.24
CA ARG B 320 -2.33 -33.40 0.24
C ARG B 320 -2.15 -34.92 0.22
N PRO B 321 -3.12 -35.71 -0.34
CA PRO B 321 -2.91 -37.17 -0.39
C PRO B 321 -1.61 -37.51 -1.11
N SER B 322 -0.90 -38.54 -0.64
CA SER B 322 0.40 -38.94 -1.17
C SER B 322 0.25 -39.60 -2.55
N GLU B 323 1.33 -39.58 -3.32
CA GLU B 323 1.31 -40.15 -4.65
C GLU B 323 1.55 -41.66 -4.63
N PRO B 324 0.95 -42.42 -5.56
CA PRO B 324 1.23 -43.86 -5.62
C PRO B 324 2.49 -44.14 -6.44
N HIS B 325 3.16 -45.25 -6.15
CA HIS B 325 4.34 -45.67 -6.91
C HIS B 325 3.97 -47.04 -7.44
N PHE B 326 3.72 -47.13 -8.75
CA PHE B 326 3.28 -48.37 -9.37
C PHE B 326 4.40 -49.34 -9.69
N THR B 327 4.12 -50.65 -9.52
CA THR B 327 5.01 -51.72 -9.97
C THR B 327 5.00 -51.65 -11.50
N LEU B 328 6.04 -52.20 -12.15
CA LEU B 328 6.19 -52.14 -13.61
C LEU B 328 4.93 -52.58 -14.41
N ASP B 329 4.28 -53.69 -14.00
CA ASP B 329 3.07 -54.15 -14.71
C ASP B 329 1.83 -53.26 -14.44
N GLY B 330 1.94 -52.30 -13.53
CA GLY B 330 0.84 -51.38 -13.16
C GLY B 330 -0.32 -52.05 -12.44
N ASN B 331 -0.11 -53.28 -11.91
CA ASN B 331 -1.20 -54.02 -11.21
C ASN B 331 -1.21 -53.87 -9.69
N SER B 332 -0.22 -53.17 -9.17
CA SER B 332 -0.14 -52.92 -7.74
C SER B 332 0.68 -51.66 -7.53
N PHE B 333 0.58 -51.07 -6.34
CA PHE B 333 1.29 -49.83 -6.07
C PHE B 333 1.55 -49.67 -4.56
N TYR B 334 2.51 -48.82 -4.23
CA TYR B 334 2.89 -48.50 -2.86
C TYR B 334 2.54 -47.07 -2.66
N LYS B 335 2.05 -46.75 -1.48
CA LYS B 335 1.61 -45.40 -1.14
C LYS B 335 1.80 -45.18 0.36
N ILE B 336 2.18 -43.96 0.77
CA ILE B 336 2.34 -43.61 2.17
C ILE B 336 0.99 -43.21 2.68
N ILE B 337 0.51 -43.86 3.75
CA ILE B 337 -0.77 -43.53 4.34
C ILE B 337 -0.64 -43.61 5.85
N SER B 338 -1.57 -42.96 6.55
CA SER B 338 -1.55 -42.96 8.00
C SER B 338 -2.11 -44.30 8.51
N ASN B 339 -1.35 -44.99 9.37
CA ASN B 339 -1.85 -46.29 9.86
C ASN B 339 -2.87 -46.11 11.01
N GLU B 340 -3.33 -47.24 11.60
CA GLU B 340 -4.27 -47.27 12.72
C GLU B 340 -3.79 -46.46 13.95
N GLU B 341 -2.47 -46.38 14.17
CA GLU B 341 -1.86 -45.61 15.29
C GLU B 341 -1.58 -44.13 14.89
N GLY B 342 -1.92 -43.75 13.67
CA GLY B 342 -1.71 -42.36 13.22
C GLY B 342 -0.32 -42.06 12.68
N TYR B 343 0.52 -43.11 12.43
CA TYR B 343 1.87 -42.95 11.82
C TYR B 343 1.86 -43.28 10.35
N ARG B 344 2.46 -42.39 9.54
CA ARG B 344 2.55 -42.54 8.10
C ARG B 344 3.57 -43.61 7.70
N HIS B 345 3.08 -44.66 7.03
CA HIS B 345 3.86 -45.82 6.65
C HIS B 345 3.51 -46.25 5.28
N ILE B 346 4.36 -47.11 4.69
CA ILE B 346 4.13 -47.54 3.31
C ILE B 346 3.15 -48.72 3.30
N CYS B 347 2.10 -48.60 2.49
CA CYS B 347 1.08 -49.61 2.32
C CYS B 347 1.13 -50.09 0.88
N TYR B 348 0.98 -51.41 0.69
CA TYR B 348 1.05 -52.04 -0.63
C TYR B 348 -0.36 -52.46 -1.05
N PHE B 349 -0.79 -51.98 -2.24
CA PHE B 349 -2.15 -52.19 -2.73
C PHE B 349 -2.15 -53.01 -4.01
N GLN B 350 -3.17 -53.87 -4.21
CA GLN B 350 -3.42 -54.52 -5.50
C GLN B 350 -4.44 -53.55 -6.10
N ILE B 351 -4.39 -53.26 -7.42
CA ILE B 351 -5.27 -52.21 -7.96
C ILE B 351 -6.77 -52.49 -7.78
N ASP B 352 -7.20 -53.76 -7.73
CA ASP B 352 -8.63 -54.05 -7.57
C ASP B 352 -9.00 -54.67 -6.22
N LYS B 353 -8.17 -54.43 -5.19
CA LYS B 353 -8.46 -54.90 -3.83
C LYS B 353 -8.49 -53.70 -2.93
N LYS B 354 -9.51 -53.57 -2.09
CA LYS B 354 -9.61 -52.39 -1.23
C LYS B 354 -8.68 -52.42 0.00
N ASP B 355 -8.41 -53.58 0.57
CA ASP B 355 -7.53 -53.62 1.74
C ASP B 355 -6.06 -53.65 1.35
N CYS B 356 -5.23 -52.78 1.94
CA CYS B 356 -3.80 -52.75 1.63
C CYS B 356 -3.00 -53.44 2.74
N THR B 357 -1.72 -53.73 2.50
CA THR B 357 -0.83 -54.35 3.50
C THR B 357 0.26 -53.36 3.88
N PHE B 358 0.39 -53.03 5.16
CA PHE B 358 1.48 -52.15 5.57
C PHE B 358 2.80 -52.90 5.48
N ILE B 359 3.83 -52.28 4.89
CA ILE B 359 5.15 -52.94 4.74
C ILE B 359 6.14 -52.37 5.74
N THR B 360 5.79 -51.23 6.37
CA THR B 360 6.60 -50.62 7.41
C THR B 360 5.66 -50.31 8.57
N LYS B 361 6.20 -50.22 9.80
CA LYS B 361 5.43 -49.85 11.00
C LYS B 361 6.38 -49.36 12.07
N GLY B 362 5.84 -48.70 13.07
CA GLY B 362 6.66 -48.19 14.16
C GLY B 362 6.26 -46.78 14.52
N THR B 363 6.79 -46.29 15.66
CA THR B 363 6.44 -44.95 16.15
C THR B 363 7.42 -43.94 15.55
N TRP B 364 7.36 -43.81 14.22
CA TRP B 364 8.20 -42.93 13.39
C TRP B 364 7.50 -42.89 12.03
N GLU B 365 7.96 -42.04 11.11
CA GLU B 365 7.22 -41.97 9.86
C GLU B 365 8.08 -42.09 8.64
N VAL B 366 7.45 -42.58 7.54
CA VAL B 366 8.09 -42.61 6.24
C VAL B 366 7.86 -41.18 5.67
N ILE B 367 8.92 -40.53 5.21
CA ILE B 367 8.86 -39.18 4.63
C ILE B 367 8.49 -39.26 3.15
N GLY B 368 9.17 -40.14 2.41
CA GLY B 368 8.91 -40.30 0.98
C GLY B 368 9.45 -41.59 0.40
N ILE B 369 8.81 -42.04 -0.69
CA ILE B 369 9.25 -43.22 -1.45
C ILE B 369 10.14 -42.65 -2.52
N GLU B 370 11.40 -43.13 -2.61
CA GLU B 370 12.36 -42.52 -3.55
C GLU B 370 12.59 -43.26 -4.84
N ALA B 371 12.47 -44.60 -4.81
CA ALA B 371 12.66 -45.43 -6.00
C ALA B 371 12.07 -46.79 -5.73
N LEU B 372 11.65 -47.45 -6.80
CA LEU B 372 11.06 -48.77 -6.75
C LEU B 372 11.64 -49.58 -7.89
N THR B 373 12.27 -50.73 -7.57
CA THR B 373 12.79 -51.67 -8.58
C THR B 373 11.96 -52.95 -8.45
N SER B 374 12.23 -53.96 -9.30
CA SER B 374 11.51 -55.22 -9.19
C SER B 374 11.80 -55.93 -7.85
N ASP B 375 12.97 -55.65 -7.23
CA ASP B 375 13.33 -56.32 -5.99
C ASP B 375 13.30 -55.46 -4.75
N TYR B 376 13.46 -54.13 -4.89
CA TYR B 376 13.53 -53.27 -3.72
C TYR B 376 12.73 -51.99 -3.81
N LEU B 377 12.32 -51.47 -2.65
CA LEU B 377 11.71 -50.15 -2.57
C LEU B 377 12.64 -49.35 -1.65
N TYR B 378 13.01 -48.15 -2.07
CA TYR B 378 13.90 -47.23 -1.32
C TYR B 378 13.08 -46.10 -0.78
N TYR B 379 13.28 -45.75 0.50
CA TYR B 379 12.48 -44.67 1.07
C TYR B 379 13.29 -43.89 2.08
N ILE B 380 12.83 -42.68 2.44
CA ILE B 380 13.49 -41.86 3.47
C ILE B 380 12.56 -41.90 4.67
N SER B 381 13.13 -42.03 5.89
CA SER B 381 12.29 -41.96 7.09
C SER B 381 13.09 -41.34 8.21
N ASN B 382 12.42 -41.03 9.34
CA ASN B 382 13.09 -40.45 10.50
C ASN B 382 13.15 -41.56 11.61
N GLU B 383 13.26 -42.84 11.21
CA GLU B 383 13.30 -43.93 12.20
C GLU B 383 14.56 -43.86 13.08
N TYR B 384 15.71 -43.58 12.45
CA TYR B 384 17.01 -43.66 13.13
C TYR B 384 17.09 -42.91 14.41
N LYS B 385 17.38 -43.66 15.52
CA LYS B 385 17.52 -43.13 16.89
C LYS B 385 16.27 -42.42 17.41
N GLY B 386 15.11 -42.67 16.80
CA GLY B 386 13.84 -42.07 17.19
C GLY B 386 13.89 -40.54 17.16
N MET B 387 14.64 -39.98 16.19
CA MET B 387 14.81 -38.51 16.02
C MET B 387 13.92 -38.01 14.86
N PRO B 388 12.76 -37.40 15.15
CA PRO B 388 11.85 -36.97 14.06
C PRO B 388 12.44 -35.96 13.09
N GLY B 389 13.48 -35.26 13.54
CA GLY B 389 14.22 -34.26 12.78
C GLY B 389 15.43 -34.76 12.02
N GLY B 390 15.61 -36.08 11.98
CA GLY B 390 16.67 -36.69 11.20
C GLY B 390 16.09 -37.38 9.97
N ARG B 391 16.91 -37.63 8.93
CA ARG B 391 16.40 -38.26 7.70
C ARG B 391 17.45 -39.25 7.19
N ASN B 392 17.05 -40.48 6.91
CA ASN B 392 17.96 -41.50 6.38
C ASN B 392 17.29 -42.29 5.26
N LEU B 393 18.11 -42.84 4.36
CA LEU B 393 17.64 -43.67 3.27
C LEU B 393 17.69 -45.15 3.66
N TYR B 394 16.60 -45.86 3.39
CA TYR B 394 16.39 -47.28 3.69
C TYR B 394 16.02 -48.02 2.42
N LYS B 395 16.24 -49.33 2.44
CA LYS B 395 15.99 -50.22 1.31
C LYS B 395 15.23 -51.40 1.92
N ILE B 396 14.07 -51.72 1.37
CA ILE B 396 13.26 -52.83 1.88
C ILE B 396 13.13 -53.88 0.81
N GLN B 397 13.37 -55.16 1.17
CA GLN B 397 13.26 -56.26 0.19
C GLN B 397 11.78 -56.56 -0.05
N LEU B 398 11.33 -56.46 -1.32
CA LEU B 398 9.91 -56.66 -1.64
C LEU B 398 9.43 -58.11 -1.39
N SER B 399 10.33 -59.09 -1.53
CA SER B 399 9.97 -60.49 -1.26
C SER B 399 10.08 -60.86 0.24
N ASP B 400 10.55 -59.93 1.09
CA ASP B 400 10.70 -60.18 2.53
C ASP B 400 10.81 -58.86 3.29
N TYR B 401 9.67 -58.37 3.85
CA TYR B 401 9.59 -57.08 4.56
C TYR B 401 10.43 -56.98 5.81
N THR B 402 10.88 -58.11 6.37
CA THR B 402 11.72 -58.13 7.57
C THR B 402 13.14 -57.70 7.19
N LYS B 403 13.47 -57.69 5.89
CA LYS B 403 14.81 -57.32 5.43
C LYS B 403 14.84 -55.84 5.04
N VAL B 404 15.14 -54.98 6.02
CA VAL B 404 15.20 -53.53 5.83
C VAL B 404 16.60 -53.09 6.18
N THR B 405 17.29 -52.49 5.22
CA THR B 405 18.67 -52.04 5.42
C THR B 405 18.71 -50.53 5.45
N CYS B 406 19.45 -49.92 6.42
CA CYS B 406 19.63 -48.47 6.39
C CYS B 406 20.87 -48.22 5.60
N LEU B 407 20.73 -47.50 4.47
CA LEU B 407 21.85 -47.26 3.58
C LEU B 407 22.73 -46.09 4.00
N SER B 408 22.20 -45.17 4.80
CA SER B 408 22.93 -43.93 5.13
C SER B 408 23.23 -43.72 6.60
N CYS B 409 22.50 -44.39 7.51
CA CYS B 409 22.55 -44.21 8.98
C CYS B 409 23.95 -44.14 9.52
N GLU B 410 24.80 -45.11 9.13
CA GLU B 410 26.16 -45.27 9.67
C GLU B 410 27.29 -44.79 8.80
N LEU B 411 27.03 -44.14 7.67
CA LEU B 411 28.12 -43.65 6.82
C LEU B 411 29.07 -42.67 7.57
N ASN B 412 28.48 -41.69 8.28
CA ASN B 412 29.21 -40.73 9.13
C ASN B 412 28.19 -40.21 10.11
N PRO B 413 27.92 -40.99 11.17
CA PRO B 413 26.84 -40.63 12.08
C PRO B 413 27.02 -39.31 12.85
N GLU B 414 28.26 -38.85 13.07
CA GLU B 414 28.50 -37.61 13.80
C GLU B 414 28.18 -36.41 12.92
N ARG B 415 28.62 -36.48 11.68
CA ARG B 415 28.47 -35.40 10.73
C ARG B 415 27.14 -35.42 9.96
N CYS B 416 26.56 -36.62 9.70
CA CYS B 416 25.42 -36.77 8.78
C CYS B 416 24.23 -37.51 9.34
N GLN B 417 23.15 -36.76 9.58
CA GLN B 417 21.91 -37.31 10.12
C GLN B 417 20.70 -36.85 9.30
N TYR B 418 20.92 -36.13 8.18
CA TYR B 418 19.81 -35.61 7.36
C TYR B 418 20.14 -35.78 5.90
N TYR B 419 19.56 -36.80 5.30
CA TYR B 419 19.86 -37.13 3.92
C TYR B 419 18.68 -36.94 3.00
N SER B 420 18.96 -36.67 1.73
CA SER B 420 18.07 -36.72 0.58
C SER B 420 18.87 -37.51 -0.45
N VAL B 421 18.21 -38.00 -1.48
CA VAL B 421 18.86 -38.87 -2.44
C VAL B 421 18.41 -38.56 -3.87
N SER B 422 19.28 -38.82 -4.85
CA SER B 422 18.96 -38.69 -6.26
C SER B 422 19.43 -39.98 -6.98
N PHE B 423 18.48 -40.80 -7.43
CA PHE B 423 18.78 -42.05 -8.13
C PHE B 423 18.93 -41.82 -9.63
N SER B 424 19.75 -42.66 -10.29
CA SER B 424 19.90 -42.61 -11.75
C SER B 424 18.58 -43.16 -12.38
N LYS B 425 18.41 -43.04 -13.69
CA LYS B 425 17.14 -43.37 -14.37
C LYS B 425 16.50 -44.72 -14.02
N GLU B 426 17.31 -45.80 -13.89
CA GLU B 426 16.77 -47.12 -13.51
C GLU B 426 17.32 -47.55 -12.12
N ALA B 427 17.65 -46.55 -11.26
CA ALA B 427 18.16 -46.70 -9.90
C ALA B 427 19.47 -47.52 -9.81
N LYS B 428 20.29 -47.53 -10.86
CA LYS B 428 21.60 -48.24 -10.85
C LYS B 428 22.60 -47.53 -9.93
N TYR B 429 22.49 -46.18 -9.83
CA TYR B 429 23.36 -45.40 -8.95
C TYR B 429 22.52 -44.44 -8.15
N TYR B 430 23.09 -43.94 -7.06
CA TYR B 430 22.44 -42.90 -6.27
C TYR B 430 23.43 -41.93 -5.68
N GLN B 431 23.02 -40.65 -5.67
CA GLN B 431 23.77 -39.59 -5.04
C GLN B 431 23.13 -39.34 -3.68
N LEU B 432 23.93 -39.39 -2.61
CA LEU B 432 23.45 -39.04 -1.28
C LEU B 432 23.85 -37.61 -1.01
N ARG B 433 22.94 -36.85 -0.43
CA ARG B 433 23.16 -35.46 -0.06
C ARG B 433 22.91 -35.36 1.43
N CYS B 434 23.98 -35.23 2.21
CA CYS B 434 23.92 -35.08 3.66
C CYS B 434 23.87 -33.57 3.92
N SER B 435 22.88 -33.07 4.66
CA SER B 435 22.80 -31.62 4.84
C SER B 435 23.00 -31.16 6.29
N GLY B 436 23.37 -32.10 7.15
CA GLY B 436 23.65 -31.78 8.54
C GLY B 436 23.73 -32.98 9.44
N PRO B 437 24.10 -32.82 10.73
CA PRO B 437 24.43 -31.56 11.46
C PRO B 437 25.79 -30.92 11.15
N GLY B 438 26.69 -31.67 10.51
CA GLY B 438 28.00 -31.16 10.10
C GLY B 438 27.88 -30.47 8.77
N LEU B 439 29.03 -30.19 8.13
CA LEU B 439 29.00 -29.55 6.81
C LEU B 439 28.41 -30.49 5.74
N PRO B 440 27.58 -29.98 4.80
CA PRO B 440 26.99 -30.85 3.77
C PRO B 440 28.04 -31.69 3.05
N LEU B 441 27.67 -32.93 2.76
CA LEU B 441 28.55 -33.89 2.10
C LEU B 441 27.76 -34.63 1.03
N TYR B 442 28.28 -34.65 -0.20
CA TYR B 442 27.66 -35.24 -1.37
C TYR B 442 28.51 -36.41 -1.79
N THR B 443 27.88 -37.58 -1.90
CA THR B 443 28.61 -38.81 -2.23
C THR B 443 27.85 -39.60 -3.29
N LEU B 444 28.58 -40.41 -4.08
CA LEU B 444 28.00 -41.26 -5.11
C LEU B 444 28.16 -42.74 -4.75
N HIS B 445 27.11 -43.52 -5.04
CA HIS B 445 27.03 -44.93 -4.65
C HIS B 445 26.47 -45.79 -5.75
N SER B 446 26.85 -47.09 -5.80
CA SER B 446 26.32 -48.03 -6.78
C SER B 446 25.25 -48.88 -6.11
N SER B 447 24.04 -48.98 -6.70
CA SER B 447 22.95 -49.76 -6.10
C SER B 447 23.21 -51.28 -6.12
N VAL B 448 24.06 -51.76 -7.05
CA VAL B 448 24.36 -53.21 -7.22
C VAL B 448 24.89 -53.84 -5.93
N ASN B 449 25.68 -53.09 -5.16
CA ASN B 449 26.33 -53.57 -3.94
C ASN B 449 26.27 -52.56 -2.78
N ASP B 450 25.56 -51.39 -2.96
CA ASP B 450 25.47 -50.32 -1.94
C ASP B 450 26.85 -49.81 -1.49
N LYS B 451 27.81 -49.81 -2.40
CA LYS B 451 29.17 -49.36 -2.13
C LYS B 451 29.35 -47.90 -2.50
N GLY B 452 30.13 -47.18 -1.68
CA GLY B 452 30.50 -45.80 -1.93
C GLY B 452 31.49 -45.77 -3.06
N LEU B 453 31.19 -45.02 -4.11
CA LEU B 453 32.06 -44.92 -5.28
C LEU B 453 33.07 -43.80 -5.06
N ARG B 454 32.58 -42.64 -4.60
CA ARG B 454 33.41 -41.46 -4.35
C ARG B 454 32.67 -40.33 -3.66
N VAL B 455 33.44 -39.41 -3.12
CA VAL B 455 32.99 -38.19 -2.49
C VAL B 455 32.93 -37.18 -3.64
N LEU B 456 31.77 -36.58 -3.84
CA LEU B 456 31.59 -35.60 -4.91
C LEU B 456 31.95 -34.19 -4.42
N GLU B 457 31.58 -33.86 -3.18
CA GLU B 457 31.85 -32.53 -2.58
C GLU B 457 31.80 -32.68 -1.07
N ASP B 458 32.88 -32.29 -0.39
CA ASP B 458 32.94 -32.43 1.07
C ASP B 458 32.99 -31.12 1.80
N ASN B 459 32.97 -29.98 1.08
CA ASN B 459 32.99 -28.65 1.70
C ASN B 459 34.23 -28.42 2.56
N SER B 460 35.38 -28.98 2.12
CA SER B 460 36.65 -28.84 2.85
C SER B 460 37.14 -27.37 2.78
N ALA B 461 36.84 -26.66 1.68
CA ALA B 461 37.20 -25.22 1.55
C ALA B 461 36.48 -24.38 2.61
N LEU B 462 35.16 -24.60 2.79
CA LEU B 462 34.38 -23.91 3.81
C LEU B 462 34.85 -24.32 5.21
N ASP B 463 35.11 -25.63 5.43
CA ASP B 463 35.62 -26.12 6.70
C ASP B 463 36.88 -25.32 7.10
N LYS B 464 37.82 -25.15 6.16
CA LYS B 464 39.08 -24.43 6.40
C LYS B 464 38.78 -22.99 6.81
N MET B 465 37.86 -22.32 6.08
CA MET B 465 37.45 -20.93 6.37
C MET B 465 36.85 -20.79 7.75
N LEU B 466 35.93 -21.70 8.12
CA LEU B 466 35.22 -21.65 9.40
C LEU B 466 36.09 -21.88 10.64
N GLN B 467 37.28 -22.51 10.46
CA GLN B 467 38.21 -22.78 11.57
C GLN B 467 38.67 -21.48 12.24
N ASN B 468 38.69 -20.37 11.47
CA ASN B 468 39.10 -19.03 11.93
C ASN B 468 37.93 -18.22 12.50
N VAL B 469 36.74 -18.83 12.62
CA VAL B 469 35.52 -18.12 13.06
C VAL B 469 35.01 -18.73 14.36
N GLN B 470 34.54 -17.87 15.28
CA GLN B 470 33.92 -18.34 16.51
C GLN B 470 32.48 -18.72 16.14
N MET B 471 32.27 -19.97 15.76
CA MET B 471 30.93 -20.42 15.33
C MET B 471 30.06 -20.78 16.49
N PRO B 472 28.72 -20.56 16.38
CA PRO B 472 27.84 -21.02 17.46
C PRO B 472 27.68 -22.54 17.38
N SER B 473 27.10 -23.13 18.41
CA SER B 473 26.85 -24.56 18.39
C SER B 473 25.34 -24.74 18.31
N LYS B 474 24.92 -25.96 18.04
CA LYS B 474 23.51 -26.28 17.96
C LYS B 474 23.17 -27.46 18.85
N LYS B 475 22.14 -27.29 19.67
CA LYS B 475 21.61 -28.36 20.51
C LYS B 475 20.25 -28.77 19.98
N LEU B 476 20.02 -30.08 19.85
CA LEU B 476 18.75 -30.64 19.45
C LEU B 476 18.34 -31.62 20.53
N ASP B 477 17.19 -31.38 21.16
CA ASP B 477 16.72 -32.21 22.27
C ASP B 477 15.22 -32.09 22.42
N PHE B 478 14.68 -32.71 23.46
CA PHE B 478 13.25 -32.69 23.71
C PHE B 478 12.94 -32.40 25.16
N ILE B 479 11.71 -31.97 25.41
CA ILE B 479 11.11 -31.78 26.73
C ILE B 479 9.87 -32.67 26.76
N ILE B 480 9.52 -33.18 27.95
CA ILE B 480 8.35 -34.04 28.11
C ILE B 480 7.18 -33.22 28.66
N LEU B 481 6.11 -33.11 27.88
CA LEU B 481 4.89 -32.39 28.27
C LEU B 481 3.72 -33.34 28.12
N ASN B 482 2.99 -33.61 29.23
CA ASN B 482 1.84 -34.52 29.26
C ASN B 482 2.18 -35.91 28.71
N GLU B 483 3.35 -36.44 29.10
CA GLU B 483 3.88 -37.76 28.71
C GLU B 483 4.19 -37.86 27.19
N THR B 484 4.33 -36.70 26.51
CA THR B 484 4.69 -36.65 25.09
C THR B 484 6.01 -35.87 24.95
N LYS B 485 6.93 -36.37 24.10
CA LYS B 485 8.19 -35.69 23.82
C LYS B 485 7.91 -34.58 22.77
N PHE B 486 8.40 -33.36 23.03
CA PHE B 486 8.30 -32.22 22.11
C PHE B 486 9.70 -31.70 21.86
N TRP B 487 10.13 -31.73 20.61
CA TRP B 487 11.50 -31.41 20.25
C TRP B 487 11.76 -29.92 20.07
N TYR B 488 12.99 -29.50 20.38
CA TYR B 488 13.41 -28.12 20.22
C TYR B 488 14.85 -28.12 19.79
N GLN B 489 15.30 -26.99 19.24
CA GLN B 489 16.69 -26.78 18.92
C GLN B 489 17.09 -25.42 19.49
N MET B 490 18.37 -25.26 19.76
CA MET B 490 18.91 -23.98 20.24
C MET B 490 20.20 -23.73 19.52
N ILE B 491 20.35 -22.51 18.99
CA ILE B 491 21.58 -22.02 18.38
C ILE B 491 22.21 -21.31 19.59
N LEU B 492 23.34 -21.85 20.07
CA LEU B 492 23.99 -21.37 21.29
C LEU B 492 25.22 -20.54 20.99
N PRO B 493 25.39 -19.38 21.64
CA PRO B 493 26.60 -18.56 21.37
C PRO B 493 27.93 -19.34 21.58
N PRO B 494 29.04 -19.01 20.88
CA PRO B 494 30.31 -19.72 21.17
C PRO B 494 30.68 -19.54 22.65
N HIS B 495 31.41 -20.50 23.25
CA HIS B 495 31.81 -20.44 24.67
C HIS B 495 30.61 -20.37 25.60
N PHE B 496 29.50 -21.03 25.20
CA PHE B 496 28.26 -21.06 25.98
C PHE B 496 28.51 -21.45 27.42
N ASP B 497 28.09 -20.59 28.34
CA ASP B 497 28.26 -20.83 29.76
C ASP B 497 26.90 -20.91 30.43
N LYS B 498 26.53 -22.13 30.88
CA LYS B 498 25.24 -22.41 31.55
C LYS B 498 25.03 -21.63 32.86
N SER B 499 26.09 -21.01 33.41
CA SER B 499 26.01 -20.21 34.65
C SER B 499 25.64 -18.75 34.35
N LYS B 500 25.67 -18.35 33.05
CA LYS B 500 25.33 -17.01 32.58
C LYS B 500 23.86 -16.96 32.09
N LYS B 501 23.25 -15.77 32.12
CA LYS B 501 21.86 -15.55 31.68
C LYS B 501 21.94 -14.85 30.31
N TYR B 502 21.40 -15.50 29.28
CA TYR B 502 21.49 -14.98 27.92
C TYR B 502 20.14 -14.47 27.45
N PRO B 503 20.10 -13.42 26.58
CA PRO B 503 18.79 -13.05 25.99
C PRO B 503 18.38 -14.20 25.05
N LEU B 504 17.08 -14.49 24.93
CA LEU B 504 16.65 -15.57 24.06
C LEU B 504 15.67 -15.07 22.99
N LEU B 505 15.89 -15.49 21.71
CA LEU B 505 14.97 -15.19 20.61
C LEU B 505 14.28 -16.50 20.17
N LEU B 506 12.97 -16.55 20.25
CA LEU B 506 12.22 -17.75 19.82
C LEU B 506 11.89 -17.55 18.32
N ASP B 507 12.46 -18.41 17.46
CA ASP B 507 12.27 -18.38 16.02
C ASP B 507 11.11 -19.34 15.74
N VAL B 508 9.98 -18.79 15.27
CA VAL B 508 8.77 -19.58 15.15
C VAL B 508 8.27 -19.75 13.73
N TYR B 509 7.71 -20.93 13.44
CA TYR B 509 6.91 -21.16 12.22
C TYR B 509 5.59 -21.72 12.74
N ALA B 510 5.61 -22.99 13.23
CA ALA B 510 4.52 -23.66 13.94
C ALA B 510 3.25 -23.93 13.14
N GLY B 511 3.33 -23.84 11.81
CA GLY B 511 2.18 -24.21 10.99
C GLY B 511 1.92 -25.72 11.04
N PRO B 512 0.78 -26.16 10.51
CA PRO B 512 0.46 -27.62 10.51
C PRO B 512 1.46 -28.41 9.67
N CYS B 513 2.01 -29.48 10.26
CA CYS B 513 3.04 -30.33 9.68
C CYS B 513 4.38 -29.63 9.60
N SER B 514 4.61 -28.54 10.37
CA SER B 514 5.90 -27.88 10.27
C SER B 514 6.93 -28.64 11.10
N GLN B 515 8.19 -28.35 10.85
CA GLN B 515 9.28 -28.90 11.66
C GLN B 515 10.39 -27.87 11.68
N LYS B 516 10.59 -27.26 12.88
CA LYS B 516 11.64 -26.24 13.08
C LYS B 516 12.80 -26.77 13.94
N ALA B 517 12.68 -28.00 14.47
CA ALA B 517 13.77 -28.64 15.24
C ALA B 517 14.29 -29.81 14.40
N ASP B 518 15.49 -29.67 13.83
CA ASP B 518 16.04 -30.69 12.95
C ASP B 518 17.55 -30.76 13.04
N THR B 519 18.17 -31.60 12.18
CA THR B 519 19.63 -31.78 12.19
C THR B 519 20.29 -31.09 11.01
N VAL B 520 19.63 -30.09 10.40
CA VAL B 520 20.22 -29.46 9.22
C VAL B 520 21.28 -28.40 9.63
N PHE B 521 22.37 -28.32 8.87
CA PHE B 521 23.39 -27.31 9.09
C PHE B 521 22.96 -26.03 8.37
N ARG B 522 22.87 -24.90 9.09
CA ARG B 522 22.51 -23.62 8.47
C ARG B 522 23.46 -22.50 8.82
N LEU B 523 23.71 -21.61 7.85
CA LEU B 523 24.47 -20.38 8.01
C LEU B 523 23.43 -19.28 7.73
N ASN B 524 22.85 -18.71 8.79
CA ASN B 524 21.75 -17.75 8.59
C ASN B 524 21.77 -16.61 9.59
N TRP B 525 20.64 -15.87 9.71
CA TRP B 525 20.53 -14.76 10.65
C TRP B 525 20.80 -15.20 12.09
N ALA B 526 20.24 -16.36 12.49
CA ALA B 526 20.42 -16.94 13.83
C ALA B 526 21.92 -17.19 14.10
N THR B 527 22.66 -17.60 13.06
CA THR B 527 24.13 -17.84 13.19
C THR B 527 24.79 -16.53 13.65
N TYR B 528 24.44 -15.41 13.01
CA TYR B 528 24.98 -14.09 13.38
C TYR B 528 24.52 -13.68 14.78
N LEU B 529 23.22 -13.85 15.09
CA LEU B 529 22.69 -13.44 16.38
C LEU B 529 23.40 -14.16 17.53
N ALA B 530 23.65 -15.49 17.38
CA ALA B 530 24.33 -16.27 18.42
C ALA B 530 25.83 -15.98 18.44
N SER B 531 26.47 -15.98 17.27
CA SER B 531 27.92 -15.77 17.18
C SER B 531 28.41 -14.37 17.55
N THR B 532 27.76 -13.30 17.02
CA THR B 532 28.18 -11.92 17.26
C THR B 532 27.47 -11.28 18.43
N GLU B 533 26.15 -11.45 18.55
CA GLU B 533 25.35 -10.79 19.58
C GLU B 533 25.12 -11.59 20.85
N ASN B 534 25.61 -12.85 20.91
CA ASN B 534 25.46 -13.70 22.10
C ASN B 534 24.00 -13.91 22.49
N ILE B 535 23.14 -14.11 21.49
CA ILE B 535 21.71 -14.37 21.71
C ILE B 535 21.46 -15.86 21.46
N ILE B 536 20.71 -16.52 22.35
CA ILE B 536 20.32 -17.91 22.09
C ILE B 536 19.10 -17.82 21.13
N VAL B 537 19.15 -18.53 19.99
CA VAL B 537 17.99 -18.54 19.08
C VAL B 537 17.42 -19.95 19.15
N ALA B 538 16.20 -20.05 19.68
CA ALA B 538 15.53 -21.32 19.90
C ALA B 538 14.31 -21.53 19.01
N SER B 539 14.01 -22.80 18.69
CA SER B 539 12.79 -23.17 17.95
C SER B 539 12.20 -24.40 18.57
N PHE B 540 10.88 -24.50 18.56
CA PHE B 540 10.13 -25.55 19.20
C PHE B 540 9.05 -26.12 18.32
N ASP B 541 8.93 -27.45 18.31
CA ASP B 541 7.88 -28.16 17.57
C ASP B 541 6.80 -28.70 18.52
N GLY B 542 5.71 -27.95 18.63
CA GLY B 542 4.62 -28.27 19.54
C GLY B 542 3.48 -28.96 18.85
N ARG B 543 2.28 -28.87 19.41
CA ARG B 543 1.12 -29.48 18.79
C ARG B 543 0.87 -28.87 17.40
N GLY B 544 0.50 -29.71 16.45
CA GLY B 544 0.31 -29.35 15.05
C GLY B 544 1.55 -29.64 14.20
N SER B 545 2.73 -29.85 14.82
CA SER B 545 3.97 -30.13 14.07
C SER B 545 3.93 -31.50 13.37
N GLY B 546 4.76 -31.69 12.37
CA GLY B 546 4.75 -32.89 11.55
C GLY B 546 5.76 -33.96 11.87
N TYR B 547 5.62 -35.10 11.15
CA TYR B 547 6.57 -36.23 11.13
C TYR B 547 6.62 -37.02 12.46
N GLN B 548 5.59 -36.87 13.34
CA GLN B 548 5.56 -37.50 14.66
C GLN B 548 4.23 -38.17 14.92
N GLY B 549 3.47 -38.43 13.86
CA GLY B 549 2.15 -39.02 13.99
C GLY B 549 1.02 -38.02 14.02
N ASP B 550 -0.18 -38.50 13.77
CA ASP B 550 -1.39 -37.68 13.69
C ASP B 550 -1.88 -37.17 15.02
N LYS B 551 -1.56 -37.86 16.12
CA LYS B 551 -2.00 -37.40 17.43
C LYS B 551 -1.43 -35.98 17.67
N ILE B 552 -0.17 -35.76 17.29
CA ILE B 552 0.46 -34.45 17.38
C ILE B 552 -0.01 -33.54 16.24
N MET B 553 0.02 -34.04 14.99
CA MET B 553 -0.31 -33.19 13.84
C MET B 553 -1.76 -32.72 13.82
N HIS B 554 -2.71 -33.62 14.06
CA HIS B 554 -4.13 -33.27 14.01
C HIS B 554 -4.65 -32.60 15.30
N ALA B 555 -3.75 -32.34 16.28
CA ALA B 555 -4.20 -31.69 17.54
C ALA B 555 -4.81 -30.29 17.29
N ILE B 556 -4.37 -29.57 16.22
CA ILE B 556 -4.90 -28.25 15.89
C ILE B 556 -6.02 -28.30 14.83
N ASN B 557 -6.53 -29.51 14.49
CA ASN B 557 -7.64 -29.65 13.53
C ASN B 557 -8.80 -28.76 13.93
N ARG B 558 -9.26 -27.90 13.00
CA ARG B 558 -10.33 -26.89 13.15
C ARG B 558 -10.05 -25.81 14.18
N ARG B 559 -8.83 -25.76 14.67
CA ARG B 559 -8.44 -24.86 15.75
C ARG B 559 -7.08 -24.21 15.56
N LEU B 560 -6.83 -23.60 14.40
CA LEU B 560 -5.58 -22.84 14.20
C LEU B 560 -5.59 -21.65 15.18
N GLY B 561 -4.42 -21.22 15.61
CA GLY B 561 -4.31 -20.11 16.55
C GLY B 561 -4.59 -20.50 18.00
N THR B 562 -4.51 -21.81 18.32
CA THR B 562 -4.78 -22.26 19.70
C THR B 562 -3.56 -22.96 20.27
N PHE B 563 -3.49 -24.31 20.21
CA PHE B 563 -2.41 -25.11 20.82
C PHE B 563 -1.04 -24.81 20.30
N GLU B 564 -0.91 -24.50 19.00
CA GLU B 564 0.42 -24.22 18.47
C GLU B 564 0.94 -22.88 18.97
N VAL B 565 0.04 -21.92 19.32
CA VAL B 565 0.40 -20.61 19.90
C VAL B 565 0.74 -20.85 21.39
N GLU B 566 -0.16 -21.54 22.12
CA GLU B 566 0.07 -21.82 23.55
C GLU B 566 1.36 -22.59 23.78
N ASP B 567 1.68 -23.57 22.90
CA ASP B 567 2.89 -24.39 23.06
C ASP B 567 4.19 -23.59 22.84
N GLN B 568 4.17 -22.50 22.04
CA GLN B 568 5.34 -21.63 21.90
C GLN B 568 5.61 -20.85 23.20
N ILE B 569 4.52 -20.36 23.84
CA ILE B 569 4.57 -19.61 25.12
C ILE B 569 5.15 -20.56 26.17
N GLU B 570 4.60 -21.79 26.26
CA GLU B 570 5.05 -22.84 27.18
C GLU B 570 6.53 -23.19 26.93
N ALA B 571 6.98 -23.28 25.65
CA ALA B 571 8.38 -23.54 25.32
C ALA B 571 9.29 -22.48 25.94
N ALA B 572 8.94 -21.18 25.81
CA ALA B 572 9.72 -20.08 26.39
C ALA B 572 9.79 -20.20 27.93
N ARG B 573 8.68 -20.59 28.58
CA ARG B 573 8.66 -20.78 30.05
C ARG B 573 9.62 -21.93 30.41
N GLN B 574 9.61 -23.02 29.61
CA GLN B 574 10.48 -24.20 29.81
C GLN B 574 11.93 -23.84 29.62
N PHE B 575 12.24 -23.01 28.61
CA PHE B 575 13.63 -22.56 28.39
C PHE B 575 14.13 -21.68 29.54
N SER B 576 13.23 -20.84 30.11
CA SER B 576 13.54 -20.01 31.29
C SER B 576 13.91 -20.93 32.48
N LYS B 577 13.12 -22.01 32.70
CA LYS B 577 13.35 -23.03 33.73
C LYS B 577 14.72 -23.72 33.64
N MET B 578 15.34 -23.73 32.45
CA MET B 578 16.64 -24.34 32.20
C MET B 578 17.81 -23.58 32.88
N GLY B 579 17.57 -22.33 33.30
CA GLY B 579 18.52 -21.53 34.07
C GLY B 579 19.51 -20.63 33.38
N PHE B 580 19.65 -20.71 32.04
CA PHE B 580 20.60 -19.86 31.33
C PHE B 580 19.91 -18.77 30.46
N VAL B 581 18.67 -18.44 30.78
CA VAL B 581 17.94 -17.43 30.01
C VAL B 581 17.61 -16.24 30.89
N ASP B 582 17.88 -15.03 30.38
CA ASP B 582 17.48 -13.80 31.04
C ASP B 582 15.99 -13.61 30.73
N ASN B 583 15.11 -13.84 31.74
CA ASN B 583 13.65 -13.73 31.60
C ASN B 583 13.13 -12.34 31.23
N LYS B 584 13.98 -11.31 31.37
CA LYS B 584 13.62 -9.93 31.06
C LYS B 584 13.93 -9.63 29.58
N ARG B 585 14.58 -10.59 28.91
CA ARG B 585 15.01 -10.44 27.53
C ARG B 585 14.66 -11.68 26.67
N ILE B 586 13.35 -11.97 26.57
CA ILE B 586 12.84 -13.05 25.73
C ILE B 586 12.06 -12.37 24.58
N ALA B 587 12.45 -12.64 23.35
CA ALA B 587 11.79 -12.07 22.18
C ALA B 587 11.25 -13.23 21.32
N ILE B 588 10.40 -12.90 20.33
CA ILE B 588 9.83 -13.92 19.44
C ILE B 588 9.76 -13.34 18.01
N TRP B 589 10.00 -14.17 16.99
CA TRP B 589 9.86 -13.66 15.64
C TRP B 589 9.43 -14.75 14.72
N GLY B 590 8.83 -14.38 13.61
CA GLY B 590 8.43 -15.36 12.62
C GLY B 590 7.95 -14.72 11.35
N TRP B 591 7.99 -15.50 10.28
CA TRP B 591 7.57 -15.09 8.94
C TRP B 591 6.37 -15.94 8.53
N SER B 592 5.43 -15.37 7.78
CA SER B 592 4.34 -16.10 7.19
C SER B 592 3.45 -16.73 8.30
N TYR B 593 3.27 -18.06 8.37
CA TYR B 593 2.52 -18.66 9.49
C TYR B 593 3.19 -18.27 10.84
N GLY B 594 4.53 -18.17 10.83
CA GLY B 594 5.31 -17.76 11.99
C GLY B 594 4.99 -16.33 12.42
N GLY B 595 4.65 -15.45 11.46
CA GLY B 595 4.27 -14.07 11.79
C GLY B 595 2.91 -14.06 12.45
N TYR B 596 1.99 -14.94 11.99
CA TYR B 596 0.67 -15.07 12.62
C TYR B 596 0.87 -15.55 14.09
N VAL B 597 1.65 -16.64 14.29
CA VAL B 597 1.90 -17.18 15.64
C VAL B 597 2.61 -16.13 16.54
N THR B 598 3.63 -15.46 16.02
CA THR B 598 4.32 -14.39 16.79
C THR B 598 3.29 -13.36 17.25
N SER B 599 2.42 -12.90 16.33
CA SER B 599 1.43 -11.84 16.66
C SER B 599 0.44 -12.35 17.67
N MET B 600 0.02 -13.62 17.55
CA MET B 600 -0.94 -14.21 18.49
C MET B 600 -0.32 -14.32 19.91
N VAL B 601 0.94 -14.71 19.96
CA VAL B 601 1.73 -14.80 21.19
C VAL B 601 1.90 -13.38 21.79
N LEU B 602 2.30 -12.40 20.99
CA LEU B 602 2.47 -11.03 21.47
C LEU B 602 1.17 -10.42 21.97
N GLY B 603 0.03 -10.88 21.44
CA GLY B 603 -1.28 -10.42 21.86
C GLY B 603 -1.96 -11.27 22.91
N SER B 604 -1.27 -12.30 23.44
CA SER B 604 -1.88 -13.23 24.40
C SER B 604 -1.99 -12.68 25.84
N GLY B 605 -1.17 -11.69 26.20
CA GLY B 605 -1.14 -11.13 27.55
C GLY B 605 -0.33 -12.01 28.50
N SER B 606 0.50 -12.95 27.95
CA SER B 606 1.32 -13.90 28.73
C SER B 606 2.34 -13.27 29.68
N GLY B 607 2.88 -12.12 29.29
CA GLY B 607 3.92 -11.38 30.02
C GLY B 607 5.32 -11.95 29.82
N VAL B 608 5.44 -13.03 29.03
CA VAL B 608 6.71 -13.75 28.83
C VAL B 608 7.65 -13.01 27.92
N PHE B 609 7.12 -12.38 26.86
CA PHE B 609 7.96 -11.77 25.84
C PHE B 609 8.02 -10.27 25.93
N LYS B 610 9.23 -9.74 25.84
CA LYS B 610 9.45 -8.31 25.85
C LYS B 610 9.06 -7.68 24.48
N CYS B 611 9.43 -8.35 23.39
CA CYS B 611 9.25 -7.82 22.03
C CYS B 611 9.12 -8.94 21.00
N GLY B 612 8.75 -8.57 19.78
CA GLY B 612 8.67 -9.55 18.71
C GLY B 612 8.50 -8.91 17.36
N ILE B 613 8.85 -9.66 16.32
CA ILE B 613 8.78 -9.22 14.92
C ILE B 613 7.89 -10.18 14.11
N ALA B 614 6.85 -9.65 13.43
CA ALA B 614 6.02 -10.50 12.55
C ALA B 614 6.32 -10.04 11.12
N VAL B 615 6.76 -10.95 10.26
CA VAL B 615 7.04 -10.63 8.83
C VAL B 615 5.95 -11.30 7.98
N ALA B 616 5.25 -10.49 7.15
CA ALA B 616 4.14 -10.94 6.27
C ALA B 616 3.20 -11.90 6.98
N PRO B 617 2.63 -11.51 8.13
CA PRO B 617 1.76 -12.46 8.84
C PRO B 617 0.37 -12.59 8.27
N VAL B 618 -0.24 -13.77 8.51
CA VAL B 618 -1.68 -13.93 8.35
C VAL B 618 -2.23 -13.23 9.63
N SER B 619 -3.38 -12.53 9.52
CA SER B 619 -3.99 -11.89 10.67
C SER B 619 -5.41 -12.38 10.91
N ARG B 620 -6.03 -12.95 9.88
CA ARG B 620 -7.43 -13.40 9.95
C ARG B 620 -7.56 -14.45 8.88
N TRP B 621 -8.02 -15.66 9.27
CA TRP B 621 -8.08 -16.80 8.34
C TRP B 621 -9.02 -16.61 7.17
N GLU B 622 -10.06 -15.76 7.30
CA GLU B 622 -10.91 -15.44 6.14
C GLU B 622 -10.14 -14.67 5.04
N TYR B 623 -8.94 -14.11 5.35
CA TYR B 623 -8.18 -13.40 4.31
C TYR B 623 -7.29 -14.35 3.50
N TYR B 624 -7.00 -15.54 4.04
CA TYR B 624 -6.10 -16.47 3.37
C TYR B 624 -6.84 -17.37 2.36
N ASP B 625 -6.09 -18.08 1.50
CA ASP B 625 -6.75 -18.85 0.43
C ASP B 625 -7.58 -20.05 0.94
N SER B 626 -8.58 -20.44 0.17
CA SER B 626 -9.52 -21.51 0.47
C SER B 626 -8.84 -22.88 0.69
N VAL B 627 -7.99 -23.33 -0.23
CA VAL B 627 -7.41 -24.68 -0.18
C VAL B 627 -6.60 -24.93 1.10
N TYR B 628 -5.67 -24.03 1.40
CA TYR B 628 -4.86 -24.17 2.63
C TYR B 628 -5.74 -23.98 3.88
N THR B 629 -6.41 -22.83 3.97
CA THR B 629 -7.19 -22.50 5.18
C THR B 629 -8.25 -23.55 5.52
N GLU B 630 -9.08 -23.92 4.56
CA GLU B 630 -10.18 -24.87 4.80
C GLU B 630 -9.72 -26.27 5.14
N ARG B 631 -8.50 -26.65 4.69
CA ARG B 631 -7.95 -27.98 5.01
C ARG B 631 -7.92 -28.19 6.54
N TYR B 632 -7.52 -27.12 7.27
CA TYR B 632 -7.38 -27.13 8.73
C TYR B 632 -8.55 -26.51 9.42
N MET B 633 -9.28 -25.59 8.78
CA MET B 633 -10.34 -24.84 9.49
C MET B 633 -11.77 -25.14 9.10
N GLY B 634 -11.96 -25.92 8.05
CA GLY B 634 -13.30 -26.16 7.53
C GLY B 634 -13.82 -24.88 6.88
N LEU B 635 -15.14 -24.72 6.75
CA LEU B 635 -15.70 -23.52 6.12
C LEU B 635 -16.06 -22.42 7.11
N PRO B 636 -15.89 -21.13 6.73
CA PRO B 636 -16.27 -20.03 7.64
C PRO B 636 -17.78 -19.73 7.57
N THR B 637 -18.60 -20.71 7.90
CA THR B 637 -20.06 -20.53 7.88
C THR B 637 -20.61 -20.84 9.28
N PRO B 638 -21.79 -20.29 9.67
CA PRO B 638 -22.35 -20.61 11.00
C PRO B 638 -22.59 -22.11 11.22
N GLU B 639 -22.87 -22.85 10.14
CA GLU B 639 -23.09 -24.31 10.18
C GLU B 639 -21.78 -25.09 10.34
N ASP B 640 -20.64 -24.49 9.99
CA ASP B 640 -19.39 -25.21 10.10
C ASP B 640 -18.47 -24.60 11.18
N ASN B 641 -17.52 -23.71 10.81
CA ASN B 641 -16.56 -23.26 11.82
C ASN B 641 -16.38 -21.75 11.94
N LEU B 642 -17.39 -20.96 11.55
CA LEU B 642 -17.28 -19.50 11.62
C LEU B 642 -16.88 -18.95 12.97
N ASP B 643 -17.43 -19.50 14.08
CA ASP B 643 -17.06 -18.97 15.40
C ASP B 643 -15.55 -19.03 15.65
N HIS B 644 -14.89 -20.15 15.28
CA HIS B 644 -13.44 -20.20 15.49
C HIS B 644 -12.64 -19.28 14.53
N TYR B 645 -13.11 -19.11 13.28
CA TYR B 645 -12.50 -18.19 12.31
C TYR B 645 -12.50 -16.78 12.92
N ARG B 646 -13.59 -16.41 13.60
CA ARG B 646 -13.73 -15.07 14.18
C ARG B 646 -13.01 -14.93 15.52
N ASN B 647 -12.78 -16.02 16.22
CA ASN B 647 -12.11 -16.01 17.52
C ASN B 647 -10.59 -16.05 17.44
N SER B 648 -10.04 -16.40 16.25
CA SER B 648 -8.60 -16.62 16.06
C SER B 648 -7.88 -15.53 15.27
N THR B 649 -8.40 -14.29 15.31
CA THR B 649 -7.74 -13.21 14.54
C THR B 649 -6.72 -12.52 15.45
N VAL B 650 -5.72 -11.89 14.83
CA VAL B 650 -4.73 -11.08 15.53
C VAL B 650 -5.43 -9.83 16.03
N MET B 651 -6.32 -9.23 15.20
CA MET B 651 -6.98 -7.95 15.50
C MET B 651 -7.71 -7.93 16.85
N SER B 652 -8.37 -9.04 17.22
CA SER B 652 -9.11 -9.13 18.49
C SER B 652 -8.23 -9.02 19.75
N ARG B 653 -6.90 -9.20 19.60
CA ARG B 653 -5.94 -9.13 20.71
C ARG B 653 -5.19 -7.79 20.75
N ALA B 654 -5.60 -6.78 19.94
CA ALA B 654 -4.86 -5.52 19.83
C ALA B 654 -4.51 -4.82 21.17
N GLU B 655 -5.45 -4.84 22.12
CA GLU B 655 -5.33 -4.21 23.44
C GLU B 655 -4.12 -4.80 24.19
N ASN B 656 -3.86 -6.12 24.04
CA ASN B 656 -2.72 -6.75 24.73
C ASN B 656 -1.36 -6.34 24.19
N PHE B 657 -1.30 -5.72 22.99
CA PHE B 657 -0.03 -5.26 22.43
C PHE B 657 0.53 -4.03 23.19
N LYS B 658 -0.26 -3.43 24.09
CA LYS B 658 0.24 -2.32 24.91
C LYS B 658 1.41 -2.81 25.83
N GLN B 659 1.50 -4.13 26.06
CA GLN B 659 2.49 -4.76 26.94
C GLN B 659 3.81 -5.14 26.27
N VAL B 660 3.94 -4.98 24.93
CA VAL B 660 5.12 -5.40 24.18
C VAL B 660 5.61 -4.35 23.17
N GLU B 661 6.82 -4.57 22.65
CA GLU B 661 7.39 -3.80 21.56
C GLU B 661 7.20 -4.71 20.33
N TYR B 662 6.56 -4.20 19.29
CA TYR B 662 6.25 -4.97 18.09
C TYR B 662 6.74 -4.28 16.85
N LEU B 663 7.29 -5.07 15.93
CA LEU B 663 7.71 -4.60 14.61
C LEU B 663 6.91 -5.45 13.63
N LEU B 664 6.14 -4.76 12.76
CA LEU B 664 5.30 -5.39 11.73
C LEU B 664 5.87 -5.07 10.34
N ILE B 665 6.11 -6.09 9.51
CA ILE B 665 6.78 -5.86 8.23
C ILE B 665 6.00 -6.61 7.14
N HIS B 666 5.81 -5.97 5.98
CA HIS B 666 5.09 -6.69 4.90
C HIS B 666 5.49 -6.11 3.54
N GLY B 667 5.60 -6.98 2.53
CA GLY B 667 5.89 -6.53 1.16
C GLY B 667 4.58 -6.09 0.52
N THR B 668 4.58 -4.99 -0.22
CA THR B 668 3.34 -4.43 -0.81
C THR B 668 2.79 -5.27 -1.98
N ALA B 669 3.64 -6.06 -2.63
CA ALA B 669 3.24 -6.88 -3.77
C ALA B 669 3.17 -8.37 -3.39
N ASP B 670 2.80 -8.63 -2.14
CA ASP B 670 2.62 -9.97 -1.65
C ASP B 670 1.29 -10.54 -2.20
N ASP B 671 1.38 -11.47 -3.19
CA ASP B 671 0.23 -12.12 -3.82
C ASP B 671 -0.28 -13.24 -2.94
N ASN B 672 0.51 -13.66 -1.93
CA ASN B 672 0.21 -14.85 -1.14
C ASN B 672 -0.53 -14.49 0.17
N VAL B 673 0.15 -13.79 1.08
CA VAL B 673 -0.47 -13.25 2.28
C VAL B 673 -0.63 -11.77 1.89
N HIS B 674 -1.83 -11.37 1.55
CA HIS B 674 -2.02 -10.00 1.04
C HIS B 674 -1.62 -8.93 2.04
N PHE B 675 -1.06 -7.83 1.56
CA PHE B 675 -0.69 -6.68 2.42
C PHE B 675 -1.88 -6.30 3.34
N GLN B 676 -3.10 -6.49 2.82
CA GLN B 676 -4.36 -6.35 3.57
C GLN B 676 -4.24 -6.95 5.00
N GLN B 677 -3.59 -8.12 5.12
CA GLN B 677 -3.50 -8.82 6.42
C GLN B 677 -2.77 -7.97 7.47
N SER B 678 -1.66 -7.32 7.09
CA SER B 678 -0.95 -6.42 8.02
C SER B 678 -1.61 -5.05 8.08
N ALA B 679 -2.26 -4.61 6.98
CA ALA B 679 -2.99 -3.33 6.97
C ALA B 679 -4.10 -3.39 8.01
N GLN B 680 -4.66 -4.58 8.22
CA GLN B 680 -5.72 -4.73 9.23
C GLN B 680 -5.17 -4.81 10.66
N ILE B 681 -3.98 -5.40 10.83
CA ILE B 681 -3.32 -5.40 12.13
C ILE B 681 -3.03 -3.95 12.54
N SER B 682 -2.33 -3.19 11.65
CA SER B 682 -1.97 -1.83 11.99
C SER B 682 -3.19 -1.00 12.33
N LYS B 683 -4.27 -1.12 11.55
CA LYS B 683 -5.47 -0.32 11.82
C LYS B 683 -6.06 -0.63 13.22
N ALA B 684 -6.06 -1.92 13.62
CA ALA B 684 -6.58 -2.33 14.94
C ALA B 684 -5.69 -1.78 16.04
N LEU B 685 -4.34 -1.77 15.85
CA LEU B 685 -3.41 -1.21 16.85
C LEU B 685 -3.59 0.30 16.97
N VAL B 686 -3.74 0.99 15.84
CA VAL B 686 -3.98 2.45 15.84
C VAL B 686 -5.29 2.73 16.60
N ASP B 687 -6.35 1.93 16.33
CA ASP B 687 -7.67 2.11 16.96
C ASP B 687 -7.69 2.01 18.48
N VAL B 688 -6.77 1.24 19.08
CA VAL B 688 -6.67 1.08 20.55
C VAL B 688 -5.53 1.90 21.13
N GLY B 689 -4.85 2.68 20.28
CA GLY B 689 -3.76 3.56 20.71
C GLY B 689 -2.49 2.84 21.14
N VAL B 690 -2.10 1.81 20.38
CA VAL B 690 -0.87 1.06 20.66
C VAL B 690 0.22 1.55 19.73
N ASP B 691 1.35 2.00 20.30
CA ASP B 691 2.50 2.37 19.48
C ASP B 691 3.27 1.10 19.09
N PHE B 692 3.78 1.06 17.87
CA PHE B 692 4.51 -0.08 17.33
C PHE B 692 5.36 0.42 16.19
N GLN B 693 6.25 -0.43 15.69
CA GLN B 693 7.14 -0.10 14.58
C GLN B 693 6.63 -0.82 13.34
N ALA B 694 6.83 -0.22 12.19
CA ALA B 694 6.37 -0.80 10.93
C ALA B 694 7.38 -0.61 9.84
N MET B 695 7.29 -1.46 8.81
CA MET B 695 8.11 -1.27 7.62
C MET B 695 7.38 -1.95 6.49
N TRP B 696 7.10 -1.23 5.40
CA TRP B 696 6.57 -1.86 4.19
C TRP B 696 7.76 -2.05 3.27
N TYR B 697 7.69 -3.04 2.34
CA TYR B 697 8.75 -3.21 1.32
C TYR B 697 8.11 -3.06 -0.04
N THR B 698 8.36 -1.91 -0.70
CA THR B 698 7.74 -1.62 -2.03
C THR B 698 8.05 -2.69 -3.05
N ASP B 699 6.98 -3.23 -3.66
CA ASP B 699 7.01 -4.23 -4.74
C ASP B 699 7.65 -5.56 -4.38
N GLU B 700 7.83 -5.84 -3.08
CA GLU B 700 8.37 -7.13 -2.63
C GLU B 700 7.20 -8.08 -2.40
N ASP B 701 7.41 -9.36 -2.64
CA ASP B 701 6.35 -10.34 -2.46
C ASP B 701 6.51 -11.10 -1.15
N HIS B 702 5.93 -12.30 -1.01
CA HIS B 702 5.97 -13.04 0.24
C HIS B 702 7.37 -13.41 0.72
N GLY B 703 8.30 -13.57 -0.22
CA GLY B 703 9.67 -13.93 0.13
C GLY B 703 10.59 -12.78 0.52
N ILE B 704 10.19 -11.50 0.26
CA ILE B 704 11.04 -10.28 0.49
C ILE B 704 12.52 -10.70 0.17
N ALA B 705 12.70 -11.31 -1.02
CA ALA B 705 13.91 -11.97 -1.44
C ALA B 705 14.77 -11.25 -2.48
N SER B 706 14.40 -10.02 -2.95
CA SER B 706 15.33 -9.32 -3.87
C SER B 706 16.62 -9.07 -3.07
N SER B 707 17.77 -9.00 -3.74
CA SER B 707 19.02 -8.81 -3.00
C SER B 707 18.99 -7.61 -2.02
N THR B 708 18.57 -6.45 -2.49
CA THR B 708 18.57 -5.24 -1.65
C THR B 708 17.54 -5.31 -0.53
N ALA B 709 16.32 -5.82 -0.80
CA ALA B 709 15.29 -5.87 0.27
C ALA B 709 15.68 -6.88 1.34
N HIS B 710 16.27 -8.03 0.92
CA HIS B 710 16.75 -9.06 1.85
C HIS B 710 17.76 -8.45 2.84
N GLN B 711 18.75 -7.74 2.32
CA GLN B 711 19.78 -7.09 3.15
C GLN B 711 19.15 -6.02 4.04
N HIS B 712 18.19 -5.24 3.49
CA HIS B 712 17.53 -4.18 4.27
C HIS B 712 16.70 -4.72 5.40
N ILE B 713 15.90 -5.77 5.15
CA ILE B 713 15.00 -6.29 6.19
C ILE B 713 15.80 -6.89 7.37
N TYR B 714 16.85 -7.65 7.07
CA TYR B 714 17.64 -8.25 8.14
C TYR B 714 18.42 -7.20 8.92
N THR B 715 18.88 -6.14 8.24
CA THR B 715 19.54 -5.04 8.93
C THR B 715 18.56 -4.33 9.87
N HIS B 716 17.34 -4.05 9.38
CA HIS B 716 16.30 -3.38 10.18
C HIS B 716 15.91 -4.22 11.38
N MET B 717 15.72 -5.53 11.18
CA MET B 717 15.37 -6.45 12.28
C MET B 717 16.50 -6.58 13.32
N SER B 718 17.75 -6.62 12.85
CA SER B 718 18.93 -6.69 13.75
C SER B 718 18.96 -5.47 14.70
N HIS B 719 18.75 -4.24 14.15
CA HIS B 719 18.69 -3.02 14.97
C HIS B 719 17.58 -3.12 16.00
N PHE B 720 16.39 -3.63 15.60
CA PHE B 720 15.24 -3.76 16.50
C PHE B 720 15.51 -4.73 17.67
N ILE B 721 16.05 -5.91 17.36
CA ILE B 721 16.32 -6.94 18.40
C ILE B 721 17.39 -6.40 19.36
N LYS B 722 18.46 -5.79 18.82
CA LYS B 722 19.57 -5.22 19.61
C LYS B 722 19.10 -4.12 20.57
N GLN B 723 18.19 -3.23 20.10
CA GLN B 723 17.59 -2.17 20.93
C GLN B 723 16.74 -2.83 22.03
N CYS B 724 15.93 -3.88 21.69
CA CYS B 724 15.07 -4.61 22.65
C CYS B 724 15.92 -5.25 23.76
N PHE B 725 17.08 -5.77 23.40
CA PHE B 725 17.94 -6.51 24.34
C PHE B 725 19.03 -5.62 24.95
N SER B 726 18.97 -4.29 24.71
CA SER B 726 19.91 -3.26 25.16
C SER B 726 21.36 -3.64 24.81
N LEU B 727 21.60 -4.07 23.55
CA LEU B 727 22.92 -4.47 23.05
C LEU B 727 23.54 -3.32 22.24
N PRO B 728 24.81 -2.94 22.53
CA PRO B 728 25.44 -1.84 21.76
C PRO B 728 25.75 -2.17 20.30
C1 NAG C . -34.16 39.59 -11.75
C2 NAG C . -35.59 40.13 -11.68
C3 NAG C . -36.25 39.84 -13.02
C4 NAG C . -35.39 40.33 -14.18
C5 NAG C . -33.98 39.74 -14.07
C6 NAG C . -33.03 40.16 -15.17
C7 NAG C . -36.50 39.95 -9.40
C8 NAG C . -37.12 39.03 -8.39
N2 NAG C . -36.28 39.44 -10.61
O3 NAG C . -37.53 40.46 -13.05
O4 NAG C . -36.01 39.98 -15.42
O5 NAG C . -33.40 40.12 -12.82
O6 NAG C . -32.95 41.57 -15.29
O7 NAG C . -36.20 41.12 -9.12
C1 NAG C . -36.46 41.02 -16.27
C2 NAG C . -36.92 40.40 -17.59
C3 NAG C . -37.40 41.51 -18.52
C4 NAG C . -38.47 42.37 -17.85
C5 NAG C . -37.99 42.86 -16.49
C6 NAG C . -39.03 43.61 -15.69
C7 NAG C . -35.66 38.33 -18.10
C8 NAG C . -34.42 37.79 -18.73
N2 NAG C . -35.82 39.66 -18.18
O3 NAG C . -37.92 40.94 -19.72
O4 NAG C . -38.78 43.48 -18.67
O5 NAG C . -37.55 41.76 -15.68
O6 NAG C . -40.12 42.77 -15.31
O7 NAG C . -36.47 37.61 -17.53
C1 NAG D . -16.62 13.93 -23.67
C2 NAG D . -17.76 14.12 -24.68
C3 NAG D . -17.70 12.97 -25.69
C4 NAG D . -16.32 12.90 -26.35
C5 NAG D . -15.22 12.82 -25.29
C6 NAG D . -13.83 12.93 -25.86
C7 NAG D . -19.77 15.21 -23.75
C8 NAG D . -21.13 14.98 -23.15
N2 NAG D . -19.05 14.11 -23.99
O3 NAG D . -18.71 13.16 -26.67
O4 NAG D . -16.25 11.73 -27.17
O5 NAG D . -15.37 13.90 -24.36
O6 NAG D . -12.85 12.89 -24.84
O7 NAG D . -19.36 16.34 -24.00
C1 NAG D . -15.93 11.87 -28.55
C2 NAG D . -15.29 10.57 -29.05
C3 NAG D . -14.93 10.79 -30.52
C4 NAG D . -16.18 11.14 -31.33
C5 NAG D . -16.86 12.37 -30.72
C6 NAG D . -18.21 12.66 -31.35
C7 NAG D . -14.15 9.23 -27.32
C8 NAG D . -12.82 8.91 -26.69
N2 NAG D . -14.12 10.16 -28.29
O3 NAG D . -14.33 9.60 -31.05
O4 NAG D . -15.83 11.39 -32.69
O5 NAG D . -17.10 12.17 -29.32
O6 NAG D . -18.82 13.80 -30.77
O7 NAG D . -15.19 8.68 -26.95
C1 NAG E . 4.85 31.48 -20.69
C2 NAG E . 5.61 32.62 -21.35
C3 NAG E . 6.19 31.92 -22.58
C4 NAG E . 7.27 30.92 -22.18
C5 NAG E . 6.88 30.00 -21.02
C6 NAG E . 7.89 29.97 -19.89
C7 NAG E . 4.66 34.89 -21.25
C8 NAG E . 3.43 35.71 -21.52
N2 NAG E . 4.65 33.64 -21.73
O3 NAG E . 6.75 32.92 -23.43
O4 NAG E . 7.54 30.02 -23.26
O5 NAG E . 5.59 30.27 -20.44
O6 NAG E . 9.03 29.21 -20.24
O7 NAG E . 5.61 35.35 -20.62
C1 NAG E . 8.46 30.26 -24.34
C2 NAG E . 9.70 31.06 -23.94
C3 NAG E . 10.81 30.55 -24.86
C4 NAG E . 11.13 29.10 -24.57
C5 NAG E . 9.87 28.22 -24.62
C6 NAG E . 9.57 27.50 -23.32
C7 NAG E . 10.06 33.44 -23.43
C8 NAG E . 9.78 34.85 -23.87
N2 NAG E . 9.47 32.47 -24.15
O3 NAG E . 11.98 31.35 -24.73
O4 NAG E . 12.06 28.61 -25.55
O5 NAG E . 8.72 29.00 -25.01
O6 NAG E . 8.74 26.37 -23.53
O7 NAG E . 10.78 33.20 -22.46
C1 NAG F . 3.92 -46.47 -26.50
C2 NAG F . 4.34 -47.30 -27.71
C3 NAG F . 3.14 -47.31 -28.65
C4 NAG F . 1.89 -47.85 -27.93
C5 NAG F . 1.63 -47.02 -26.67
C6 NAG F . 0.46 -47.50 -25.84
C7 NAG F . 6.69 -47.20 -28.45
C8 NAG F . 7.72 -46.35 -29.14
N2 NAG F . 5.47 -46.64 -28.34
O3 NAG F . 3.41 -48.08 -29.81
O4 NAG F . 0.79 -47.78 -28.83
O5 NAG F . 2.79 -47.04 -25.82
O6 NAG F . 0.61 -48.86 -25.45
O7 NAG F . 6.93 -48.33 -28.05
C1 NAG F . 0.08 -48.97 -29.14
C2 NAG F . -1.13 -48.56 -29.99
C3 NAG F . -1.86 -49.80 -30.50
C4 NAG F . -0.88 -50.74 -31.21
C5 NAG F . 0.27 -51.11 -30.27
C6 NAG F . 1.33 -51.96 -30.93
C7 NAG F . -2.14 -46.41 -29.33
C8 NAG F . -3.09 -45.75 -28.38
N2 NAG F . -2.02 -47.74 -29.20
O3 NAG F . -2.90 -49.41 -31.38
O4 NAG F . -1.56 -51.92 -31.62
O5 NAG F . 0.92 -49.91 -29.82
O6 NAG F . 2.22 -52.50 -29.96
O7 NAG F . -1.51 -45.77 -30.15
C1 NAG G . -16.21 -21.79 -17.29
C2 NAG G . -16.81 -22.36 -18.57
C3 NAG G . -17.89 -21.38 -19.03
C4 NAG G . -18.94 -21.17 -17.95
C5 NAG G . -18.29 -20.78 -16.62
C6 NAG G . -19.27 -20.80 -15.47
C7 NAG G . -15.30 -23.63 -20.03
C8 NAG G . -14.34 -23.55 -21.18
N2 NAG G . -15.80 -22.48 -19.62
O3 NAG G . -18.50 -21.88 -20.22
O4 NAG G . -19.76 -20.08 -18.36
O5 NAG G . -17.24 -21.71 -16.29
O6 NAG G . -18.65 -20.28 -14.29
O7 NAG G . -15.56 -24.69 -19.47
C1 NAG G . -21.13 -20.33 -18.62
C2 NAG G . -21.89 -19.01 -18.57
C3 NAG G . -23.35 -19.25 -18.93
C4 NAG G . -23.46 -20.01 -20.25
C5 NAG G . -22.64 -21.30 -20.20
C6 NAG G . -22.62 -22.05 -21.51
C7 NAG G . -20.96 -17.45 -16.87
C8 NAG G . -20.95 -17.10 -15.42
N2 NAG G . -21.78 -18.46 -17.22
O3 NAG G . -23.99 -17.99 -19.03
O4 NAG G . -24.82 -20.33 -20.53
O5 NAG G . -21.27 -20.98 -19.88
O6 NAG G . -22.01 -21.28 -22.55
O7 NAG G . -20.27 -16.86 -17.70
NA NA H . -18.01 49.30 22.16
F2 2VH I . 1.95 17.70 -2.18
C 2VH I . 0.97 18.64 -2.11
C5 2VH I . 1.26 19.91 -2.52
F 2VH I . 2.47 20.16 -3.06
C4 2VH I . 0.33 20.91 -2.45
C3 2VH I . -0.94 20.63 -1.91
C2 2VH I . -1.18 19.32 -1.54
F1 2VH I . -2.39 19.02 -1.03
C1 2VH I . -0.27 18.31 -1.64
C6 2VH I . -2.03 21.67 -1.87
C10 2VH I . -2.56 22.04 -3.24
N 2VH I . -3.10 20.82 -3.93
C9 2VH I . -3.63 23.12 -3.18
C8 2VH I . -3.07 24.32 -2.38
C7 2VH I . -2.50 23.85 -1.06
O 2VH I . -1.49 22.85 -1.25
N1 2VH I . -4.16 25.33 -2.11
C14 2VH I . -4.80 25.92 -3.40
C13 2VH I . -5.21 27.23 -2.95
N2 2VH I . -6.01 28.19 -3.41
N3 2VH I . -5.92 29.18 -2.44
S 2VH I . -6.76 30.63 -2.60
O2 2VH I . -8.03 30.36 -2.00
C16 2VH I . -5.85 31.72 -1.57
O1 2VH I . -6.71 31.11 -3.95
C15 2VH I . -5.08 28.80 -1.43
C12 2VH I . -4.61 27.59 -1.75
C11 2VH I . -3.69 26.58 -1.25
C1 NAG J . -33.97 44.24 18.90
C2 NAG J . -34.97 43.34 18.17
C3 NAG J . -35.89 44.14 17.26
C4 NAG J . -36.46 45.35 17.97
C5 NAG J . -35.32 46.21 18.52
C6 NAG J . -35.77 47.46 19.25
C7 NAG J . -34.16 41.07 17.64
C8 NAG J . -33.37 40.25 16.67
N2 NAG J . -34.20 42.38 17.40
O3 NAG J . -36.94 43.31 16.76
O4 NAG J . -37.23 46.12 17.05
O5 NAG J . -34.54 45.44 19.45
O6 NAG J . -36.27 47.18 20.56
O7 NAG J . -34.72 40.56 18.61
C1 NAG K . -33.60 7.97 1.37
C2 NAG K . -34.95 8.04 0.66
C3 NAG K . -36.06 7.46 1.54
C4 NAG K . -35.68 6.08 2.07
C5 NAG K . -34.34 6.15 2.79
C6 NAG K . -33.84 4.81 3.28
C7 NAG K . -35.49 9.84 -0.95
C8 NAG K . -35.90 11.26 -1.08
N2 NAG K . -35.25 9.42 0.31
O3 NAG K . -37.28 7.40 0.80
O4 NAG K . -36.69 5.61 2.96
O5 NAG K . -33.33 6.67 1.90
O6 NAG K . -33.48 3.94 2.21
O7 NAG K . -35.37 9.10 -1.92
C1 NAG L . -35.61 15.31 -22.28
C2 NAG L . -36.78 14.58 -22.93
C3 NAG L . -36.70 13.11 -22.54
C4 NAG L . -35.36 12.52 -22.96
C5 NAG L . -34.22 13.35 -22.36
C6 NAG L . -32.85 12.90 -22.79
C7 NAG L . -38.81 15.91 -23.33
C8 NAG L . -40.04 16.51 -22.70
N2 NAG L . -38.06 15.15 -22.52
O3 NAG L . -37.77 12.36 -23.10
O4 NAG L . -35.27 11.16 -22.54
O5 NAG L . -34.37 14.73 -22.72
O6 NAG L . -32.53 13.27 -24.12
O7 NAG L . -38.53 16.11 -24.50
F2 2VH M . 0.55 -17.55 5.58
C 2VH M . 1.03 -18.58 4.86
C5 2VH M . 0.87 -19.84 5.34
F 2VH M . 0.15 -20.02 6.47
C4 2VH M . 1.39 -20.93 4.70
C3 2VH M . 2.10 -20.74 3.51
C2 2VH M . 2.22 -19.44 3.05
F1 2VH M . 2.89 -19.24 1.88
C1 2VH M . 1.70 -18.35 3.69
C6 2VH M . 2.56 -21.92 2.71
C10 2VH M . 1.44 -22.68 2.02
N 2VH M . 0.67 -21.78 1.09
C9 2VH M . 2.01 -23.84 1.23
C8 2VH M . 2.87 -24.71 2.14
C7 2VH M . 3.90 -23.87 2.85
O 2VH M . 3.26 -22.82 3.58
N1 2VH M . 3.58 -25.79 1.36
C14 2VH M . 2.60 -26.75 0.64
C13 2VH M . 3.40 -27.97 0.59
N2 2VH M . 3.34 -29.13 -0.05
N3 2VH M . 4.43 -29.83 0.41
S 2VH M . 4.74 -31.41 -0.13
O2 2VH M . 5.50 -31.27 -1.33
C16 2VH M . 5.78 -32.02 1.14
O1 2VH M . 3.52 -32.16 -0.14
C15 2VH M . 5.14 -29.08 1.30
C12 2VH M . 4.49 -27.91 1.45
C11 2VH M . 4.52 -26.70 2.23
C1 NAG N . 34.80 -42.93 -19.46
C2 NAG N . 34.27 -42.26 -20.73
C3 NAG N . 33.92 -43.26 -21.83
C4 NAG N . 35.01 -44.32 -21.99
C5 NAG N . 35.27 -44.99 -20.65
C6 NAG N . 36.33 -46.07 -20.69
C7 NAG N . 33.10 -40.10 -20.46
C8 NAG N . 31.78 -39.45 -20.18
N2 NAG N . 33.11 -41.44 -20.41
O3 NAG N . 33.75 -42.56 -23.06
O4 NAG N . 34.63 -45.28 -22.97
O5 NAG N . 35.70 -44.01 -19.70
O6 NAG N . 37.63 -45.53 -20.87
O7 NAG N . 34.10 -39.45 -20.71
C1 NAG O . 35.56 -22.06 -19.75
C2 NAG O . 37.06 -22.03 -19.51
C3 NAG O . 37.35 -21.44 -18.13
C4 NAG O . 36.74 -20.05 -18.03
C5 NAG O . 35.22 -20.09 -18.21
C6 NAG O . 34.67 -18.96 -19.04
C7 NAG O . 37.61 -24.41 -18.91
C8 NAG O . 38.43 -25.59 -19.32
N2 NAG O . 37.76 -23.31 -19.69
O3 NAG O . 38.76 -21.38 -17.91
O4 NAG O . 37.06 -19.47 -16.77
O5 NAG O . 34.76 -21.33 -18.79
O6 NAG O . 33.26 -18.82 -18.84
O7 NAG O . 36.86 -24.44 -17.94
C1 NAG P . 10.68 -12.58 -29.49
C2 NAG P . 10.60 -13.04 -30.96
C3 NAG P . 11.71 -12.42 -31.80
C4 NAG P . 11.72 -10.90 -31.63
C5 NAG P . 11.85 -10.54 -30.15
C6 NAG P . 11.78 -9.05 -29.89
C7 NAG P . 9.68 -15.25 -31.56
C8 NAG P . 9.91 -16.72 -31.54
N2 NAG P . 10.65 -14.49 -31.03
O3 NAG P . 11.53 -12.75 -33.16
O4 NAG P . 12.77 -10.32 -32.40
O5 NAG P . 10.80 -11.15 -29.40
O6 NAG P . 10.46 -8.54 -30.09
O7 NAG P . 8.66 -14.76 -32.04
C1 NAG Q . -11.06 -28.84 -32.39
C2 NAG Q . -11.61 -27.48 -32.85
C3 NAG Q . -12.14 -26.72 -31.63
C4 NAG Q . -13.16 -27.58 -30.87
C5 NAG Q . -12.52 -28.91 -30.49
C6 NAG Q . -13.47 -29.86 -29.80
C7 NAG Q . -10.51 -26.53 -34.84
C8 NAG Q . -11.72 -26.94 -35.62
N2 NAG Q . -10.57 -26.72 -33.51
O3 NAG Q . -12.73 -25.50 -32.04
O4 NAG Q . -13.60 -26.90 -29.69
O5 NAG Q . -12.06 -29.57 -31.68
O6 NAG Q . -14.61 -30.12 -30.59
O7 NAG Q . -9.53 -26.03 -35.39
C1 NAG R . -14.99 -34.50 7.57
C2 NAG R . -15.71 -35.68 8.23
C3 NAG R . -17.13 -35.27 8.61
C4 NAG R . -17.12 -34.01 9.47
C5 NAG R . -16.31 -32.88 8.81
C6 NAG R . -16.07 -31.71 9.73
C7 NAG R . -15.13 -37.96 7.43
C8 NAG R . -15.15 -38.87 6.24
N2 NAG R . -15.75 -36.77 7.26
O3 NAG R . -17.75 -36.33 9.34
O4 NAG R . -18.44 -33.54 9.70
O5 NAG R . -15.00 -33.37 8.43
O6 NAG R . -15.27 -32.08 10.86
O7 NAG R . -14.59 -38.28 8.49
#